data_8X32
#
_entry.id   8X32
#
loop_
_entity.id
_entity.type
_entity.pdbx_description
1 polymer 'Maltose/maltodextrin-binding periplasmic protein,Chromatin modification-related protein EAF6'
2 polymer 'Chromatin modification-related protein'
3 polymer 'Histone acetyltransferase'
4 polymer 'glutathione transferase,Enhancer of polycomb-like protein'
5 polymer 'DNA (146-MER)'
6 polymer 'Histone H3'
7 polymer 'Histone H4'
8 polymer 'Histone H2A'
9 polymer 'Histone H2B'
#
loop_
_entity_poly.entity_id
_entity_poly.type
_entity_poly.pdbx_seq_one_letter_code
_entity_poly.pdbx_strand_id
1 'polypeptide(L)'
;MKIKTGARILALSALTTMMFSASALAKIEEGKLVIWINGDKGYNGLAEVGKKFEKDTGIKVTVEHPDKLEEKFPQVAATG
DGPDIIFWAHDRFGGYAQSGLLAEITPDKAFQDKLYPFTWDAVRYNGKLIAYPIAVEALSLIYNKDLLPNPPKTWEEIPA
LDKELKAKGKSALMFNLQEPYFTWPLIAADGGYAFKYENGKYDIKDVGVDNAGAKAGLTFLVDLIKNKHMNADTDYSIAE
AAFNKGETAMTINGPWAWSNIDTSKVNYGVTVLPTFKGQPSKPFVGVLSAGINAASPNKELAKEFLENYLLTDEGLEAVN
KDKPLGAVALKSYEEELVKDPRIAATMENAQKGEIMPNIPQMSAFWYAVRTAVINAASGRQTVDEALKDAQTNSSSNNNN
NNNNNNLGIEGRISEFENLYFQGHMTDELKSYEALKAELKKSLQDRREQEDTFDNLQQEIYDKETEYFSHNSNNNHSGHG
GAHGSKSHYSGNIIKGFDTFSKSHHSHADSAFNNNDRIFSLSSATYVKQQHGQSQND
;
L
2 'polypeptide(L)'
;MDPSLVLEQTIQDVSNLPSEFRYLLEEIGSNDLKLIEEKKKYEQKESQIHKFIRQQGSIPKHPQEDGLDKEIKESLLKCQ
SLQREKCVLANTALFLIARHLNKLEKNIALLEEDGVLAPV
;
N
3 'polypeptide(L)'
;MGSSHHHHHHSQDHENLYFQGAGSMSHDGKEEPGIAKKINSVDDIIIKCQCWVQKNDEERLAEILSINTRKAPPKFYVHY
VNYNKRLDEWITTDRINLDKEVLYPKLKATDEDNKKQKKKKATNTSETPQDSLQDGVDGFSRENTDVMDLDNLNVQGIKD
ENISHEDEIKKLRTSGSMTQNPHEVARVRNLNRIIMGKYEIEPWYFSPYPIELTDEDFIYIDDFTLQYFGSKKQYERYRK
KCTLRHPPGNEIYRDDYVSFFEIDGRKQRTWCRNLCLLSKLFLDHKTLYYDVDPFLFYCMTRRDELGHHLVGYFSKEKES
ADGYNVACILTLPQYQRMGYGKLLIEFSYELSKKENKVGSPEKPLSDLGLLSYRAYWSDTLITLLVEHQKEITIDEISSM
TSMTTTDILHTAKTLNILRYYKGQHIIFLNEDILDRYNRLKAKKRRTIDPNRLIWKPPVFTASQLRFAW
;
K
4 'polypeptide(L)'
;MSPILGYWKIKGLVQPTRLLLEYLEEKYEEHLYERDEGDKWRNKKFELGLEFPNLPYYIDGDVKLTQSMAIIRYIADKHN
MLGGCPKERAEISMLEGAVLDIRYGVSRIAYSKDFETLKVDFLSKLPEMLKMFEDRLCHKTYLNGDHVTHPDFMLYDALD
VVLYMDPMCLDAFPKLVCFKKRIEAIPQIDKYLKSSKYIAWPLQGWQATFGGGDHPPKSDLVPRGSENLYFQGHMSSNSR
FRHRKISVKQHLKIYLPNDLKHLDKDELQQREVVEIETGVEKNEEKEVHLHRILQMGSGHTKHKDYIPTPDASMTWNEYD
KFYTGSFQETTSYIKFSATVEDCCGTNYNMDERDETFLNEQVNKGSSDILTEDEFEILCSSFEHAIHERQPFLSMDPESI
LSFEELKPTLIKSDMADFNLRNQLNHEINSHKTHFITQFDPVSQMNTRPLIQLIEKFGSKIYDYWRERKIEVNGYEIFPQ
LKFERPGEKEEIDPYVCFRRREVRHPRKTRRIDILNSQRLRALHQELKNAKDLALLVAKRENVSLNWINDELKIFDQRVK
IKNLKRSLNISGEDDDLINHKRKRPT
;
M
5 'polydeoxyribonucleotide'
;(DA)(DT)(DC)(DA)(DA)(DT)(DA)(DT)(DC)(DC)(DA)(DC)(DC)(DT)(DG)(DC)(DA)(DG)(DA)(DT)
(DT)(DC)(DT)(DA)(DC)(DC)(DA)(DA)(DA)(DA)(DG)(DT)(DG)(DT)(DA)(DT)(DT)(DT)(DG)(DG)
(DA)(DA)(DA)(DC)(DT)(DG)(DC)(DT)(DC)(DC)(DA)(DT)(DC)(DA)(DA)(DA)(DA)(DG)(DG)(DC)
(DA)(DT)(DG)(DT)(DT)(DC)(DA)(DG)(DC)(DG)(DG)(DA)(DA)(DT)(DT)(DC)(DC)(DG)(DC)(DT)
(DG)(DA)(DA)(DC)(DA)(DT)(DG)(DC)(DC)(DT)(DT)(DT)(DT)(DG)(DA)(DT)(DG)(DG)(DA)(DG)
(DC)(DA)(DG)(DT)(DT)(DT)(DC)(DC)(DA)(DA)(DA)(DT)(DA)(DC)(DA)(DC)(DT)(DT)(DT)(DT)
(DG)(DG)(DT)(DA)(DG)(DA)(DA)(DT)(DC)(DT)(DG)(DC)(DA)(DG)(DG)(DT)(DG)(DG)(DA)(DT)
(DA)(DT)(DT)(DG)(DA)(DT)
;
I,J
6 'polypeptide(L)'
;MARTKQTARKSTGGKAPRKQLASKAARKSAPSTGGVKKPHRYKPGTVALREIRRFQKSTELLIRKLPFQRLVREIAQDFK
TDLRFQSSAIGALQESVEAYLVSLFEDTNLAAIHAKRVTIQKKDIKLARRLRGERS
;
A,E
7 'polypeptide(L)'
;MSGRGKGGKGLGKGGAKRHRKILRDNIQGITKPAIRRLARRGGVKRISGLIYEEVRAVLKSFLESVIRDSVTYTEHAKRK
TVTSLDVVYALKRQGRTLYGFG
;
B,F
8 'polypeptide(L)'
;MSGKAHGGKGKSGAKDSGSLRSQSSSARAGLQFPVGRIKRYLKRHATGRTRVGSKAAIYLTAVLEYLTAEVLELAGNAAK
DLKVKRITPRHLQLAIRGDDELDSLIRATIASGGVLPHINKALLLKVEKKGSKK
;
C,G
9 'polypeptide(L)'
;MSAKAEKKPASKAPAEKKPAAKKTSTSTDGKKRSKARKETYSSYIYKVLKQTHPDTGISQKSMSILNSFVNDIFERIATE
ASKLAAYNKKSTISAREIQTAVRLILPGELAKHAVSEGTRAVTKYSSSTQA
;
D,H
#
# COMPACT_ATOMS: atom_id res chain seq x y z
N GLU A 448 68.09 -20.66 12.36
CA GLU A 448 68.18 -21.71 13.35
C GLU A 448 66.75 -21.96 13.87
N GLN A 449 65.77 -21.55 13.07
CA GLN A 449 64.53 -20.97 13.57
C GLN A 449 63.24 -21.41 12.85
N GLU A 450 63.04 -22.72 12.65
CA GLU A 450 61.85 -23.21 11.95
C GLU A 450 61.17 -24.34 12.70
N ASP A 451 60.83 -24.13 13.97
CA ASP A 451 60.41 -25.24 14.80
C ASP A 451 58.90 -25.26 15.07
N THR A 452 58.31 -24.13 15.43
CA THR A 452 56.85 -24.00 15.53
C THR A 452 56.23 -23.75 14.16
N PHE A 453 57.06 -23.74 13.12
CA PHE A 453 56.76 -23.38 11.75
C PHE A 453 56.29 -24.56 10.91
N ASP A 454 56.73 -25.77 11.24
CA ASP A 454 56.38 -26.96 10.48
C ASP A 454 55.45 -27.91 11.22
N ASN A 455 55.27 -27.76 12.53
CA ASN A 455 54.48 -28.71 13.29
C ASN A 455 53.09 -28.21 13.67
N LEU A 456 52.51 -27.29 12.91
CA LEU A 456 51.24 -26.70 13.31
C LEU A 456 50.18 -26.75 12.20
N GLN A 457 50.55 -27.08 10.96
CA GLN A 457 49.68 -26.73 9.84
C GLN A 457 48.78 -27.87 9.39
N GLN A 458 48.51 -28.85 10.25
CA GLN A 458 47.44 -29.82 9.98
C GLN A 458 46.16 -29.45 10.71
N GLU A 459 46.14 -28.31 11.41
CA GLU A 459 44.96 -27.93 12.18
C GLU A 459 43.80 -27.45 11.31
N ILE A 460 44.07 -26.75 10.20
CA ILE A 460 42.99 -26.12 9.43
C ILE A 460 42.21 -27.16 8.64
N TYR A 461 42.90 -28.15 8.07
CA TYR A 461 42.18 -29.26 7.47
C TYR A 461 41.65 -30.21 8.53
N ASP A 462 42.11 -30.08 9.78
CA ASP A 462 41.39 -30.67 10.90
C ASP A 462 40.27 -29.74 11.36
N LYS A 463 40.30 -28.47 10.90
CA LYS A 463 39.29 -27.47 11.27
C LYS A 463 38.18 -27.34 10.22
N GLU A 464 38.48 -27.60 8.95
CA GLU A 464 37.53 -27.32 7.87
C GLU A 464 36.33 -28.26 7.92
N THR A 465 36.55 -29.53 8.21
CA THR A 465 35.45 -30.46 8.40
C THR A 465 35.04 -30.59 9.85
N GLU A 466 35.60 -29.77 10.73
CA GLU A 466 35.27 -29.83 12.16
C GLU A 466 33.98 -29.10 12.50
N TYR A 467 33.93 -27.77 12.30
CA TYR A 467 32.83 -26.93 12.80
C TYR A 467 31.96 -26.35 11.70
N PHE A 468 32.53 -25.60 10.77
CA PHE A 468 31.75 -24.91 9.75
C PHE A 468 31.57 -25.72 8.47
N SER A 469 31.58 -27.05 8.57
CA SER A 469 31.11 -27.90 7.50
C SER A 469 29.74 -28.50 7.80
N HIS A 470 29.07 -28.04 8.86
CA HIS A 470 27.84 -28.68 9.31
C HIS A 470 27.05 -27.76 10.24
N MET B 1 19.96 -7.66 32.11
CA MET B 1 19.03 -7.86 33.21
C MET B 1 18.54 -9.29 33.17
N ASP B 2 17.61 -9.55 32.27
CA ASP B 2 16.98 -10.85 32.08
C ASP B 2 17.78 -11.65 31.08
N PRO B 3 17.47 -12.95 30.89
CA PRO B 3 18.10 -13.65 29.77
C PRO B 3 17.69 -13.15 28.39
N SER B 4 16.61 -12.36 28.29
CA SER B 4 16.10 -11.96 26.98
C SER B 4 16.92 -10.81 26.40
N LEU B 5 17.36 -9.88 27.26
CA LEU B 5 18.07 -8.70 26.76
C LEU B 5 19.54 -8.98 26.51
N VAL B 6 20.03 -10.18 26.88
CA VAL B 6 21.44 -10.47 26.66
C VAL B 6 21.70 -10.86 25.21
N LEU B 7 20.70 -11.41 24.53
CA LEU B 7 20.87 -11.71 23.13
C LEU B 7 20.84 -10.43 22.30
N GLU B 8 20.12 -9.40 22.76
CA GLU B 8 19.98 -8.16 21.99
C GLU B 8 21.30 -7.45 21.80
N GLN B 9 22.23 -7.59 22.76
CA GLN B 9 23.54 -7.00 22.57
C GLN B 9 24.44 -7.94 21.78
N THR B 10 24.18 -9.24 21.81
CA THR B 10 25.11 -10.24 21.32
C THR B 10 24.65 -10.89 20.02
N ILE B 11 24.14 -10.10 19.09
CA ILE B 11 23.86 -10.63 17.76
C ILE B 11 24.61 -9.80 16.73
N GLN B 12 24.56 -8.47 16.87
CA GLN B 12 24.98 -7.57 15.80
C GLN B 12 26.47 -7.63 15.53
N ASP B 13 27.29 -7.39 16.55
CA ASP B 13 28.73 -7.61 16.43
C ASP B 13 29.04 -9.07 16.16
N VAL B 14 28.21 -9.95 16.72
CA VAL B 14 28.31 -11.40 16.55
C VAL B 14 27.98 -11.73 15.10
N SER B 15 27.20 -10.88 14.44
CA SER B 15 27.03 -10.95 13.00
C SER B 15 28.01 -10.06 12.24
N ASN B 16 28.95 -9.41 12.92
CA ASN B 16 29.91 -8.54 12.25
C ASN B 16 31.34 -9.07 12.27
N LEU B 17 31.69 -9.89 13.24
CA LEU B 17 32.91 -10.71 13.09
C LEU B 17 32.91 -11.64 11.88
N PRO B 18 31.79 -12.19 11.40
CA PRO B 18 31.85 -12.83 10.08
C PRO B 18 32.17 -11.88 8.97
N SER B 19 31.72 -10.61 9.07
CA SER B 19 32.21 -9.61 8.14
C SER B 19 33.71 -9.42 8.34
N GLU B 20 34.16 -9.43 9.60
CA GLU B 20 35.59 -9.41 9.86
C GLU B 20 36.24 -10.73 9.45
N PHE B 21 35.52 -11.83 9.57
CA PHE B 21 35.95 -13.04 8.90
C PHE B 21 35.98 -12.84 7.40
N ARG B 22 34.97 -12.21 6.83
CA ARG B 22 34.99 -12.00 5.39
C ARG B 22 35.79 -10.78 4.95
N TYR B 23 36.47 -10.09 5.86
CA TYR B 23 37.29 -8.97 5.44
C TYR B 23 38.78 -9.13 5.73
N LEU B 24 39.15 -9.81 6.80
CA LEU B 24 40.51 -9.65 7.28
C LEU B 24 41.48 -10.68 6.71
N LEU B 25 41.04 -11.94 6.57
CA LEU B 25 41.96 -13.05 6.34
C LEU B 25 42.63 -13.02 4.98
N GLU B 26 42.20 -12.11 4.12
CA GLU B 26 42.57 -12.17 2.73
C GLU B 26 43.90 -11.49 2.52
N GLU B 27 44.09 -10.34 3.18
CA GLU B 27 45.32 -9.57 2.99
C GLU B 27 46.47 -10.12 3.83
N ILE B 28 46.18 -10.97 4.81
CA ILE B 28 47.24 -11.78 5.42
C ILE B 28 47.82 -12.72 4.38
N GLY B 29 46.95 -13.37 3.62
CA GLY B 29 47.34 -14.18 2.50
C GLY B 29 47.51 -13.44 1.20
N SER B 30 47.73 -12.13 1.21
CA SER B 30 47.98 -11.45 -0.04
C SER B 30 49.35 -10.79 -0.09
N ASN B 31 49.76 -10.16 1.01
CA ASN B 31 51.04 -9.45 1.10
C ASN B 31 52.25 -10.38 1.21
N ASP B 32 52.06 -11.69 0.99
CA ASP B 32 53.05 -12.73 1.19
C ASP B 32 53.28 -13.62 -0.02
N LEU B 33 52.80 -13.23 -1.19
CA LEU B 33 53.08 -14.05 -2.35
C LEU B 33 54.46 -13.80 -2.91
N LYS B 34 54.95 -12.57 -2.83
CA LYS B 34 56.22 -12.23 -3.46
C LYS B 34 57.42 -12.50 -2.56
N LEU B 35 57.21 -12.67 -1.25
CA LEU B 35 58.31 -12.59 -0.29
C LEU B 35 59.13 -13.87 -0.24
N ILE B 36 58.50 -15.01 -0.54
CA ILE B 36 59.22 -16.28 -0.41
C ILE B 36 60.26 -16.39 -1.51
N GLU B 37 60.05 -15.69 -2.61
CA GLU B 37 61.09 -15.50 -3.61
C GLU B 37 62.26 -14.69 -3.07
N GLU B 38 62.03 -13.76 -2.14
CA GLU B 38 63.16 -13.10 -1.48
C GLU B 38 63.88 -14.07 -0.56
N LYS B 39 63.18 -15.07 -0.05
CA LYS B 39 63.81 -16.07 0.77
C LYS B 39 64.60 -16.95 -0.15
N LYS B 78 61.48 -0.84 1.29
CA LYS B 78 60.52 -1.91 1.53
C LYS B 78 61.12 -2.93 2.50
N CYS B 79 62.10 -3.67 1.97
CA CYS B 79 62.56 -4.95 2.45
C CYS B 79 62.94 -4.98 3.94
N GLN B 80 63.40 -3.86 4.51
CA GLN B 80 63.91 -3.86 5.88
C GLN B 80 63.23 -2.87 6.80
N SER B 81 62.11 -2.31 6.38
CA SER B 81 61.36 -1.36 7.18
C SER B 81 59.86 -1.56 7.04
N LEU B 82 59.44 -2.62 6.37
CA LEU B 82 58.02 -2.92 6.16
C LEU B 82 57.49 -3.84 7.24
N GLN B 83 58.37 -4.29 8.11
CA GLN B 83 58.03 -5.25 9.14
C GLN B 83 57.11 -4.67 10.18
N ARG B 84 57.08 -3.34 10.32
CA ARG B 84 56.34 -2.74 11.41
C ARG B 84 54.83 -2.83 11.19
N GLU B 85 54.39 -3.07 9.96
CA GLU B 85 52.96 -3.16 9.74
C GLU B 85 52.46 -4.59 9.87
N LYS B 86 53.33 -5.58 9.65
CA LYS B 86 52.86 -6.96 9.47
C LYS B 86 52.36 -7.56 10.78
N CYS B 87 52.84 -7.06 11.91
CA CYS B 87 52.29 -7.46 13.19
C CYS B 87 51.09 -6.62 13.59
N VAL B 88 50.99 -5.41 13.08
CA VAL B 88 49.89 -4.51 13.45
C VAL B 88 48.57 -5.03 12.93
N LEU B 89 48.53 -5.43 11.66
CA LEU B 89 47.31 -5.99 11.11
C LEU B 89 47.09 -7.40 11.62
N ALA B 90 48.13 -8.05 12.08
CA ALA B 90 47.93 -9.22 12.92
C ALA B 90 47.37 -8.84 14.29
N ASN B 91 47.69 -7.65 14.80
CA ASN B 91 47.29 -7.33 16.16
C ASN B 91 45.80 -7.00 16.21
N THR B 92 45.29 -6.39 15.15
CA THR B 92 43.85 -6.24 15.06
C THR B 92 43.18 -7.56 14.72
N ALA B 93 43.94 -8.55 14.25
CA ALA B 93 43.46 -9.92 14.26
C ALA B 93 43.67 -10.58 15.60
N LEU B 94 44.25 -9.86 16.57
CA LEU B 94 44.39 -10.36 17.93
C LEU B 94 43.61 -9.57 18.97
N PHE B 95 43.65 -8.24 18.90
CA PHE B 95 43.02 -7.36 19.88
C PHE B 95 41.50 -7.37 19.79
N LEU B 96 40.95 -7.93 18.71
CA LEU B 96 39.58 -7.67 18.36
C LEU B 96 38.57 -8.46 19.18
N ILE B 97 39.00 -9.26 20.14
CA ILE B 97 38.12 -10.25 20.73
C ILE B 97 37.89 -10.11 22.22
N ALA B 98 38.81 -9.51 22.96
CA ALA B 98 38.69 -9.51 24.42
C ALA B 98 38.06 -8.22 24.92
N ARG B 99 37.97 -7.21 24.07
CA ARG B 99 37.33 -5.95 24.44
C ARG B 99 35.83 -6.11 24.61
N HIS B 100 35.29 -7.25 24.18
CA HIS B 100 33.90 -7.59 24.29
C HIS B 100 33.65 -8.40 25.56
N LEU B 101 34.59 -9.32 25.89
CA LEU B 101 34.43 -10.29 26.96
C LEU B 101 34.44 -9.63 28.34
N ASN B 102 34.96 -8.40 28.44
CA ASN B 102 34.99 -7.64 29.69
C ASN B 102 33.59 -7.31 30.22
N LYS B 103 32.60 -7.26 29.34
CA LYS B 103 31.19 -7.22 29.68
C LYS B 103 30.48 -8.54 29.39
N LEU B 104 30.96 -9.28 28.38
CA LEU B 104 30.22 -10.42 27.84
C LEU B 104 30.26 -11.63 28.77
N GLU B 105 31.45 -12.03 29.22
CA GLU B 105 31.56 -13.27 29.99
C GLU B 105 30.92 -13.15 31.35
N LYS B 106 30.79 -11.93 31.88
CA LYS B 106 30.14 -11.77 33.17
C LYS B 106 28.63 -11.73 33.04
N ASN B 107 28.09 -11.69 31.81
CA ASN B 107 26.65 -11.89 31.62
C ASN B 107 26.23 -13.32 31.94
N ILE B 108 27.14 -14.29 31.81
CA ILE B 108 26.82 -15.66 32.18
C ILE B 108 26.63 -15.77 33.69
N ALA B 109 27.53 -15.14 34.46
CA ALA B 109 27.51 -15.17 35.91
C ALA B 109 26.29 -14.50 36.52
N LEU B 110 25.83 -13.38 35.94
CA LEU B 110 24.63 -12.75 36.47
C LEU B 110 23.36 -13.45 35.98
N LEU B 111 23.43 -14.18 34.89
CA LEU B 111 22.26 -14.93 34.45
C LEU B 111 22.26 -16.36 34.93
N GLU B 112 23.11 -16.69 35.89
CA GLU B 112 23.13 -18.02 36.45
C GLU B 112 22.96 -18.03 37.96
N GLU B 113 23.20 -16.90 38.60
CA GLU B 113 23.22 -16.86 40.05
C GLU B 113 21.82 -16.84 40.64
N ASN C 190 26.37 34.37 12.98
CA ASN C 190 27.77 34.07 13.28
C ASN C 190 28.18 34.27 14.71
N LEU C 191 29.08 33.40 15.17
CA LEU C 191 30.03 33.68 16.23
C LEU C 191 31.04 32.54 16.24
N ASN C 192 32.30 32.85 16.56
CA ASN C 192 33.38 31.89 16.75
C ASN C 192 33.61 31.08 15.47
N ARG C 193 34.12 31.79 14.47
CA ARG C 193 34.01 31.33 13.10
C ARG C 193 34.84 30.09 12.86
N ILE C 194 34.42 29.33 11.86
CA ILE C 194 34.81 27.95 11.68
C ILE C 194 35.99 27.87 10.72
N ILE C 195 37.14 27.42 11.22
CA ILE C 195 38.28 27.12 10.37
C ILE C 195 38.29 25.61 10.21
N MET C 196 37.71 25.15 9.11
CA MET C 196 37.50 23.73 8.91
C MET C 196 38.18 23.31 7.63
N GLY C 197 39.27 22.57 7.77
CA GLY C 197 39.94 21.99 6.61
C GLY C 197 40.57 23.07 5.76
N LYS C 198 39.91 23.38 4.66
CA LYS C 198 40.47 24.29 3.68
C LYS C 198 39.78 25.64 3.66
N TYR C 199 38.47 25.69 3.46
CA TYR C 199 37.77 26.96 3.30
C TYR C 199 36.79 27.22 4.42
N GLU C 200 37.00 28.36 5.07
CA GLU C 200 36.29 28.75 6.27
C GLU C 200 34.86 29.16 5.95
N ILE C 201 34.06 29.34 6.98
CA ILE C 201 32.74 29.93 6.84
C ILE C 201 32.47 30.80 8.06
N GLU C 202 31.64 31.81 7.84
CA GLU C 202 30.98 32.56 8.89
C GLU C 202 29.74 31.77 9.28
N PRO C 203 29.61 31.28 10.53
CA PRO C 203 28.61 30.23 10.81
C PRO C 203 27.19 30.76 10.77
N TRP C 204 26.26 29.87 10.40
CA TRP C 204 25.03 30.35 9.77
C TRP C 204 23.97 30.70 10.81
N TYR C 205 23.49 29.72 11.58
CA TYR C 205 22.69 30.01 12.75
C TYR C 205 23.61 30.55 13.85
N PHE C 206 23.12 31.58 14.54
CA PHE C 206 23.95 32.64 15.12
C PHE C 206 24.90 32.14 16.21
N SER C 207 24.36 31.59 17.29
CA SER C 207 25.28 31.10 18.31
C SER C 207 24.92 29.75 18.95
N PRO C 208 24.92 28.63 18.20
CA PRO C 208 25.03 27.34 18.89
C PRO C 208 26.45 26.83 18.85
N TYR C 209 27.40 27.65 18.49
CA TYR C 209 28.73 27.23 18.89
C TYR C 209 29.06 27.71 20.30
N PRO C 210 28.78 28.95 20.71
CA PRO C 210 28.89 29.21 22.13
C PRO C 210 27.61 28.81 22.85
N ILE C 211 27.40 27.52 23.01
CA ILE C 211 26.28 27.11 23.83
C ILE C 211 26.63 27.35 25.28
N GLU C 212 27.71 26.73 25.74
CA GLU C 212 28.43 27.22 26.89
C GLU C 212 29.79 27.76 26.48
N LEU C 213 30.08 27.83 25.19
CA LEU C 213 31.42 28.17 24.72
C LEU C 213 31.55 29.66 24.45
N THR C 214 31.30 30.49 25.45
CA THR C 214 31.02 31.91 25.25
C THR C 214 32.19 32.84 25.60
N ASP C 215 33.44 32.41 25.37
CA ASP C 215 34.57 33.32 25.62
C ASP C 215 35.71 33.31 24.60
N GLU C 216 35.81 32.36 23.68
CA GLU C 216 36.95 32.26 22.78
C GLU C 216 36.69 33.00 21.47
N ASP C 217 37.65 32.89 20.52
CA ASP C 217 37.52 33.52 19.21
C ASP C 217 37.81 32.59 18.01
N PHE C 218 38.79 31.70 18.09
CA PHE C 218 39.31 31.06 16.89
C PHE C 218 39.30 29.56 17.06
N ILE C 219 38.65 28.90 16.11
CA ILE C 219 38.05 27.58 16.26
C ILE C 219 38.66 26.69 15.19
N TYR C 220 39.17 25.52 15.57
CA TYR C 220 39.89 24.71 14.58
C TYR C 220 39.28 23.32 14.45
N ILE C 221 38.88 22.97 13.24
CA ILE C 221 38.12 21.74 13.03
C ILE C 221 39.01 20.78 12.27
N ASP C 222 39.00 19.52 12.66
CA ASP C 222 39.71 18.53 11.88
C ASP C 222 38.71 17.89 10.91
N ASP C 223 39.08 16.80 10.26
CA ASP C 223 38.19 16.26 9.25
C ASP C 223 37.59 14.90 9.60
N PHE C 224 38.36 13.99 10.23
CA PHE C 224 37.99 12.57 10.26
C PHE C 224 36.71 12.33 11.04
N THR C 225 36.77 12.51 12.33
CA THR C 225 35.54 12.66 13.08
C THR C 225 35.05 14.10 13.05
N LEU C 226 35.85 15.00 12.44
CA LEU C 226 35.56 16.43 12.30
C LEU C 226 35.11 17.08 13.62
N GLN C 227 36.04 17.10 14.57
CA GLN C 227 35.73 17.58 15.91
C GLN C 227 35.75 19.10 15.96
N TYR C 228 34.85 19.64 16.74
CA TYR C 228 34.52 21.04 16.64
C TYR C 228 35.39 21.78 17.63
N PHE C 229 36.70 21.65 17.51
CA PHE C 229 37.62 22.22 18.50
C PHE C 229 37.66 23.73 18.33
N GLY C 230 37.19 24.44 19.34
CA GLY C 230 37.57 25.82 19.47
C GLY C 230 39.07 25.97 19.68
N SER C 231 39.54 25.52 20.84
CA SER C 231 40.79 26.00 21.41
C SER C 231 42.03 25.49 20.68
N LYS C 232 43.14 26.21 20.88
CA LYS C 232 44.29 26.11 19.99
C LYS C 232 45.12 24.86 20.27
N LYS C 233 45.74 24.79 21.45
CA LYS C 233 46.83 23.83 21.57
C LYS C 233 46.39 22.54 22.22
N GLN C 234 45.17 22.10 21.90
CA GLN C 234 44.81 20.70 21.95
C GLN C 234 44.69 20.13 20.55
N TYR C 235 44.60 21.01 19.55
CA TYR C 235 44.21 20.58 18.22
C TYR C 235 45.41 20.10 17.39
N GLU C 236 46.56 20.78 17.52
CA GLU C 236 47.79 20.27 16.90
C GLU C 236 48.32 19.08 17.70
N ARG C 237 47.94 19.00 18.97
CA ARG C 237 48.13 17.79 19.76
C ARG C 237 47.37 16.60 19.16
N TYR C 238 46.25 16.85 18.48
CA TYR C 238 45.59 15.78 17.75
C TYR C 238 46.39 15.40 16.51
N ARG C 239 47.24 16.29 16.01
CA ARG C 239 48.14 15.85 14.97
C ARG C 239 49.19 14.90 15.51
N LYS C 240 49.46 14.94 16.81
CA LYS C 240 50.16 13.82 17.40
C LYS C 240 49.27 12.60 17.50
N LYS C 241 47.97 12.80 17.55
CA LYS C 241 47.07 11.74 17.90
C LYS C 241 46.50 11.06 16.66
N CYS C 242 47.18 11.15 15.53
CA CYS C 242 46.60 10.62 14.31
C CYS C 242 46.68 9.10 14.26
N THR C 243 45.52 8.45 14.32
CA THR C 243 45.40 7.00 14.17
C THR C 243 44.47 6.57 13.03
N LEU C 244 43.90 7.52 12.29
CA LEU C 244 42.83 7.20 11.35
C LEU C 244 43.17 7.74 9.97
N ARG C 245 43.28 6.86 8.97
CA ARG C 245 43.39 7.29 7.58
C ARG C 245 42.14 6.93 6.77
N HIS C 246 41.12 6.36 7.41
CA HIS C 246 39.81 6.23 6.79
C HIS C 246 38.77 6.26 7.90
N PRO C 247 37.74 7.07 7.76
CA PRO C 247 36.90 7.43 8.90
C PRO C 247 35.98 6.31 9.28
N PRO C 248 35.26 6.42 10.42
CA PRO C 248 34.18 5.46 10.70
C PRO C 248 32.96 5.66 9.82
N GLY C 249 33.01 5.10 8.62
CA GLY C 249 31.85 5.02 7.77
C GLY C 249 31.86 3.68 7.08
N ASN C 250 30.74 2.98 7.18
CA ASN C 250 30.60 1.70 6.53
C ASN C 250 30.51 1.89 5.03
N GLU C 251 30.90 0.87 4.28
CA GLU C 251 31.06 1.02 2.84
C GLU C 251 30.20 0.02 2.10
N ILE C 252 29.20 0.53 1.38
CA ILE C 252 28.60 -0.25 0.30
C ILE C 252 28.99 0.25 -1.09
N TYR C 253 29.79 1.32 -1.21
CA TYR C 253 30.16 1.80 -2.54
C TYR C 253 31.46 2.60 -2.55
N ARG C 254 32.23 2.39 -3.61
CA ARG C 254 33.12 3.42 -4.14
C ARG C 254 33.08 3.31 -5.65
N ASP C 255 33.22 4.42 -6.33
CA ASP C 255 33.44 4.43 -7.78
C ASP C 255 34.94 4.46 -8.06
N ASP C 256 35.30 4.94 -9.24
CA ASP C 256 36.66 5.41 -9.50
C ASP C 256 37.11 6.50 -8.54
N TYR C 257 36.20 7.30 -8.01
CA TYR C 257 36.53 8.61 -7.45
C TYR C 257 36.19 8.77 -5.99
N VAL C 258 34.94 8.52 -5.60
CA VAL C 258 34.45 8.79 -4.25
C VAL C 258 34.17 7.46 -3.56
N SER C 259 33.72 7.49 -2.32
CA SER C 259 33.13 6.31 -1.69
C SER C 259 31.94 6.73 -0.85
N PHE C 260 31.01 5.80 -0.64
CA PHE C 260 29.73 6.11 -0.02
C PHE C 260 29.67 5.56 1.39
N PHE C 261 29.02 6.31 2.29
CA PHE C 261 28.91 5.91 3.69
C PHE C 261 27.46 5.70 4.12
N GLU C 262 27.26 4.62 4.85
CA GLU C 262 26.00 4.28 5.48
C GLU C 262 26.28 4.12 6.96
N ILE C 263 25.52 4.82 7.80
CA ILE C 263 25.97 5.11 9.16
C ILE C 263 24.95 4.59 10.16
N ASP C 264 25.18 3.37 10.65
CA ASP C 264 24.53 2.90 11.86
C ASP C 264 25.07 3.69 13.04
N GLY C 265 24.30 4.67 13.50
CA GLY C 265 24.71 5.44 14.66
C GLY C 265 24.54 4.77 16.00
N ARG C 266 24.18 3.49 16.02
CA ARG C 266 23.90 2.82 17.29
C ARG C 266 25.11 2.08 17.82
N LYS C 267 26.02 1.61 16.96
CA LYS C 267 27.24 1.00 17.43
C LYS C 267 28.23 2.03 17.95
N GLN C 268 28.69 2.95 17.11
CA GLN C 268 29.38 4.12 17.60
C GLN C 268 28.36 5.14 18.05
N ARG C 269 28.33 5.39 19.36
CA ARG C 269 27.18 6.07 19.97
C ARG C 269 27.39 7.57 20.08
N THR C 270 28.57 7.99 20.56
CA THR C 270 28.74 9.38 20.97
C THR C 270 28.84 10.31 19.78
N TRP C 271 29.76 10.04 18.85
CA TRP C 271 30.00 11.00 17.80
C TRP C 271 28.89 10.98 16.78
N CYS C 272 28.26 9.83 16.61
CA CYS C 272 27.38 9.67 15.47
C CYS C 272 26.06 10.43 15.64
N ARG C 273 25.86 11.07 16.79
CA ARG C 273 24.95 12.20 16.84
C ARG C 273 25.60 13.49 16.38
N ASN C 274 26.90 13.67 16.67
CA ASN C 274 27.46 15.02 16.78
C ASN C 274 27.62 15.68 15.42
N LEU C 275 27.44 14.95 14.34
CA LEU C 275 27.70 15.54 13.04
C LEU C 275 26.61 16.50 12.60
N CYS C 276 25.40 16.39 13.16
CA CYS C 276 24.35 17.34 12.84
C CYS C 276 24.52 18.65 13.59
N LEU C 277 25.39 18.66 14.61
CA LEU C 277 25.72 19.91 15.27
C LEU C 277 26.51 20.81 14.33
N LEU C 278 27.25 20.21 13.39
CA LEU C 278 27.74 20.94 12.24
C LEU C 278 26.58 21.54 11.46
N SER C 279 25.49 20.77 11.28
CA SER C 279 24.32 21.35 10.65
C SER C 279 23.61 22.31 11.57
N LYS C 280 23.67 22.13 12.89
CA LYS C 280 22.81 22.97 13.73
C LYS C 280 23.37 24.39 13.84
N LEU C 281 24.69 24.54 13.69
CA LEU C 281 25.27 25.83 13.37
C LEU C 281 24.81 26.33 12.01
N PHE C 282 24.59 25.42 11.05
CA PHE C 282 24.43 25.84 9.66
C PHE C 282 23.03 25.59 9.12
N LEU C 283 22.64 24.31 9.03
CA LEU C 283 21.38 23.89 8.43
C LEU C 283 20.50 23.45 9.58
N ASP C 284 19.71 24.37 10.07
CA ASP C 284 19.07 24.27 11.37
C ASP C 284 17.81 23.45 11.34
N HIS C 285 17.55 22.74 10.25
CA HIS C 285 16.21 22.24 9.95
C HIS C 285 15.95 20.86 10.55
N LYS C 286 16.64 20.50 11.63
CA LYS C 286 16.38 19.28 12.35
C LYS C 286 16.33 19.54 13.85
N THR C 287 16.17 18.47 14.62
CA THR C 287 15.87 18.57 16.04
C THR C 287 16.98 17.99 16.91
N LEU C 288 17.25 18.66 18.04
CA LEU C 288 18.03 18.11 19.15
C LEU C 288 17.19 17.93 20.40
N TYR C 289 15.90 17.64 20.28
CA TYR C 289 15.00 17.76 21.43
C TYR C 289 15.22 16.67 22.45
N TYR C 290 15.49 15.45 22.00
CA TYR C 290 15.92 14.37 22.86
C TYR C 290 17.28 13.94 22.36
N ASP C 291 18.07 13.38 23.25
CA ASP C 291 19.31 12.73 22.83
C ASP C 291 18.91 11.45 22.12
N VAL C 292 18.51 11.57 20.86
CA VAL C 292 17.76 10.52 20.21
C VAL C 292 18.69 9.38 19.81
N ASP C 293 18.27 8.19 20.13
CA ASP C 293 19.09 7.02 19.97
C ASP C 293 19.21 6.51 18.53
N PRO C 294 18.13 6.11 17.82
CA PRO C 294 18.33 5.18 16.69
C PRO C 294 18.70 5.83 15.37
N PHE C 295 18.68 7.16 15.26
CA PHE C 295 18.51 7.84 13.98
C PHE C 295 19.71 7.66 13.05
N LEU C 296 19.43 7.72 11.74
CA LEU C 296 20.33 7.19 10.72
C LEU C 296 20.85 8.29 9.81
N PHE C 297 21.85 7.94 9.01
CA PHE C 297 22.49 8.85 8.08
C PHE C 297 22.77 8.14 6.77
N TYR C 298 23.15 8.94 5.79
CA TYR C 298 24.15 8.55 4.82
C TYR C 298 25.08 9.74 4.67
N CYS C 299 26.33 9.58 5.08
CA CYS C 299 27.31 10.60 4.79
C CYS C 299 28.16 10.14 3.62
N MET C 300 29.18 10.94 3.32
CA MET C 300 29.77 11.01 2.00
C MET C 300 31.23 11.37 2.13
N THR C 301 32.09 10.77 1.32
CA THR C 301 33.47 11.16 1.28
C THR C 301 34.08 10.91 -0.10
N ARG C 302 35.37 11.17 -0.17
CA ARG C 302 36.15 11.16 -1.40
C ARG C 302 37.54 10.63 -1.05
N ARG C 303 38.17 9.93 -1.98
CA ARG C 303 39.54 9.48 -1.77
C ARG C 303 40.50 10.56 -2.25
N ASP C 304 41.08 11.30 -1.31
CA ASP C 304 42.12 12.27 -1.64
C ASP C 304 43.44 11.68 -1.14
N GLU C 305 44.52 12.00 -1.83
CA GLU C 305 45.81 11.37 -1.50
C GLU C 305 46.37 11.92 -0.20
N LEU C 306 45.91 13.10 0.22
CA LEU C 306 46.17 13.57 1.57
C LEU C 306 45.46 12.71 2.60
N GLY C 307 44.33 12.11 2.23
CA GLY C 307 43.53 11.29 3.12
C GLY C 307 42.08 11.36 2.70
N HIS C 308 41.26 10.55 3.35
CA HIS C 308 39.82 10.60 3.11
C HIS C 308 39.24 11.96 3.49
N HIS C 309 38.40 12.49 2.61
CA HIS C 309 38.00 13.89 2.61
C HIS C 309 36.52 13.92 2.94
N LEU C 310 36.18 14.30 4.18
CA LEU C 310 34.79 14.39 4.59
C LEU C 310 34.11 15.56 3.89
N VAL C 311 33.05 15.27 3.15
CA VAL C 311 32.64 16.20 2.12
C VAL C 311 31.14 16.45 2.22
N GLY C 312 30.50 15.90 3.23
CA GLY C 312 29.13 16.31 3.53
C GLY C 312 28.22 15.14 3.75
N TYR C 313 26.94 15.44 3.89
CA TYR C 313 25.91 14.44 4.17
C TYR C 313 24.53 14.99 3.88
N PHE C 314 23.58 14.08 3.78
CA PHE C 314 22.16 14.37 3.76
C PHE C 314 21.52 13.51 4.82
N SER C 315 20.33 13.86 5.26
CA SER C 315 19.81 13.12 6.40
C SER C 315 19.00 11.88 6.00
N LYS C 316 18.65 11.07 7.02
CA LYS C 316 18.10 9.72 6.87
C LYS C 316 17.43 9.30 8.19
N GLU C 317 16.56 8.28 8.15
CA GLU C 317 15.94 7.69 9.33
C GLU C 317 16.14 6.17 9.36
N LYS C 318 16.36 5.63 10.56
CA LYS C 318 16.56 4.19 10.70
C LYS C 318 15.26 3.50 11.07
N GLU C 319 14.26 3.63 10.20
CA GLU C 319 12.93 3.12 10.52
C GLU C 319 12.26 2.64 9.24
N SER C 320 10.94 2.49 9.34
CA SER C 320 10.07 2.52 8.18
C SER C 320 8.80 3.24 8.62
N ALA C 321 8.77 4.56 8.42
CA ALA C 321 7.59 5.33 8.77
C ALA C 321 6.91 6.03 7.59
N ASP C 322 7.58 6.98 6.91
CA ASP C 322 6.83 7.83 5.99
C ASP C 322 7.59 8.19 4.71
N GLY C 323 8.69 7.50 4.42
CA GLY C 323 9.50 7.74 3.24
C GLY C 323 10.98 7.67 3.57
N TYR C 324 11.34 8.11 4.78
CA TYR C 324 12.47 7.74 5.63
C TYR C 324 13.80 7.56 4.91
N ASN C 325 14.11 8.35 3.88
CA ASN C 325 15.37 8.19 3.17
C ASN C 325 16.22 9.46 3.18
N VAL C 326 15.61 10.61 2.91
CA VAL C 326 16.29 11.87 2.63
C VAL C 326 15.41 13.00 3.15
N ALA C 327 15.93 13.83 4.04
CA ALA C 327 15.19 15.01 4.48
C ALA C 327 15.93 16.31 4.25
N CYS C 328 17.22 16.40 4.59
CA CYS C 328 17.90 17.70 4.63
C CYS C 328 19.18 17.64 3.81
N ILE C 329 19.23 18.44 2.74
CA ILE C 329 20.37 18.47 1.84
C ILE C 329 21.36 19.55 2.28
N LEU C 330 22.64 19.18 2.40
CA LEU C 330 23.67 20.13 2.79
C LEU C 330 24.99 19.78 2.12
N THR C 331 25.57 20.74 1.41
CA THR C 331 26.90 20.61 0.85
C THR C 331 27.82 21.54 1.62
N LEU C 332 28.79 20.95 2.30
CA LEU C 332 29.34 21.53 3.51
C LEU C 332 30.14 22.79 3.18
N PRO C 333 30.27 23.71 4.13
CA PRO C 333 30.96 24.97 3.84
C PRO C 333 32.44 24.88 3.65
N GLN C 334 33.00 23.68 3.64
CA GLN C 334 34.28 23.50 3.01
C GLN C 334 34.22 23.80 1.52
N TYR C 335 33.22 23.25 0.82
CA TYR C 335 33.29 23.08 -0.64
C TYR C 335 31.90 22.72 -1.14
N GLN C 336 31.43 23.41 -2.18
CA GLN C 336 30.06 23.28 -2.64
C GLN C 336 29.90 23.06 -4.14
N ARG C 337 30.75 23.66 -4.94
CA ARG C 337 30.30 24.18 -6.22
C ARG C 337 30.48 23.22 -7.37
N MET C 338 30.92 22.01 -7.09
CA MET C 338 30.96 21.07 -8.20
C MET C 338 29.71 20.25 -8.09
N GLY C 339 29.60 19.29 -9.02
CA GLY C 339 28.41 18.51 -9.24
C GLY C 339 27.97 17.71 -8.05
N TYR C 340 28.89 17.35 -7.15
CA TYR C 340 28.48 16.65 -5.95
C TYR C 340 27.68 17.58 -5.06
N GLY C 341 27.84 18.90 -5.22
CA GLY C 341 26.88 19.85 -4.71
C GLY C 341 25.45 19.56 -5.09
N LYS C 342 25.22 18.89 -6.23
CA LYS C 342 23.91 18.34 -6.54
C LYS C 342 23.80 16.82 -6.36
N LEU C 343 24.91 16.12 -6.15
CA LEU C 343 24.83 14.67 -6.13
C LEU C 343 24.61 14.08 -4.75
N LEU C 344 23.94 14.79 -3.86
CA LEU C 344 23.56 14.16 -2.60
C LEU C 344 22.40 13.20 -2.79
N ILE C 345 21.41 13.58 -3.62
CA ILE C 345 20.18 12.80 -3.75
C ILE C 345 20.22 11.75 -4.83
N GLU C 346 21.40 11.38 -5.34
CA GLU C 346 21.42 10.28 -6.27
C GLU C 346 21.63 8.96 -5.54
N PHE C 347 21.27 8.91 -4.28
CA PHE C 347 21.67 7.74 -3.52
C PHE C 347 20.50 6.96 -2.94
N SER C 348 19.37 7.60 -2.66
CA SER C 348 18.30 6.90 -1.96
C SER C 348 17.59 5.94 -2.89
N TYR C 349 17.60 6.24 -4.17
CA TYR C 349 16.68 5.56 -5.06
C TYR C 349 17.23 4.22 -5.51
N GLU C 350 18.53 4.14 -5.78
CA GLU C 350 19.09 2.89 -6.24
C GLU C 350 19.29 1.94 -5.09
N LEU C 351 19.24 2.46 -3.87
CA LEU C 351 19.08 1.58 -2.73
C LEU C 351 17.74 0.90 -2.78
N SER C 352 16.73 1.59 -3.32
CA SER C 352 15.37 1.08 -3.25
C SER C 352 15.12 -0.04 -4.25
N LYS C 353 16.08 -0.33 -5.12
CA LYS C 353 15.93 -1.39 -6.10
C LYS C 353 15.85 -2.75 -5.42
N LYS C 354 16.92 -3.17 -4.77
CA LYS C 354 16.90 -4.42 -4.01
C LYS C 354 16.02 -4.28 -2.78
N GLU C 355 15.87 -3.06 -2.26
CA GLU C 355 14.94 -2.79 -1.18
C GLU C 355 13.49 -2.92 -1.64
N ASN C 356 13.23 -2.70 -2.93
CA ASN C 356 11.96 -3.09 -3.58
C ASN C 356 10.75 -2.36 -3.02
N LYS C 357 10.96 -1.29 -2.27
CA LYS C 357 9.89 -0.43 -1.79
C LYS C 357 10.30 1.00 -2.07
N VAL C 358 9.54 1.94 -1.52
CA VAL C 358 9.68 3.30 -1.99
C VAL C 358 10.49 4.15 -1.01
N GLY C 359 11.21 5.13 -1.55
CA GLY C 359 11.84 6.17 -0.76
C GLY C 359 11.36 7.51 -1.23
N SER C 360 11.14 8.42 -0.28
CA SER C 360 10.45 9.63 -0.62
C SER C 360 10.95 10.77 0.23
N PRO C 361 11.25 11.91 -0.39
CA PRO C 361 11.84 13.04 0.35
C PRO C 361 10.88 13.62 1.38
N GLU C 362 11.45 14.34 2.35
CA GLU C 362 10.63 14.71 3.49
C GLU C 362 10.42 16.22 3.53
N LYS C 363 9.69 16.65 4.56
CA LYS C 363 9.13 18.01 4.56
C LYS C 363 10.12 19.15 4.81
N PRO C 364 11.14 19.05 5.70
CA PRO C 364 12.08 20.18 5.76
C PRO C 364 13.00 20.22 4.57
N LEU C 365 12.51 20.76 3.45
CA LEU C 365 13.29 20.84 2.23
C LEU C 365 14.39 21.88 2.33
N SER C 366 15.44 21.70 1.54
CA SER C 366 16.45 22.71 1.34
C SER C 366 16.14 23.47 0.05
N ASP C 367 16.26 24.79 0.11
CA ASP C 367 15.71 25.63 -0.95
C ASP C 367 16.51 25.49 -2.22
N LEU C 368 17.83 25.51 -2.11
CA LEU C 368 18.67 25.30 -3.28
C LEU C 368 18.62 23.86 -3.74
N GLY C 369 18.20 22.93 -2.87
CA GLY C 369 18.12 21.53 -3.22
C GLY C 369 17.11 21.21 -4.28
N LEU C 370 16.16 22.13 -4.51
CA LEU C 370 15.19 21.96 -5.57
C LEU C 370 15.88 21.85 -6.91
N LEU C 371 16.91 22.66 -7.12
CA LEU C 371 17.65 22.57 -8.37
C LEU C 371 18.60 21.38 -8.39
N SER C 372 18.50 20.53 -7.38
CA SER C 372 18.82 19.13 -7.54
C SER C 372 17.56 18.30 -7.63
N TYR C 373 16.54 18.61 -6.80
CA TYR C 373 15.39 17.73 -6.51
C TYR C 373 14.64 17.31 -7.76
N ARG C 374 14.02 18.29 -8.40
CA ARG C 374 13.48 18.05 -9.72
C ARG C 374 14.57 17.78 -10.74
N ALA C 375 15.72 18.43 -10.60
CA ALA C 375 16.79 18.32 -11.58
C ALA C 375 17.33 16.92 -11.65
N TYR C 376 17.48 16.25 -10.50
CA TYR C 376 17.66 14.81 -10.53
C TYR C 376 16.49 14.08 -11.17
N TRP C 377 15.26 14.35 -10.73
CA TRP C 377 14.17 13.57 -11.30
C TRP C 377 13.82 14.03 -12.70
N SER C 378 14.44 15.10 -13.19
CA SER C 378 14.11 15.66 -14.50
C SER C 378 14.37 14.67 -15.64
N ASP C 379 15.61 14.26 -15.83
CA ASP C 379 15.93 13.36 -16.91
C ASP C 379 15.41 11.96 -16.68
N THR C 380 15.00 11.64 -15.45
CA THR C 380 14.43 10.33 -15.20
C THR C 380 13.14 10.13 -15.98
N LEU C 381 12.39 11.19 -16.19
CA LEU C 381 11.18 11.00 -16.92
C LEU C 381 11.47 10.75 -18.39
N ILE C 382 12.55 11.33 -18.90
CA ILE C 382 12.79 11.15 -20.33
C ILE C 382 13.52 9.85 -20.60
N THR C 383 13.91 9.13 -19.54
CA THR C 383 14.66 7.89 -19.68
C THR C 383 13.85 6.81 -20.38
N LEU C 384 12.77 6.36 -19.77
CA LEU C 384 11.92 5.39 -20.43
C LEU C 384 10.94 6.06 -21.39
N LEU C 385 11.21 7.28 -21.79
CA LEU C 385 10.42 7.91 -22.82
C LEU C 385 11.00 7.64 -24.19
N VAL C 386 12.33 7.56 -24.29
CA VAL C 386 12.97 7.46 -25.60
C VAL C 386 12.78 6.06 -26.21
N GLU C 387 12.73 5.05 -25.34
CA GLU C 387 12.15 3.75 -25.65
C GLU C 387 10.81 3.68 -24.95
N HIS C 388 10.20 2.49 -24.98
CA HIS C 388 8.94 2.20 -24.31
C HIS C 388 7.85 3.18 -24.76
N GLN C 389 7.48 3.06 -26.03
CA GLN C 389 6.34 3.79 -26.51
C GLN C 389 5.06 3.07 -26.17
N LYS C 390 5.17 1.94 -25.49
CA LYS C 390 4.06 1.09 -25.09
C LYS C 390 3.32 1.74 -23.91
N GLU C 391 2.36 1.03 -23.34
CA GLU C 391 1.63 1.58 -22.20
C GLU C 391 2.51 1.54 -20.96
N ILE C 392 2.56 2.66 -20.26
CA ILE C 392 3.29 2.76 -19.01
C ILE C 392 2.27 2.94 -17.88
N THR C 393 2.52 2.26 -16.77
CA THR C 393 1.88 2.60 -15.51
C THR C 393 2.91 3.35 -14.68
N ILE C 394 2.45 4.34 -13.91
CA ILE C 394 3.38 5.19 -13.17
C ILE C 394 3.82 4.54 -11.87
N ASP C 395 3.43 3.30 -11.65
CA ASP C 395 4.12 2.47 -10.68
C ASP C 395 4.92 1.36 -11.34
N GLU C 396 4.92 1.26 -12.68
CA GLU C 396 5.99 0.48 -13.30
C GLU C 396 7.31 1.24 -13.19
N ILE C 397 7.23 2.56 -13.13
CA ILE C 397 8.42 3.32 -12.76
C ILE C 397 8.56 3.38 -11.26
N SER C 398 7.68 2.71 -10.52
CA SER C 398 8.11 2.29 -9.19
C SER C 398 8.81 0.93 -9.23
N SER C 399 8.70 0.20 -10.34
CA SER C 399 9.55 -0.95 -10.61
C SER C 399 10.76 -0.54 -11.43
N MET C 400 10.81 0.73 -11.85
CA MET C 400 11.99 1.24 -12.53
C MET C 400 12.74 2.25 -11.67
N THR C 401 12.02 3.20 -11.05
CA THR C 401 12.69 4.27 -10.28
C THR C 401 12.27 4.34 -8.82
N SER C 402 11.32 3.50 -8.39
CA SER C 402 10.82 3.44 -7.00
C SER C 402 10.26 4.78 -6.53
N MET C 403 9.16 5.21 -7.15
CA MET C 403 8.56 6.48 -6.79
C MET C 403 7.13 6.28 -6.35
N THR C 404 6.71 7.06 -5.34
CA THR C 404 5.39 6.89 -4.75
C THR C 404 4.35 7.75 -5.48
N THR C 405 3.09 7.34 -5.35
CA THR C 405 2.00 7.86 -6.17
C THR C 405 1.71 9.33 -5.87
N THR C 406 1.79 9.73 -4.60
CA THR C 406 1.58 11.13 -4.25
C THR C 406 2.74 12.03 -4.68
N ASP C 407 3.86 11.46 -5.12
CA ASP C 407 5.00 12.26 -5.55
C ASP C 407 5.41 11.99 -6.99
N ILE C 408 5.15 10.78 -7.52
CA ILE C 408 5.43 10.54 -8.93
C ILE C 408 4.49 11.37 -9.80
N LEU C 409 3.30 11.68 -9.31
CA LEU C 409 2.51 12.65 -10.04
C LEU C 409 2.98 14.06 -9.77
N HIS C 410 3.59 14.26 -8.60
CA HIS C 410 4.03 15.60 -8.24
C HIS C 410 5.22 16.00 -9.09
N THR C 411 6.08 15.05 -9.41
CA THR C 411 7.17 15.37 -10.33
C THR C 411 6.71 15.36 -11.76
N ALA C 412 5.50 14.87 -12.04
CA ALA C 412 5.02 14.85 -13.41
C ALA C 412 4.62 16.24 -13.85
N LYS C 413 3.86 16.92 -13.02
CA LYS C 413 3.40 18.23 -13.44
C LYS C 413 4.50 19.28 -13.32
N THR C 414 5.68 18.91 -12.81
CA THR C 414 6.83 19.80 -12.87
C THR C 414 7.18 20.14 -14.31
N LEU C 415 7.12 19.14 -15.18
CA LEU C 415 7.32 19.46 -16.58
C LEU C 415 5.99 19.60 -17.29
N ASN C 416 4.92 19.86 -16.52
CA ASN C 416 3.52 20.11 -16.90
C ASN C 416 3.10 19.26 -18.09
N ILE C 417 3.38 17.99 -17.90
CA ILE C 417 3.69 17.10 -19.00
C ILE C 417 2.46 16.30 -19.43
N LEU C 418 1.27 16.83 -19.16
CA LEU C 418 0.05 16.04 -19.02
C LEU C 418 -1.02 16.45 -20.03
N ARG C 419 -0.68 16.51 -21.31
CA ARG C 419 -1.72 16.84 -22.27
C ARG C 419 -2.66 15.66 -22.45
N TYR C 420 -3.87 15.99 -22.85
CA TYR C 420 -4.98 15.06 -22.81
C TYR C 420 -5.84 15.36 -24.03
N TYR C 421 -7.09 14.88 -24.07
CA TYR C 421 -8.11 15.14 -25.10
C TYR C 421 -7.62 14.82 -26.51
N LYS C 422 -6.76 13.80 -26.61
CA LYS C 422 -6.24 13.29 -27.87
C LYS C 422 -6.44 11.78 -27.94
N GLY C 423 -6.79 11.18 -26.81
CA GLY C 423 -6.97 9.75 -26.69
C GLY C 423 -6.52 9.16 -25.38
N GLN C 424 -5.50 9.76 -24.76
CA GLN C 424 -5.03 9.39 -23.43
C GLN C 424 -4.59 10.67 -22.74
N HIS C 425 -3.94 10.52 -21.58
CA HIS C 425 -3.06 11.53 -21.01
C HIS C 425 -1.70 11.40 -21.69
N ILE C 426 -1.45 12.25 -22.68
CA ILE C 426 -0.28 12.14 -23.53
C ILE C 426 0.85 12.98 -22.93
N ILE C 427 2.03 12.37 -22.86
CA ILE C 427 3.19 13.01 -22.28
C ILE C 427 3.68 14.16 -23.16
N PHE C 428 3.30 14.17 -24.43
CA PHE C 428 3.67 15.12 -25.49
C PHE C 428 5.18 15.27 -25.62
N LEU C 429 5.81 14.32 -26.32
CA LEU C 429 7.20 14.44 -26.77
C LEU C 429 7.46 15.81 -27.35
N ASN C 430 8.31 16.55 -26.69
CA ASN C 430 8.30 17.98 -26.85
C ASN C 430 9.65 18.50 -27.25
N GLU C 431 9.59 19.52 -28.10
CA GLU C 431 10.71 19.94 -28.94
C GLU C 431 11.81 20.58 -28.12
N ASP C 432 11.45 21.28 -27.04
CA ASP C 432 12.43 21.72 -26.08
C ASP C 432 13.21 20.58 -25.50
N ILE C 433 12.55 19.44 -25.27
CA ILE C 433 13.17 18.35 -24.56
C ILE C 433 13.87 17.43 -25.53
N LEU C 434 13.78 17.74 -26.83
CA LEU C 434 14.66 17.12 -27.80
C LEU C 434 16.14 17.41 -27.55
N ASP C 435 16.45 18.47 -26.81
CA ASP C 435 17.81 18.77 -26.36
C ASP C 435 18.41 17.76 -25.41
N ARG C 436 17.80 17.52 -24.26
CA ARG C 436 18.53 16.84 -23.20
C ARG C 436 18.29 15.35 -23.22
N TYR C 437 17.61 14.83 -24.24
CA TYR C 437 17.88 13.45 -24.59
C TYR C 437 18.67 13.37 -25.88
N ASN C 438 19.11 14.51 -26.40
CA ASN C 438 20.40 14.49 -27.04
C ASN C 438 21.49 14.86 -26.03
N ARG C 439 21.22 15.81 -25.11
CA ARG C 439 22.27 16.33 -24.24
C ARG C 439 22.53 15.41 -23.04
N LEU C 440 21.61 14.49 -22.71
CA LEU C 440 22.07 13.49 -21.76
C LEU C 440 23.01 12.49 -22.40
N LYS C 441 22.96 12.32 -23.71
CA LYS C 441 23.81 11.36 -24.36
C LYS C 441 24.94 11.99 -25.17
N ALA C 442 24.90 13.31 -25.41
CA ALA C 442 26.03 13.98 -26.03
C ALA C 442 26.79 14.88 -25.06
N LYS C 443 26.16 15.28 -23.96
CA LYS C 443 26.78 15.97 -22.84
C LYS C 443 26.52 15.14 -21.58
N LYS C 444 26.89 13.85 -21.68
CA LYS C 444 26.66 12.85 -20.64
C LYS C 444 27.19 13.29 -19.30
N ARG C 445 26.53 12.86 -18.24
CA ARG C 445 26.95 13.29 -16.92
C ARG C 445 27.21 12.10 -15.99
N ARG C 446 28.03 12.36 -14.98
CA ARG C 446 28.56 11.31 -14.13
C ARG C 446 27.49 10.78 -13.16
N THR C 447 26.99 9.60 -13.48
CA THR C 447 25.99 8.94 -12.67
C THR C 447 26.62 7.64 -12.23
N ILE C 448 25.84 6.73 -11.65
CA ILE C 448 26.43 5.57 -10.99
C ILE C 448 26.07 4.28 -11.71
N ASP C 449 26.58 3.17 -11.20
CA ASP C 449 26.23 1.86 -11.73
C ASP C 449 25.35 1.10 -10.75
N PRO C 450 24.37 0.34 -11.24
CA PRO C 450 23.51 -0.44 -10.34
C PRO C 450 24.13 -1.76 -9.86
N ASN C 451 25.28 -2.16 -10.39
CA ASN C 451 25.80 -3.50 -10.10
C ASN C 451 26.88 -3.53 -9.03
N ARG C 452 27.86 -2.64 -9.09
CA ARG C 452 28.91 -2.60 -8.08
C ARG C 452 28.34 -1.95 -6.83
N LEU C 453 27.74 -2.78 -5.97
CA LEU C 453 27.34 -2.45 -4.61
C LEU C 453 26.92 -3.74 -3.95
N ILE C 454 27.20 -3.88 -2.67
CA ILE C 454 26.75 -5.06 -1.93
C ILE C 454 25.99 -4.62 -0.68
N TRP C 455 24.66 -4.74 -0.73
CA TRP C 455 23.91 -4.57 0.51
C TRP C 455 22.70 -5.49 0.45
N LYS C 456 22.19 -5.83 1.62
CA LYS C 456 21.06 -6.67 1.89
C LYS C 456 20.20 -6.02 2.97
N PRO C 457 18.89 -6.30 2.99
CA PRO C 457 17.99 -5.61 3.95
C PRO C 457 18.21 -6.08 5.38
N PRO C 458 18.31 -5.14 6.32
CA PRO C 458 18.57 -5.49 7.72
C PRO C 458 17.31 -5.84 8.49
N VAL C 459 17.51 -6.01 9.81
CA VAL C 459 16.45 -6.27 10.76
C VAL C 459 16.47 -5.20 11.85
N PHE C 460 15.30 -4.60 12.10
CA PHE C 460 15.10 -3.63 13.18
C PHE C 460 14.64 -4.38 14.43
N THR C 461 15.38 -4.26 15.55
CA THR C 461 15.15 -5.15 16.69
C THR C 461 14.66 -4.50 17.97
N ALA C 462 15.39 -3.57 18.58
CA ALA C 462 15.16 -3.29 19.99
C ALA C 462 14.75 -1.86 20.27
N SER C 463 13.91 -1.69 21.30
CA SER C 463 13.50 -0.38 21.82
C SER C 463 12.88 -0.50 23.21
N ARG D 244 -10.70 19.97 -11.15
CA ARG D 244 -9.50 19.77 -11.95
C ARG D 244 -8.70 18.59 -11.37
N LYS D 245 -8.30 17.65 -12.23
CA LYS D 245 -7.72 16.39 -11.75
C LYS D 245 -6.36 16.15 -12.36
N ILE D 246 -5.74 15.09 -11.89
CA ILE D 246 -4.36 14.75 -12.21
C ILE D 246 -4.38 13.39 -12.89
N SER D 247 -3.29 13.02 -13.56
CA SER D 247 -3.23 11.80 -14.37
C SER D 247 -3.15 10.53 -13.50
N VAL D 248 -3.07 9.39 -14.19
CA VAL D 248 -3.10 8.06 -13.58
C VAL D 248 -2.29 7.09 -14.46
N LYS D 249 -2.19 5.83 -14.02
CA LYS D 249 -1.43 4.76 -14.66
C LYS D 249 -2.02 4.37 -16.01
N GLN D 250 -1.37 3.38 -16.65
CA GLN D 250 -1.86 2.53 -17.75
C GLN D 250 -1.92 3.24 -19.10
N HIS D 251 -1.78 4.56 -19.12
CA HIS D 251 -2.05 5.31 -20.34
C HIS D 251 -0.88 5.23 -21.33
N LEU D 252 -0.96 6.06 -22.36
CA LEU D 252 -0.03 6.06 -23.48
C LEU D 252 0.51 7.46 -23.71
N LYS D 253 1.48 7.53 -24.61
CA LYS D 253 2.20 8.76 -24.93
C LYS D 253 2.25 8.86 -26.43
N ILE D 254 1.97 10.04 -26.98
CA ILE D 254 2.12 10.22 -28.41
C ILE D 254 3.48 10.87 -28.59
N TYR D 255 4.20 10.49 -29.65
CA TYR D 255 5.61 10.82 -29.77
C TYR D 255 5.90 11.71 -30.96
N LEU D 256 5.64 11.22 -32.17
CA LEU D 256 5.77 11.92 -33.43
C LEU D 256 4.64 12.87 -33.86
N PRO D 257 3.33 12.47 -33.83
CA PRO D 257 2.38 12.99 -34.82
C PRO D 257 1.93 14.44 -34.66
N ASN D 258 0.91 14.78 -35.46
CA ASN D 258 0.56 16.18 -35.73
C ASN D 258 -0.09 16.82 -34.51
N ASP D 259 0.74 17.42 -33.66
CA ASP D 259 0.29 18.11 -32.47
C ASP D 259 0.48 19.59 -32.71
N LEU D 260 -0.41 20.40 -32.15
CA LEU D 260 -0.29 21.83 -32.26
C LEU D 260 -0.31 22.46 -30.88
N MET D 314 42.47 33.47 -0.75
CA MET D 314 41.21 33.22 -0.05
C MET D 314 41.26 31.91 0.72
N THR D 315 42.22 31.06 0.35
CA THR D 315 42.41 29.79 1.04
C THR D 315 43.08 30.03 2.39
N TRP D 316 42.63 29.31 3.42
CA TRP D 316 43.29 29.30 4.71
C TRP D 316 44.71 28.77 4.55
N ASN D 317 45.62 29.31 5.34
CA ASN D 317 47.02 29.18 5.03
C ASN D 317 47.74 27.96 5.61
N GLU D 318 47.10 27.10 6.41
CA GLU D 318 47.87 26.15 7.21
C GLU D 318 47.38 24.70 7.11
N TYR D 319 47.28 24.11 5.91
CA TYR D 319 46.94 22.69 5.90
C TYR D 319 48.01 21.80 5.24
N ASP D 320 49.09 22.39 4.72
CA ASP D 320 50.02 21.63 3.90
C ASP D 320 50.90 20.71 4.75
N LYS D 321 51.45 21.23 5.85
CA LYS D 321 52.17 20.42 6.83
C LYS D 321 51.21 19.64 7.72
N PHE D 322 49.93 19.96 7.64
CA PHE D 322 48.88 19.40 8.46
C PHE D 322 48.40 18.06 7.91
N TYR D 323 48.38 17.94 6.58
CA TYR D 323 48.09 16.68 5.91
C TYR D 323 49.03 16.51 4.71
N THR D 324 49.98 15.61 4.83
CA THR D 324 50.50 14.89 3.69
C THR D 324 50.39 13.43 4.04
N GLY D 325 51.04 12.58 3.27
CA GLY D 325 51.01 11.18 3.57
C GLY D 325 49.81 10.51 2.96
N SER D 326 49.99 9.25 2.59
CA SER D 326 49.12 8.58 1.65
C SER D 326 48.34 7.46 2.33
N PHE D 327 47.16 7.20 1.80
CA PHE D 327 46.28 6.15 2.27
C PHE D 327 46.35 5.00 1.31
N GLN D 328 46.29 3.79 1.83
CA GLN D 328 46.25 2.61 0.98
C GLN D 328 44.83 2.13 0.81
N GLU D 329 44.36 2.14 -0.44
CA GLU D 329 43.10 1.53 -0.81
C GLU D 329 43.35 0.08 -1.23
N THR D 330 42.39 -0.76 -0.94
CA THR D 330 42.39 -2.08 -1.51
C THR D 330 41.70 -2.06 -2.87
N THR D 331 41.49 -3.24 -3.42
CA THR D 331 40.67 -3.33 -4.62
C THR D 331 39.21 -3.56 -4.29
N SER D 332 38.89 -3.71 -3.00
CA SER D 332 37.52 -3.96 -2.59
C SER D 332 37.12 -3.09 -1.40
N TYR D 333 35.99 -3.43 -0.78
CA TYR D 333 35.40 -2.61 0.27
C TYR D 333 36.02 -2.96 1.63
N ILE D 334 35.75 -2.08 2.63
CA ILE D 334 36.41 -2.10 3.93
C ILE D 334 35.41 -2.41 5.05
N LYS D 335 35.79 -3.28 5.98
CA LYS D 335 35.00 -3.50 7.18
C LYS D 335 35.73 -2.92 8.37
N PHE D 336 35.05 -2.02 9.07
CA PHE D 336 35.66 -1.18 10.08
C PHE D 336 34.82 -1.24 11.35
N SER D 337 35.46 -1.64 12.47
CA SER D 337 34.71 -1.85 13.71
C SER D 337 35.46 -1.36 14.96
N ALA D 338 36.26 -0.31 14.85
CA ALA D 338 36.95 0.26 16.00
C ALA D 338 36.44 1.67 16.28
N THR D 339 36.20 1.95 17.55
CA THR D 339 35.55 3.19 17.94
C THR D 339 36.46 4.37 17.68
N VAL D 340 35.85 5.54 17.50
CA VAL D 340 36.65 6.73 17.21
C VAL D 340 37.13 7.36 18.50
N GLU D 341 36.53 6.99 19.63
CA GLU D 341 36.94 7.53 20.91
C GLU D 341 38.26 6.94 21.35
N ASP D 342 38.42 5.63 21.15
CA ASP D 342 39.70 5.01 21.43
C ASP D 342 40.67 5.16 20.26
N CYS D 343 40.19 5.59 19.08
CA CYS D 343 41.10 6.19 18.11
C CYS D 343 41.73 7.45 18.67
N CYS D 344 40.97 8.23 19.43
CA CYS D 344 41.52 9.29 20.27
C CYS D 344 42.06 8.76 21.58
N GLY D 345 41.47 7.69 22.10
CA GLY D 345 41.91 7.17 23.37
C GLY D 345 41.32 8.08 24.41
N THR D 346 42.18 8.95 24.95
CA THR D 346 41.71 10.10 25.69
C THR D 346 41.34 11.22 24.73
N ASN D 347 40.26 11.92 25.04
CA ASN D 347 39.92 13.17 24.37
C ASN D 347 40.53 14.38 25.08
N TYR D 348 41.65 14.20 25.76
CA TYR D 348 42.27 15.25 26.56
C TYR D 348 43.66 15.56 26.02
N ASN D 349 43.92 16.85 25.82
CA ASN D 349 45.23 17.40 25.55
C ASN D 349 45.30 18.70 26.34
N MET D 350 46.49 19.23 26.56
CA MET D 350 46.60 20.42 27.39
C MET D 350 47.41 21.45 26.63
N ASP D 351 46.91 22.66 26.60
CA ASP D 351 47.46 23.71 25.77
C ASP D 351 48.68 24.34 26.44
N GLU D 352 49.09 25.49 25.90
CA GLU D 352 50.37 26.10 26.24
C GLU D 352 50.41 26.61 27.68
N ARG D 353 49.24 26.84 28.28
CA ARG D 353 49.09 27.73 29.42
C ARG D 353 49.80 27.24 30.68
N ASP D 354 49.73 25.94 30.99
CA ASP D 354 50.50 25.39 32.09
C ASP D 354 51.80 24.75 31.64
N GLU D 355 51.84 24.19 30.43
CA GLU D 355 53.02 23.50 29.95
C GLU D 355 54.13 24.44 29.49
N THR D 356 53.91 25.77 29.61
CA THR D 356 55.00 26.74 29.54
C THR D 356 55.76 26.84 30.85
N PHE D 357 55.29 26.19 31.89
CA PHE D 357 56.08 26.07 33.10
C PHE D 357 56.99 24.87 33.06
N LEU D 358 56.76 23.91 32.16
CA LEU D 358 57.42 22.62 32.29
C LEU D 358 58.18 22.11 31.06
N ASN D 359 57.69 22.36 29.85
CA ASN D 359 58.33 21.74 28.70
C ASN D 359 59.65 22.39 28.34
N GLU D 360 59.78 23.69 28.56
CA GLU D 360 61.02 24.41 28.29
C GLU D 360 61.67 24.97 29.56
N GLN D 361 61.24 24.52 30.73
CA GLN D 361 61.81 24.98 31.99
C GLN D 361 62.24 23.84 32.92
N VAL D 362 61.56 22.70 32.88
CA VAL D 362 61.85 21.58 33.77
C VAL D 362 62.77 20.60 33.06
N ASN D 363 62.67 20.52 31.73
CA ASN D 363 63.54 19.63 30.95
C ASN D 363 65.05 20.04 31.00
N LYS D 364 65.39 21.20 31.58
CA LYS D 364 66.78 21.66 31.64
C LYS D 364 67.61 20.78 32.55
N GLY D 365 67.11 20.49 33.76
CA GLY D 365 67.88 19.75 34.73
C GLY D 365 67.18 18.51 35.23
N SER D 366 66.45 17.85 34.34
CA SER D 366 65.74 16.63 34.72
C SER D 366 66.67 15.43 34.56
N SER D 367 66.72 14.60 35.62
CA SER D 367 67.60 13.44 35.62
C SER D 367 67.16 12.40 34.59
N ASP D 368 65.97 11.84 34.79
CA ASP D 368 65.28 11.14 33.71
C ASP D 368 64.91 12.20 32.68
N ILE D 369 65.11 11.86 31.40
CA ILE D 369 64.86 12.82 30.33
C ILE D 369 63.35 13.07 30.22
N LEU D 370 62.96 14.33 30.21
CA LEU D 370 61.55 14.69 30.25
C LEU D 370 61.15 15.31 28.93
N THR D 371 60.28 14.62 28.24
CA THR D 371 59.75 15.06 26.98
C THR D 371 58.42 15.75 27.18
N GLU D 372 57.69 15.84 26.09
CA GLU D 372 56.28 16.16 26.20
C GLU D 372 55.39 14.96 25.88
N ASP D 373 55.93 13.93 25.20
CA ASP D 373 55.07 12.83 24.76
C ASP D 373 54.70 11.89 25.89
N GLU D 374 55.54 11.85 26.91
CA GLU D 374 55.29 11.05 28.09
C GLU D 374 54.31 11.74 29.04
N PHE D 375 54.26 13.08 29.02
CA PHE D 375 53.56 13.82 30.07
C PHE D 375 52.09 14.07 29.74
N GLU D 376 51.79 14.44 28.49
CA GLU D 376 50.42 14.79 28.13
C GLU D 376 49.48 13.59 28.20
N ILE D 377 50.04 12.39 28.13
CA ILE D 377 49.20 11.20 28.17
C ILE D 377 48.85 10.81 29.60
N LEU D 378 49.80 10.95 30.52
CA LEU D 378 49.58 10.42 31.85
C LEU D 378 48.59 11.28 32.63
N CYS D 379 48.61 12.58 32.37
CA CYS D 379 47.67 13.45 33.06
C CYS D 379 46.31 13.44 32.36
N SER D 380 46.22 12.79 31.20
CA SER D 380 44.91 12.53 30.58
C SER D 380 44.26 11.27 31.13
N SER D 381 45.05 10.41 31.78
CA SER D 381 44.53 9.12 32.21
C SER D 381 43.53 9.28 33.34
N PHE D 382 44.03 9.70 34.51
CA PHE D 382 43.45 9.34 35.81
C PHE D 382 42.11 9.98 36.08
N GLU D 383 41.68 10.91 35.23
CA GLU D 383 40.29 11.38 35.26
C GLU D 383 39.33 10.23 35.06
N HIS D 384 39.70 9.26 34.22
CA HIS D 384 38.85 8.09 34.04
C HIS D 384 39.34 6.90 34.86
N ALA D 385 40.50 7.03 35.51
CA ALA D 385 40.86 6.00 36.48
C ALA D 385 40.12 6.19 37.79
N ILE D 386 39.43 7.32 37.96
CA ILE D 386 38.68 7.55 39.18
C ILE D 386 37.20 7.79 38.93
N HIS D 387 36.74 7.64 37.70
CA HIS D 387 35.40 8.14 37.36
C HIS D 387 34.32 7.22 37.91
N GLU D 388 34.69 6.00 38.27
CA GLU D 388 33.78 5.11 38.95
C GLU D 388 33.44 5.55 40.36
N ARG D 389 34.24 6.42 40.99
CA ARG D 389 34.17 6.57 42.43
C ARG D 389 33.96 7.99 42.96
N GLN D 390 33.80 9.01 42.11
CA GLN D 390 33.22 10.28 42.57
C GLN D 390 32.26 10.89 41.54
N PRO D 391 31.06 10.31 41.36
CA PRO D 391 30.02 11.06 40.62
C PRO D 391 29.33 12.15 41.43
N PHE D 392 29.60 12.27 42.73
CA PHE D 392 29.29 13.52 43.44
C PHE D 392 30.51 14.41 43.52
N LEU D 393 31.38 14.37 42.54
CA LEU D 393 32.37 15.44 42.45
C LEU D 393 31.77 16.78 42.02
N SER D 394 30.48 16.79 41.63
CA SER D 394 29.90 17.76 40.71
C SER D 394 29.92 19.19 41.24
N MET D 395 29.68 19.39 42.54
CA MET D 395 29.23 20.70 42.99
C MET D 395 30.33 21.65 43.43
N ASP D 396 31.57 21.20 43.63
CA ASP D 396 32.60 22.07 44.22
C ASP D 396 34.01 21.64 43.84
N PRO D 397 34.80 22.55 43.27
CA PRO D 397 36.21 22.25 43.03
C PRO D 397 37.06 22.34 44.28
N GLU D 398 36.45 22.65 45.42
CA GLU D 398 37.13 22.52 46.70
C GLU D 398 37.19 21.08 47.14
N SER D 399 36.31 20.25 46.58
CA SER D 399 36.22 18.83 46.89
C SER D 399 37.08 17.96 45.98
N ILE D 400 38.18 18.50 45.47
CA ILE D 400 39.15 17.66 44.79
C ILE D 400 39.86 16.78 45.82
N LEU D 401 40.04 15.51 45.48
CA LEU D 401 40.53 14.50 46.40
C LEU D 401 42.01 14.25 46.15
N SER D 402 42.81 14.31 47.21
CA SER D 402 44.26 14.44 47.09
C SER D 402 44.94 13.09 46.91
N PHE D 403 46.20 13.15 46.49
CA PHE D 403 46.91 11.95 46.08
C PHE D 403 47.28 11.07 47.26
N GLU D 404 47.41 11.63 48.46
CA GLU D 404 47.76 10.87 49.66
C GLU D 404 46.70 9.84 50.02
N GLU D 405 45.45 10.10 49.64
CA GLU D 405 44.40 9.11 49.69
C GLU D 405 43.99 8.63 48.30
N LEU D 406 44.74 8.99 47.27
CA LEU D 406 44.65 8.33 45.99
C LEU D 406 45.70 7.26 45.84
N LYS D 407 46.52 7.07 46.86
CA LYS D 407 47.57 6.04 46.83
C LYS D 407 47.02 4.63 46.64
N PRO D 408 45.95 4.16 47.37
CA PRO D 408 45.48 2.81 47.04
C PRO D 408 44.45 2.83 45.94
N THR D 409 43.99 4.02 45.58
CA THR D 409 43.01 4.06 44.53
C THR D 409 43.67 4.05 43.17
N LEU D 410 44.40 5.10 42.82
CA LEU D 410 44.81 5.26 41.44
C LEU D 410 46.04 4.46 41.05
N ILE D 411 46.77 3.90 42.01
CA ILE D 411 47.95 3.12 41.64
C ILE D 411 47.54 1.76 41.09
N LYS D 412 46.57 1.10 41.72
CA LYS D 412 46.02 -0.11 41.15
C LYS D 412 44.65 0.07 40.52
N SER D 413 44.38 1.27 39.97
CA SER D 413 43.19 1.47 39.16
C SER D 413 43.39 0.92 37.76
N ASP D 414 42.32 0.91 36.96
CA ASP D 414 42.33 0.20 35.68
C ASP D 414 41.44 0.99 34.70
N MET D 415 42.09 1.76 33.82
CA MET D 415 41.48 2.75 32.94
C MET D 415 40.58 2.17 31.83
N ALA D 416 39.26 2.17 32.07
CA ALA D 416 38.27 1.52 31.23
C ALA D 416 38.65 0.08 30.96
N ASP D 417 39.08 -0.60 32.03
CA ASP D 417 39.83 -1.86 31.97
C ASP D 417 41.07 -1.68 31.09
N PHE D 418 42.01 -0.87 31.59
CA PHE D 418 43.25 -0.56 30.85
C PHE D 418 44.05 -1.78 30.46
N ASN D 419 44.48 -2.59 31.43
CA ASN D 419 45.71 -3.33 31.25
C ASN D 419 45.50 -4.68 30.58
N LEU D 420 44.48 -4.80 29.74
CA LEU D 420 44.02 -6.08 29.20
C LEU D 420 45.02 -6.76 28.29
N ARG D 421 46.03 -6.05 27.79
CA ARG D 421 46.91 -6.70 26.82
C ARG D 421 48.11 -7.36 27.45
N ASN D 422 48.47 -7.03 28.70
CA ASN D 422 49.69 -7.63 29.24
C ASN D 422 49.44 -9.05 29.72
N GLN D 423 48.26 -9.32 30.26
CA GLN D 423 47.90 -10.71 30.47
C GLN D 423 47.41 -11.34 29.18
N LEU D 424 47.11 -10.52 28.18
CA LEU D 424 46.98 -11.02 26.84
C LEU D 424 48.31 -11.14 26.13
N ASN D 425 49.41 -10.74 26.76
CA ASN D 425 50.73 -10.88 26.16
C ASN D 425 51.34 -12.25 26.38
N HIS D 426 51.07 -12.86 27.54
CA HIS D 426 51.80 -14.07 27.94
C HIS D 426 51.44 -15.25 27.06
N GLU D 427 50.18 -15.35 26.63
CA GLU D 427 49.83 -16.34 25.61
C GLU D 427 50.15 -15.82 24.22
N ILE D 428 50.42 -14.53 24.08
CA ILE D 428 50.72 -14.06 22.74
C ILE D 428 52.21 -13.89 22.53
N ASN D 429 52.98 -13.72 23.61
CA ASN D 429 54.45 -13.65 23.58
C ASN D 429 54.96 -12.60 22.63
N SER D 430 54.28 -11.46 22.62
CA SER D 430 54.87 -10.22 22.14
C SER D 430 55.75 -9.60 23.22
N HIS D 431 56.72 -10.37 23.73
CA HIS D 431 57.50 -9.91 24.88
C HIS D 431 58.73 -9.11 24.43
N LYS D 432 59.34 -9.45 23.29
CA LYS D 432 60.47 -8.66 22.78
C LYS D 432 60.00 -7.33 22.22
N THR D 433 59.08 -7.37 21.25
CA THR D 433 58.57 -6.17 20.60
C THR D 433 57.54 -5.50 21.51
N HIS D 434 56.94 -4.41 21.03
CA HIS D 434 56.17 -3.54 21.88
C HIS D 434 54.78 -3.34 21.29
N PHE D 435 53.80 -3.28 22.17
CA PHE D 435 52.42 -3.59 21.81
C PHE D 435 51.84 -2.43 21.02
N ILE D 436 51.92 -2.50 19.69
CA ILE D 436 51.60 -1.37 18.80
C ILE D 436 50.58 -1.79 17.75
N THR D 437 49.52 -0.99 17.56
CA THR D 437 48.71 -1.04 16.35
C THR D 437 48.78 0.33 15.66
N GLN D 438 48.04 0.47 14.56
CA GLN D 438 47.87 1.78 13.92
C GLN D 438 46.57 2.41 14.34
N PHE D 439 45.66 1.58 14.83
CA PHE D 439 44.62 2.09 15.70
C PHE D 439 45.20 2.70 16.96
N ASP D 440 46.21 2.08 17.53
CA ASP D 440 47.13 2.69 18.45
C ASP D 440 47.89 3.80 17.74
N PRO D 441 48.21 4.89 18.39
CA PRO D 441 49.12 5.86 17.77
C PRO D 441 50.56 5.40 17.89
N VAL D 442 51.47 6.12 17.24
CA VAL D 442 52.86 5.70 17.22
C VAL D 442 53.55 6.22 18.46
N SER D 443 52.81 6.89 19.31
CA SER D 443 53.35 7.47 20.52
C SER D 443 53.43 6.49 21.65
N GLN D 444 53.46 5.19 21.36
CA GLN D 444 53.66 4.15 22.36
C GLN D 444 54.84 3.25 22.05
N MET D 445 55.42 3.36 20.86
CA MET D 445 56.75 2.77 20.66
C MET D 445 57.82 3.65 21.32
N ASN D 446 57.50 4.94 21.53
CA ASN D 446 58.41 5.90 22.15
C ASN D 446 58.16 6.10 23.64
N THR D 447 56.89 6.24 24.06
CA THR D 447 56.58 6.46 25.46
C THR D 447 56.78 5.18 26.30
N ARG D 448 56.59 5.31 27.60
CA ARG D 448 57.16 4.49 28.66
C ARG D 448 56.05 4.19 29.66
N PRO D 449 56.14 3.10 30.48
CA PRO D 449 55.00 2.79 31.34
C PRO D 449 54.75 3.80 32.42
N LEU D 450 53.56 3.66 32.98
CA LEU D 450 52.91 4.51 33.95
C LEU D 450 53.62 4.56 35.28
N ILE D 451 54.53 3.66 35.55
CA ILE D 451 55.13 3.67 36.86
C ILE D 451 56.15 4.77 36.97
N GLN D 452 57.19 4.71 36.16
CA GLN D 452 58.35 5.55 36.37
C GLN D 452 58.21 6.92 35.71
N LEU D 453 56.98 7.32 35.45
CA LEU D 453 56.58 8.71 35.48
C LEU D 453 56.04 9.15 36.83
N ILE D 454 55.25 8.31 37.50
CA ILE D 454 54.82 8.62 38.86
C ILE D 454 55.98 8.44 39.83
N GLU D 455 56.49 7.21 39.94
CA GLU D 455 57.48 6.93 40.98
C GLU D 455 58.87 7.41 40.63
N LYS D 456 59.02 8.28 39.65
CA LYS D 456 60.18 9.14 39.56
C LYS D 456 59.80 10.63 39.61
N PHE D 457 58.59 10.98 39.14
CA PHE D 457 58.30 12.41 38.99
C PHE D 457 56.86 12.78 39.37
N GLY D 458 56.15 11.90 40.09
CA GLY D 458 54.70 12.04 40.20
C GLY D 458 54.19 13.18 41.07
N SER D 459 55.06 13.85 41.83
CA SER D 459 54.60 14.87 42.76
C SER D 459 54.29 16.20 42.10
N LYS D 460 54.35 16.30 40.77
CA LYS D 460 54.16 17.53 40.03
C LYS D 460 53.33 17.32 38.76
N ILE D 461 52.22 16.58 38.84
CA ILE D 461 51.29 16.40 37.72
C ILE D 461 49.90 16.91 38.06
N TYR D 462 49.34 16.43 39.16
CA TYR D 462 48.12 16.94 39.76
C TYR D 462 48.18 18.42 40.06
N ASP D 463 49.39 18.98 40.25
CA ASP D 463 49.57 20.28 40.88
C ASP D 463 48.91 21.40 40.10
N TYR D 464 49.32 21.64 38.85
CA TYR D 464 48.58 22.59 38.02
C TYR D 464 47.45 21.91 37.25
N TRP D 465 47.18 20.65 37.56
CA TRP D 465 45.89 20.07 37.23
C TRP D 465 44.81 20.53 38.19
N ARG D 466 45.18 21.14 39.32
CA ARG D 466 44.21 21.48 40.36
C ARG D 466 43.58 22.86 40.21
N GLU D 467 44.39 23.93 40.07
CA GLU D 467 43.89 25.30 40.22
C GLU D 467 42.95 25.74 39.11
N ARG D 468 42.96 25.04 37.97
CA ARG D 468 42.23 25.49 36.81
C ARG D 468 40.92 24.72 36.59
N LYS D 469 40.31 24.22 37.67
CA LYS D 469 38.95 23.72 37.65
C LYS D 469 37.96 24.67 38.30
N ILE D 470 38.41 25.51 39.25
CA ILE D 470 37.51 26.39 40.01
C ILE D 470 37.01 27.54 39.15
N GLU D 471 37.79 27.97 38.15
CA GLU D 471 37.39 29.10 37.32
C GLU D 471 36.24 28.73 36.39
N VAL D 472 36.03 27.43 36.16
CA VAL D 472 34.91 26.94 35.36
C VAL D 472 33.99 26.03 36.18
N ASN D 473 34.20 25.96 37.50
CA ASN D 473 33.53 25.03 38.42
C ASN D 473 33.73 23.58 37.97
N GLY D 474 35.00 23.19 37.90
CA GLY D 474 35.35 21.81 37.73
C GLY D 474 35.12 21.23 36.37
N TYR D 475 34.71 22.03 35.39
CA TYR D 475 34.53 21.50 34.05
C TYR D 475 35.88 21.31 33.37
N GLU D 476 35.86 20.56 32.27
CA GLU D 476 37.06 20.32 31.51
C GLU D 476 37.32 21.54 30.60
N ILE D 477 38.51 21.57 29.99
CA ILE D 477 38.89 22.64 29.08
C ILE D 477 37.93 22.69 27.89
N PHE D 478 37.44 21.53 27.47
CA PHE D 478 36.26 21.50 26.63
C PHE D 478 35.08 21.06 27.48
N PRO D 479 34.23 21.99 27.93
CA PRO D 479 32.95 21.58 28.52
C PRO D 479 32.12 20.86 27.49
N GLN D 480 31.55 19.73 27.92
CA GLN D 480 31.24 18.61 27.03
C GLN D 480 30.20 19.01 25.99
N LEU D 481 29.11 19.65 26.43
CA LEU D 481 27.99 20.10 25.61
C LEU D 481 27.09 21.01 26.44
N LYS D 482 26.01 21.45 25.82
CA LYS D 482 24.75 21.67 26.53
C LYS D 482 24.13 20.27 26.66
N PHE D 483 24.59 19.56 27.68
CA PHE D 483 24.14 18.20 27.94
C PHE D 483 23.40 18.10 29.26
N GLU D 484 23.21 19.24 29.94
CA GLU D 484 22.20 19.31 31.00
C GLU D 484 20.81 19.08 30.43
N ARG D 485 20.62 19.35 29.13
CA ARG D 485 19.44 18.91 28.39
C ARG D 485 19.77 18.77 26.91
N PRO D 486 19.04 17.94 26.18
CA PRO D 486 19.07 18.01 24.73
C PRO D 486 18.28 19.25 24.31
N GLY D 487 18.89 20.43 24.36
CA GLY D 487 18.12 21.63 24.11
C GLY D 487 18.58 22.45 22.93
N GLU D 488 18.58 23.77 23.10
CA GLU D 488 18.85 24.73 22.04
C GLU D 488 20.08 25.55 22.42
N LYS D 489 20.37 26.58 21.61
CA LYS D 489 21.60 27.36 21.76
C LYS D 489 21.58 28.15 23.06
N GLU D 490 22.77 28.54 23.50
CA GLU D 490 23.06 29.09 24.84
C GLU D 490 22.56 28.17 25.95
N ILE D 514 14.01 -16.58 29.48
CA ILE D 514 13.56 -17.84 28.93
C ILE D 514 14.31 -18.07 27.64
N LEU D 515 14.90 -16.99 27.13
CA LEU D 515 15.60 -17.03 25.86
C LEU D 515 16.94 -17.74 25.95
N ASN D 516 17.53 -17.80 27.15
CA ASN D 516 18.86 -18.36 27.34
C ASN D 516 18.90 -19.85 27.11
N SER D 517 17.79 -20.55 27.34
CA SER D 517 17.79 -22.00 27.50
C SER D 517 17.64 -22.79 26.20
N GLN D 518 17.58 -22.15 25.03
CA GLN D 518 17.38 -22.93 23.81
C GLN D 518 18.54 -22.91 22.82
N ARG D 519 18.95 -21.74 22.30
CA ARG D 519 19.90 -21.85 21.18
C ARG D 519 21.12 -20.93 21.30
N LEU D 520 21.08 -19.90 22.15
CA LEU D 520 22.18 -18.93 22.18
C LEU D 520 23.40 -19.41 22.94
N ARG D 521 23.41 -20.63 23.49
CA ARG D 521 24.57 -21.12 24.21
C ARG D 521 25.74 -21.45 23.32
N ALA D 522 25.58 -21.31 22.01
CA ALA D 522 26.68 -21.33 21.07
C ALA D 522 27.37 -19.99 20.98
N LEU D 523 26.85 -18.97 21.68
CA LEU D 523 27.58 -17.71 21.77
C LEU D 523 28.88 -17.87 22.54
N HIS D 524 28.99 -18.91 23.37
CA HIS D 524 30.31 -19.28 23.86
C HIS D 524 30.84 -20.51 23.13
N GLN D 525 30.29 -20.80 21.95
CA GLN D 525 30.87 -21.84 21.10
C GLN D 525 31.19 -21.33 19.70
N GLU D 526 30.40 -20.40 19.17
CA GLU D 526 30.65 -20.00 17.80
C GLU D 526 31.41 -18.69 17.66
N LEU D 527 31.76 -18.02 18.77
CA LEU D 527 32.84 -17.05 18.73
C LEU D 527 34.08 -17.57 19.45
N LYS D 528 33.95 -18.66 20.19
CA LYS D 528 35.08 -19.33 20.83
C LYS D 528 35.72 -20.37 19.94
N ASN D 529 35.08 -20.73 18.83
CA ASN D 529 35.67 -21.72 17.93
C ASN D 529 36.81 -21.14 17.11
N ALA D 530 37.07 -19.85 17.24
CA ALA D 530 38.23 -19.23 16.65
C ALA D 530 39.13 -18.54 17.65
N LYS D 531 38.74 -18.43 18.93
CA LYS D 531 39.66 -17.95 19.96
C LYS D 531 40.82 -18.90 20.13
N ASP D 532 40.56 -20.20 20.02
CA ASP D 532 41.64 -21.17 19.96
C ASP D 532 42.41 -21.04 18.65
N LEU D 533 41.73 -20.70 17.57
CA LEU D 533 42.44 -20.37 16.34
C LEU D 533 43.21 -19.06 16.50
N ALA D 534 42.69 -18.15 17.32
CA ALA D 534 43.25 -16.80 17.46
C ALA D 534 44.63 -16.81 18.10
N LEU D 535 44.96 -17.87 18.84
CA LEU D 535 46.31 -17.95 19.37
C LEU D 535 47.29 -18.31 18.27
N LEU D 536 46.78 -18.88 17.17
CA LEU D 536 47.62 -19.09 16.02
C LEU D 536 47.19 -18.28 14.81
N VAL D 537 46.28 -17.31 14.96
CA VAL D 537 46.15 -16.39 13.85
C VAL D 537 47.34 -15.46 13.83
N ALA D 538 48.01 -15.31 14.96
CA ALA D 538 49.23 -14.52 14.99
C ALA D 538 50.42 -15.35 14.56
N LYS D 539 50.39 -16.66 14.86
CA LYS D 539 51.60 -17.47 14.80
C LYS D 539 52.11 -17.68 13.40
N ARG D 540 51.25 -17.55 12.40
CA ARG D 540 51.79 -17.63 11.05
C ARG D 540 52.31 -16.29 10.59
N GLU D 541 52.17 -15.25 11.42
CA GLU D 541 52.98 -14.06 11.26
C GLU D 541 53.95 -13.86 12.41
N ASN D 542 53.60 -14.35 13.60
CA ASN D 542 54.54 -14.39 14.72
C ASN D 542 55.75 -15.30 14.44
N VAL D 543 55.67 -16.20 13.45
CA VAL D 543 56.86 -16.92 12.99
C VAL D 543 57.67 -16.10 12.00
N SER D 544 57.07 -15.09 11.40
CA SER D 544 57.71 -14.36 10.33
C SER D 544 58.47 -13.13 10.80
N LEU D 545 59.06 -13.14 11.99
CA LEU D 545 59.64 -11.90 12.51
C LEU D 545 61.12 -11.97 12.84
N ASN D 546 61.62 -13.10 13.28
CA ASN D 546 62.93 -13.19 13.91
C ASN D 546 64.06 -13.38 12.90
N TRP D 547 63.89 -12.90 11.68
CA TRP D 547 64.71 -13.39 10.59
C TRP D 547 65.70 -12.33 10.15
N ILE D 548 65.29 -11.07 10.22
CA ILE D 548 66.10 -9.94 9.78
C ILE D 548 67.33 -9.81 10.66
N ASN D 549 67.16 -9.96 11.95
CA ASN D 549 68.17 -9.60 12.90
C ASN D 549 68.22 -10.68 13.96
N PRO G 39 -9.07 -7.06 -61.75
CA PRO G 39 -8.56 -8.38 -61.37
C PRO G 39 -7.34 -8.30 -60.46
N HIS G 40 -7.28 -7.26 -59.63
CA HIS G 40 -6.19 -7.04 -58.70
C HIS G 40 -6.73 -6.83 -57.31
N ARG G 41 -6.14 -7.50 -56.33
CA ARG G 41 -6.57 -7.38 -54.95
C ARG G 41 -5.35 -7.58 -54.05
N TYR G 42 -5.39 -6.94 -52.88
CA TYR G 42 -4.28 -6.95 -51.95
C TYR G 42 -4.27 -8.25 -51.14
N LYS G 43 -3.53 -8.26 -50.04
CA LYS G 43 -3.48 -9.42 -49.14
C LYS G 43 -4.85 -9.66 -48.51
N PRO G 44 -5.32 -10.90 -48.44
CA PRO G 44 -6.67 -11.16 -47.90
C PRO G 44 -6.76 -10.92 -46.40
N GLY G 45 -7.58 -9.94 -46.03
CA GLY G 45 -7.86 -9.62 -44.64
C GLY G 45 -7.82 -8.15 -44.33
N THR G 46 -7.48 -7.30 -45.30
CA THR G 46 -7.12 -5.91 -45.02
C THR G 46 -8.32 -4.99 -44.80
N VAL G 47 -9.36 -5.09 -45.62
CA VAL G 47 -10.51 -4.18 -45.52
C VAL G 47 -11.34 -4.44 -44.28
N ALA G 48 -11.20 -5.60 -43.66
CA ALA G 48 -11.83 -5.85 -42.38
C ALA G 48 -11.32 -4.90 -41.33
N LEU G 49 -10.03 -4.59 -41.36
CA LEU G 49 -9.42 -3.65 -40.42
C LEU G 49 -10.01 -2.27 -40.57
N ARG G 50 -10.19 -1.84 -41.82
CA ARG G 50 -10.92 -0.63 -42.15
C ARG G 50 -12.31 -0.65 -41.56
N GLU G 51 -12.98 -1.80 -41.67
CA GLU G 51 -14.32 -1.96 -41.11
C GLU G 51 -14.30 -1.86 -39.59
N ILE G 52 -13.21 -2.34 -38.95
CA ILE G 52 -13.07 -2.21 -37.49
C ILE G 52 -13.04 -0.74 -37.13
N ARG G 53 -12.14 -0.02 -37.80
CA ARG G 53 -11.92 1.42 -37.62
C ARG G 53 -13.21 2.19 -37.73
N ARG G 54 -13.87 2.06 -38.87
CA ARG G 54 -15.09 2.82 -39.09
C ARG G 54 -16.22 2.35 -38.21
N PHE G 55 -16.30 1.05 -37.93
CA PHE G 55 -17.55 0.54 -37.39
C PHE G 55 -17.57 0.56 -35.87
N GLN G 56 -16.46 0.16 -35.22
CA GLN G 56 -16.32 0.43 -33.80
C GLN G 56 -16.23 1.93 -33.56
N LYS G 57 -15.67 2.67 -34.53
CA LYS G 57 -15.79 4.12 -34.56
C LYS G 57 -17.24 4.57 -34.78
N SER G 58 -18.00 3.82 -35.58
CA SER G 58 -19.38 4.22 -35.81
C SER G 58 -20.23 3.96 -34.60
N THR G 59 -21.33 4.65 -34.55
CA THR G 59 -22.39 4.29 -33.63
C THR G 59 -23.73 4.30 -34.35
N GLU G 60 -23.73 4.27 -35.68
CA GLU G 60 -24.94 4.09 -36.47
C GLU G 60 -25.39 2.63 -36.44
N LEU G 61 -26.69 2.45 -36.45
CA LEU G 61 -27.28 1.14 -36.20
C LEU G 61 -27.14 0.23 -37.40
N LEU G 62 -27.76 -0.93 -37.31
CA LEU G 62 -27.66 -1.93 -38.35
C LEU G 62 -29.00 -2.35 -38.93
N ILE G 63 -29.98 -2.58 -38.06
CA ILE G 63 -31.02 -3.58 -38.28
C ILE G 63 -32.27 -2.95 -38.89
N ARG G 64 -32.96 -3.71 -39.74
CA ARG G 64 -34.34 -3.39 -40.06
C ARG G 64 -35.14 -3.56 -38.77
N LYS G 65 -36.03 -2.62 -38.50
CA LYS G 65 -36.78 -2.71 -37.25
C LYS G 65 -37.71 -3.91 -37.28
N LEU G 66 -38.26 -4.18 -38.47
CA LEU G 66 -39.43 -5.05 -38.60
C LEU G 66 -39.17 -6.49 -38.24
N PRO G 67 -38.16 -7.20 -38.77
CA PRO G 67 -38.08 -8.62 -38.41
C PRO G 67 -37.67 -8.85 -36.98
N PHE G 68 -36.90 -7.91 -36.42
CA PHE G 68 -36.59 -7.96 -35.00
C PHE G 68 -37.86 -7.87 -34.17
N GLN G 69 -38.66 -6.85 -34.41
CA GLN G 69 -39.87 -6.72 -33.63
C GLN G 69 -40.88 -7.78 -34.05
N ARG G 70 -40.74 -8.32 -35.25
CA ARG G 70 -41.58 -9.44 -35.62
C ARG G 70 -41.23 -10.65 -34.80
N LEU G 71 -39.96 -10.80 -34.44
CA LEU G 71 -39.57 -11.87 -33.53
C LEU G 71 -40.19 -11.64 -32.16
N VAL G 72 -40.16 -10.39 -31.71
CA VAL G 72 -40.67 -10.13 -30.37
C VAL G 72 -42.18 -10.31 -30.34
N ARG G 73 -42.84 -10.02 -31.46
CA ARG G 73 -44.29 -10.12 -31.49
C ARG G 73 -44.72 -11.56 -31.60
N GLU G 74 -44.01 -12.35 -32.41
CA GLU G 74 -44.30 -13.77 -32.50
C GLU G 74 -44.10 -14.45 -31.15
N ILE G 75 -43.13 -13.97 -30.37
CA ILE G 75 -42.86 -14.65 -29.11
C ILE G 75 -43.57 -14.00 -27.93
N ALA G 76 -44.32 -12.93 -28.16
CA ALA G 76 -45.06 -12.29 -27.08
C ALA G 76 -46.57 -12.39 -27.21
N GLN G 77 -47.10 -12.45 -28.44
CA GLN G 77 -48.54 -12.58 -28.67
C GLN G 77 -49.10 -13.87 -28.12
N ASP G 78 -48.26 -14.91 -28.03
CA ASP G 78 -48.59 -16.14 -27.33
C ASP G 78 -49.01 -15.90 -25.89
N PHE G 79 -48.37 -14.97 -25.20
CA PHE G 79 -48.64 -14.78 -23.79
C PHE G 79 -49.80 -13.84 -23.56
N LYS G 80 -50.04 -12.93 -24.50
CA LYS G 80 -51.29 -12.20 -24.65
C LYS G 80 -51.26 -11.54 -26.01
N THR G 81 -52.34 -11.69 -26.76
CA THR G 81 -52.37 -11.05 -28.07
C THR G 81 -52.51 -9.54 -27.93
N ASP G 82 -52.34 -8.86 -29.08
CA ASP G 82 -52.56 -7.43 -29.24
C ASP G 82 -51.65 -6.63 -28.30
N LEU G 83 -50.36 -6.58 -28.63
CA LEU G 83 -49.39 -5.81 -27.87
C LEU G 83 -48.54 -4.97 -28.82
N ARG G 84 -48.23 -3.75 -28.44
CA ARG G 84 -47.42 -2.88 -29.27
C ARG G 84 -46.16 -2.50 -28.51
N PHE G 85 -45.33 -1.67 -29.13
CA PHE G 85 -44.04 -1.26 -28.58
C PHE G 85 -43.60 0.05 -29.20
N GLN G 86 -42.53 0.61 -28.62
CA GLN G 86 -42.04 1.95 -28.90
C GLN G 86 -40.58 1.88 -29.33
N SER G 87 -40.14 2.84 -30.15
CA SER G 87 -38.95 2.69 -30.99
C SER G 87 -37.66 2.60 -30.19
N SER G 88 -37.58 3.35 -29.09
CA SER G 88 -36.37 3.41 -28.29
C SER G 88 -36.04 2.07 -27.68
N ALA G 89 -37.05 1.26 -27.41
CA ALA G 89 -36.82 -0.08 -26.91
C ALA G 89 -36.12 -0.95 -27.94
N ILE G 90 -36.62 -0.97 -29.17
CA ILE G 90 -36.08 -1.88 -30.19
C ILE G 90 -34.66 -1.48 -30.51
N GLY G 91 -34.44 -0.18 -30.61
CA GLY G 91 -33.10 0.29 -30.88
C GLY G 91 -32.14 0.04 -29.74
N ALA G 92 -32.53 0.36 -28.51
CA ALA G 92 -31.63 0.22 -27.39
C ALA G 92 -31.43 -1.22 -27.03
N LEU G 93 -32.49 -2.00 -27.14
CA LEU G 93 -32.41 -3.43 -26.86
C LEU G 93 -31.49 -4.10 -27.85
N GLN G 94 -31.67 -3.80 -29.13
CA GLN G 94 -30.72 -4.16 -30.17
C GLN G 94 -29.30 -3.83 -29.78
N GLU G 95 -28.99 -2.58 -29.49
CA GLU G 95 -27.59 -2.23 -29.28
C GLU G 95 -27.07 -2.71 -27.95
N SER G 96 -27.95 -2.90 -26.98
CA SER G 96 -27.51 -3.35 -25.67
C SER G 96 -27.13 -4.82 -25.72
N VAL G 97 -27.93 -5.61 -26.43
CA VAL G 97 -27.55 -6.99 -26.60
C VAL G 97 -26.42 -7.08 -27.60
N GLU G 98 -26.27 -6.10 -28.47
CA GLU G 98 -25.06 -6.02 -29.28
C GLU G 98 -23.84 -5.85 -28.40
N ALA G 99 -23.93 -4.94 -27.45
CA ALA G 99 -22.83 -4.67 -26.56
C ALA G 99 -22.49 -5.89 -25.77
N TYR G 100 -23.53 -6.52 -25.24
CA TYR G 100 -23.48 -7.86 -24.67
C TYR G 100 -22.67 -8.80 -25.52
N LEU G 101 -23.09 -9.00 -26.76
CA LEU G 101 -22.43 -10.01 -27.56
C LEU G 101 -21.06 -9.58 -28.00
N VAL G 102 -20.86 -8.29 -28.20
CA VAL G 102 -19.63 -7.92 -28.88
C VAL G 102 -18.52 -7.82 -27.85
N SER G 103 -18.90 -7.53 -26.62
CA SER G 103 -18.02 -7.73 -25.51
C SER G 103 -17.72 -9.19 -25.35
N LEU G 104 -18.72 -10.04 -25.57
CA LEU G 104 -18.45 -11.46 -25.51
C LEU G 104 -17.53 -11.90 -26.64
N PHE G 105 -17.63 -11.23 -27.78
CA PHE G 105 -16.77 -11.62 -28.88
C PHE G 105 -15.32 -11.29 -28.61
N GLU G 106 -15.03 -10.11 -28.07
CA GLU G 106 -13.64 -9.82 -27.73
C GLU G 106 -13.18 -10.66 -26.56
N ASP G 107 -14.10 -10.96 -25.66
CA ASP G 107 -13.80 -11.76 -24.48
C ASP G 107 -13.29 -13.12 -24.89
N THR G 108 -14.03 -13.78 -25.77
CA THR G 108 -13.55 -15.08 -26.17
C THR G 108 -12.50 -14.98 -27.26
N ASN G 109 -12.28 -13.79 -27.81
CA ASN G 109 -11.08 -13.61 -28.60
C ASN G 109 -9.85 -13.79 -27.71
N LEU G 110 -9.79 -13.06 -26.60
CA LEU G 110 -8.62 -13.26 -25.78
C LEU G 110 -8.70 -14.54 -24.98
N ALA G 111 -9.85 -15.20 -24.94
CA ALA G 111 -9.86 -16.56 -24.44
C ALA G 111 -9.23 -17.53 -25.45
N ALA G 112 -9.46 -17.31 -26.73
CA ALA G 112 -8.86 -18.20 -27.73
C ALA G 112 -7.37 -17.96 -27.82
N ILE G 113 -6.94 -16.71 -27.74
CA ILE G 113 -5.51 -16.47 -27.76
C ILE G 113 -4.92 -16.66 -26.37
N HIS G 114 -5.78 -16.72 -25.35
CA HIS G 114 -5.39 -17.20 -24.05
C HIS G 114 -5.07 -18.69 -24.10
N ALA G 115 -5.79 -19.43 -24.92
CA ALA G 115 -5.39 -20.76 -25.28
C ALA G 115 -4.55 -20.78 -26.55
N LYS G 116 -4.00 -19.62 -26.92
CA LYS G 116 -3.24 -19.38 -28.16
C LYS G 116 -3.92 -19.97 -29.41
N ARG G 117 -5.11 -19.48 -29.71
CA ARG G 117 -5.80 -19.81 -30.95
C ARG G 117 -6.62 -18.59 -31.27
N VAL G 118 -7.44 -18.64 -32.30
CA VAL G 118 -8.29 -17.51 -32.64
C VAL G 118 -9.77 -17.90 -32.60
N THR G 119 -10.10 -19.10 -33.07
CA THR G 119 -11.49 -19.55 -33.09
C THR G 119 -11.99 -19.82 -31.69
N ILE G 120 -13.04 -19.13 -31.31
CA ILE G 120 -13.67 -19.24 -30.00
C ILE G 120 -14.53 -20.48 -30.00
N GLN G 121 -15.09 -20.81 -28.87
CA GLN G 121 -16.11 -21.82 -28.96
C GLN G 121 -17.46 -21.22 -28.58
N LYS G 122 -18.44 -22.12 -28.55
CA LYS G 122 -19.73 -21.84 -27.94
C LYS G 122 -19.63 -21.80 -26.44
N LYS G 123 -19.09 -22.87 -25.87
CA LYS G 123 -19.10 -23.01 -24.42
C LYS G 123 -18.10 -22.07 -23.75
N ASP G 124 -17.16 -21.53 -24.51
CA ASP G 124 -16.39 -20.38 -24.06
C ASP G 124 -17.29 -19.23 -23.69
N ILE G 125 -18.09 -18.77 -24.66
CA ILE G 125 -18.93 -17.60 -24.43
C ILE G 125 -19.99 -17.94 -23.41
N LYS G 126 -20.41 -19.21 -23.38
CA LYS G 126 -21.40 -19.64 -22.41
C LYS G 126 -20.87 -19.46 -21.01
N LEU G 127 -19.63 -19.89 -20.78
CA LEU G 127 -19.18 -19.83 -19.41
C LEU G 127 -18.77 -18.44 -19.05
N ALA G 128 -18.37 -17.64 -20.03
CA ALA G 128 -18.12 -16.24 -19.72
C ALA G 128 -19.39 -15.54 -19.28
N ARG G 129 -20.49 -15.83 -19.98
CA ARG G 129 -21.75 -15.15 -19.74
C ARG G 129 -22.48 -15.72 -18.55
N ARG G 130 -22.36 -17.02 -18.36
CA ARG G 130 -22.64 -17.66 -17.09
C ARG G 130 -21.88 -16.98 -15.98
N LEU G 131 -20.64 -16.64 -16.23
CA LEU G 131 -19.87 -15.96 -15.22
C LEU G 131 -20.19 -14.49 -15.15
N ARG G 132 -20.95 -13.99 -16.11
CA ARG G 132 -21.44 -12.62 -16.01
C ARG G 132 -22.73 -12.57 -15.20
N GLY G 133 -23.43 -13.70 -15.08
CA GLY G 133 -24.57 -13.76 -14.17
C GLY G 133 -25.80 -14.56 -14.56
N GLU G 134 -25.81 -15.21 -15.72
CA GLU G 134 -26.99 -15.95 -16.17
C GLU G 134 -26.74 -17.45 -16.16
N ARG G 135 -27.59 -18.16 -15.42
CA ARG G 135 -27.53 -19.62 -15.34
C ARG G 135 -27.84 -20.28 -16.67
N ARG H 24 -42.05 -15.74 -39.47
CA ARG H 24 -42.06 -16.56 -38.26
C ARG H 24 -40.63 -16.87 -37.83
N ASP H 25 -40.04 -17.88 -38.45
CA ASP H 25 -38.65 -18.28 -38.18
C ASP H 25 -37.66 -17.32 -38.81
N ASN H 26 -37.61 -16.09 -38.32
CA ASN H 26 -36.82 -15.03 -38.90
C ASN H 26 -35.56 -14.78 -38.09
N ILE H 27 -34.95 -15.87 -37.63
CA ILE H 27 -33.83 -15.79 -36.72
C ILE H 27 -32.63 -15.24 -37.47
N GLN H 28 -32.57 -15.52 -38.76
CA GLN H 28 -31.64 -15.17 -39.81
C GLN H 28 -31.77 -13.73 -40.25
N GLY H 29 -32.59 -12.93 -39.57
CA GLY H 29 -32.43 -11.49 -39.69
C GLY H 29 -31.09 -11.05 -39.12
N ILE H 30 -30.78 -11.52 -37.92
CA ILE H 30 -29.42 -11.51 -37.42
C ILE H 30 -28.70 -12.75 -37.96
N THR H 31 -27.57 -12.53 -38.62
CA THR H 31 -26.75 -13.58 -39.18
C THR H 31 -25.36 -13.06 -39.48
N LYS H 32 -24.64 -13.78 -40.31
CA LYS H 32 -23.27 -13.42 -40.60
C LYS H 32 -23.05 -12.09 -41.31
N PRO H 33 -23.99 -11.48 -42.04
CA PRO H 33 -23.79 -10.05 -42.29
C PRO H 33 -23.94 -9.25 -41.04
N ALA H 34 -24.99 -9.56 -40.26
CA ALA H 34 -25.23 -8.86 -39.02
C ALA H 34 -24.06 -9.07 -38.10
N ILE H 35 -23.79 -10.32 -37.77
CA ILE H 35 -22.66 -10.55 -36.89
C ILE H 35 -21.37 -10.41 -37.63
N ARG H 36 -21.39 -10.28 -38.95
CA ARG H 36 -20.18 -9.84 -39.61
C ARG H 36 -19.79 -8.48 -39.11
N ARG H 37 -20.74 -7.56 -39.14
CA ARG H 37 -20.46 -6.25 -38.61
C ARG H 37 -20.31 -6.29 -37.09
N LEU H 38 -21.33 -6.76 -36.41
CA LEU H 38 -21.31 -6.75 -34.96
C LEU H 38 -20.53 -7.90 -34.36
N ALA H 39 -19.70 -8.58 -35.13
CA ALA H 39 -18.74 -9.49 -34.57
C ALA H 39 -17.33 -9.19 -35.03
N ARG H 40 -17.15 -8.61 -36.21
CA ARG H 40 -15.86 -8.01 -36.50
C ARG H 40 -15.60 -6.85 -35.57
N ARG H 41 -16.67 -6.15 -35.16
CA ARG H 41 -16.59 -5.19 -34.06
C ARG H 41 -16.03 -5.83 -32.78
N GLY H 42 -16.24 -7.14 -32.60
CA GLY H 42 -15.61 -7.84 -31.50
C GLY H 42 -14.14 -8.07 -31.67
N GLY H 43 -13.62 -7.99 -32.89
CA GLY H 43 -12.24 -8.28 -33.13
C GLY H 43 -11.92 -9.75 -33.31
N VAL H 44 -12.90 -10.63 -33.11
CA VAL H 44 -12.75 -11.99 -33.61
C VAL H 44 -12.77 -11.97 -35.13
N LYS H 45 -12.16 -13.00 -35.71
CA LYS H 45 -12.16 -13.16 -37.14
C LYS H 45 -13.02 -14.33 -37.54
N ARG H 46 -12.72 -15.52 -37.03
CA ARG H 46 -13.39 -16.75 -37.38
C ARG H 46 -14.29 -17.15 -36.23
N ILE H 47 -15.58 -16.93 -36.41
CA ILE H 47 -16.59 -17.45 -35.50
C ILE H 47 -16.67 -18.93 -35.78
N SER H 48 -17.04 -19.72 -34.79
CA SER H 48 -17.71 -20.95 -35.15
C SER H 48 -18.99 -20.54 -35.85
N GLY H 49 -19.06 -20.80 -37.17
CA GLY H 49 -20.16 -20.36 -37.98
C GLY H 49 -21.43 -21.17 -37.79
N LEU H 50 -21.75 -21.42 -36.52
CA LEU H 50 -23.01 -21.87 -35.98
C LEU H 50 -23.25 -21.26 -34.59
N ILE H 51 -22.73 -20.05 -34.35
CA ILE H 51 -23.03 -19.34 -33.10
C ILE H 51 -24.45 -18.80 -33.09
N TYR H 52 -25.14 -18.89 -34.23
CA TYR H 52 -26.33 -18.10 -34.54
C TYR H 52 -27.44 -18.38 -33.56
N GLU H 53 -27.77 -19.65 -33.40
CA GLU H 53 -28.94 -20.04 -32.63
C GLU H 53 -28.77 -19.64 -31.18
N GLU H 54 -27.58 -19.79 -30.66
CA GLU H 54 -27.42 -19.53 -29.24
C GLU H 54 -27.26 -18.05 -28.94
N VAL H 55 -26.71 -17.29 -29.87
CA VAL H 55 -26.63 -15.87 -29.59
C VAL H 55 -28.02 -15.25 -29.72
N ARG H 56 -28.81 -15.72 -30.68
CA ARG H 56 -30.18 -15.24 -30.76
C ARG H 56 -31.01 -15.75 -29.60
N ALA H 57 -30.62 -16.91 -29.06
CA ALA H 57 -31.29 -17.42 -27.89
C ALA H 57 -31.08 -16.51 -26.71
N VAL H 58 -29.83 -16.17 -26.41
CA VAL H 58 -29.60 -15.37 -25.21
C VAL H 58 -30.12 -13.96 -25.41
N LEU H 59 -30.04 -13.48 -26.65
CA LEU H 59 -30.71 -12.27 -27.07
C LEU H 59 -32.18 -12.33 -26.75
N LYS H 60 -32.82 -13.44 -27.10
CA LYS H 60 -34.26 -13.46 -26.94
C LYS H 60 -34.64 -13.71 -25.49
N SER H 61 -33.77 -14.37 -24.75
CA SER H 61 -34.00 -14.60 -23.34
C SER H 61 -34.09 -13.30 -22.62
N PHE H 62 -33.10 -12.46 -22.87
CA PHE H 62 -33.11 -11.09 -22.39
C PHE H 62 -34.34 -10.36 -22.86
N LEU H 63 -34.70 -10.51 -24.14
CA LEU H 63 -35.75 -9.62 -24.63
C LEU H 63 -37.13 -10.06 -24.23
N GLU H 64 -37.50 -11.32 -24.41
CA GLU H 64 -38.88 -11.67 -24.08
C GLU H 64 -39.08 -11.67 -22.58
N SER H 65 -38.01 -11.96 -21.83
CA SER H 65 -38.08 -11.78 -20.40
C SER H 65 -38.32 -10.35 -20.04
N VAL H 66 -37.55 -9.43 -20.59
CA VAL H 66 -37.66 -8.05 -20.13
C VAL H 66 -38.93 -7.40 -20.68
N ILE H 67 -39.36 -7.80 -21.86
CA ILE H 67 -40.57 -7.20 -22.36
C ILE H 67 -41.76 -7.81 -21.69
N ARG H 68 -41.66 -9.05 -21.20
CA ARG H 68 -42.87 -9.66 -20.68
C ARG H 68 -43.24 -9.01 -19.37
N ASP H 69 -42.26 -8.68 -18.55
CA ASP H 69 -42.69 -8.04 -17.33
C ASP H 69 -42.89 -6.56 -17.55
N SER H 70 -42.31 -6.00 -18.61
CA SER H 70 -42.67 -4.64 -18.97
C SER H 70 -44.13 -4.57 -19.37
N VAL H 71 -44.55 -5.53 -20.18
CA VAL H 71 -45.93 -5.63 -20.66
C VAL H 71 -46.88 -5.80 -19.49
N THR H 72 -46.49 -6.61 -18.50
CA THR H 72 -47.37 -6.80 -17.34
C THR H 72 -47.56 -5.50 -16.59
N TYR H 73 -46.48 -4.74 -16.41
CA TYR H 73 -46.61 -3.44 -15.78
C TYR H 73 -47.56 -2.54 -16.55
N THR H 74 -47.33 -2.42 -17.84
CA THR H 74 -48.05 -1.36 -18.55
C THR H 74 -49.45 -1.77 -18.96
N GLU H 75 -49.73 -3.07 -19.02
CA GLU H 75 -51.10 -3.46 -19.36
C GLU H 75 -51.86 -3.73 -18.09
N HIS H 76 -51.16 -3.78 -16.95
CA HIS H 76 -51.92 -3.48 -15.76
C HIS H 76 -52.02 -1.99 -15.53
N ALA H 77 -51.11 -1.23 -16.07
CA ALA H 77 -51.40 0.16 -16.32
C ALA H 77 -52.35 0.36 -17.52
N LYS H 78 -52.82 -0.73 -18.14
CA LYS H 78 -53.82 -0.77 -19.21
C LYS H 78 -53.32 -0.07 -20.47
N ARG H 79 -52.23 -0.60 -21.02
CA ARG H 79 -51.56 -0.02 -22.18
C ARG H 79 -50.73 -1.14 -22.81
N LYS H 80 -51.09 -1.55 -24.02
CA LYS H 80 -50.33 -2.66 -24.58
C LYS H 80 -49.23 -2.22 -25.52
N THR H 81 -48.98 -0.92 -25.66
CA THR H 81 -47.63 -0.53 -26.04
C THR H 81 -46.84 -0.36 -24.76
N VAL H 82 -45.53 -0.31 -24.89
CA VAL H 82 -44.63 -0.20 -23.76
C VAL H 82 -43.71 0.97 -24.05
N THR H 83 -43.46 1.81 -23.06
CA THR H 83 -42.40 2.79 -23.21
C THR H 83 -41.06 2.10 -23.01
N SER H 84 -40.03 2.89 -22.86
CA SER H 84 -38.78 2.24 -22.60
C SER H 84 -38.44 2.23 -21.13
N LEU H 85 -39.10 3.06 -20.33
CA LEU H 85 -38.60 3.28 -18.99
C LEU H 85 -38.83 2.07 -18.10
N ASP H 86 -39.98 1.42 -18.27
CA ASP H 86 -40.28 0.27 -17.45
C ASP H 86 -39.42 -0.90 -17.84
N VAL H 87 -39.25 -1.09 -19.13
CA VAL H 87 -38.46 -2.22 -19.57
C VAL H 87 -37.01 -1.98 -19.25
N VAL H 88 -36.61 -0.71 -19.16
CA VAL H 88 -35.21 -0.46 -18.92
C VAL H 88 -34.91 -0.50 -17.44
N TYR H 89 -35.95 -0.33 -16.60
CA TYR H 89 -35.75 -0.60 -15.18
C TYR H 89 -35.70 -2.09 -14.93
N ALA H 90 -36.44 -2.85 -15.73
CA ALA H 90 -36.41 -4.28 -15.59
C ALA H 90 -35.07 -4.85 -16.01
N LEU H 91 -34.41 -4.17 -16.93
CA LEU H 91 -33.05 -4.60 -17.24
C LEU H 91 -32.05 -3.80 -16.46
N LYS H 92 -32.52 -2.80 -15.72
CA LYS H 92 -31.69 -2.19 -14.70
C LYS H 92 -31.63 -3.09 -13.48
N ARG H 93 -32.54 -4.07 -13.40
CA ARG H 93 -32.32 -5.18 -12.49
C ARG H 93 -31.10 -5.95 -12.88
N GLN H 94 -30.85 -6.10 -14.18
CA GLN H 94 -29.53 -6.59 -14.57
C GLN H 94 -28.58 -5.45 -14.90
N GLY H 95 -29.07 -4.22 -14.95
CA GLY H 95 -28.24 -3.07 -14.67
C GLY H 95 -27.68 -2.33 -15.85
N ARG H 96 -28.23 -2.54 -17.03
CA ARG H 96 -27.58 -2.01 -18.21
C ARG H 96 -28.41 -0.91 -18.79
N THR H 97 -28.85 -0.01 -17.93
CA THR H 97 -29.97 0.86 -18.25
C THR H 97 -29.62 1.94 -19.28
N LEU H 98 -30.40 1.91 -20.35
CA LEU H 98 -30.62 3.03 -21.25
C LEU H 98 -31.32 4.14 -20.49
N TYR H 99 -30.92 5.36 -20.78
CA TYR H 99 -31.51 6.59 -20.30
C TYR H 99 -31.85 7.43 -21.52
N GLY H 100 -32.09 8.72 -21.34
CA GLY H 100 -32.03 9.62 -22.47
C GLY H 100 -33.32 9.91 -23.21
N PHE H 101 -34.39 9.19 -22.97
CA PHE H 101 -35.70 9.51 -23.51
C PHE H 101 -36.71 9.73 -22.40
N GLY H 102 -36.26 10.33 -21.30
CA GLY H 102 -37.12 10.59 -20.16
C GLY H 102 -37.27 9.40 -19.23
N GLN I 23 -60.28 -14.81 15.27
CA GLN I 23 -60.04 -13.57 15.99
C GLN I 23 -58.75 -12.89 15.55
N SER I 24 -57.69 -13.70 15.40
CA SER I 24 -56.37 -13.15 15.10
C SER I 24 -56.22 -12.86 13.62
N SER I 25 -55.32 -11.92 13.28
CA SER I 25 -55.01 -11.66 11.89
C SER I 25 -54.24 -12.82 11.26
N SER I 26 -53.83 -13.80 12.05
CA SER I 26 -53.60 -15.12 11.49
C SER I 26 -54.92 -15.78 11.12
N ALA I 27 -55.88 -15.82 12.05
CA ALA I 27 -57.05 -16.67 11.87
C ALA I 27 -58.21 -15.93 11.20
N ARG I 28 -58.26 -14.61 11.30
CA ARG I 28 -59.14 -13.87 10.41
C ARG I 28 -58.67 -14.04 8.97
N ALA I 29 -57.37 -13.93 8.74
CA ALA I 29 -56.78 -14.29 7.47
C ALA I 29 -56.65 -15.78 7.32
N GLY I 30 -56.80 -16.54 8.40
CA GLY I 30 -57.12 -17.93 8.27
C GLY I 30 -55.95 -18.83 7.96
N LEU I 31 -54.79 -18.27 7.71
CA LEU I 31 -53.62 -19.07 7.50
C LEU I 31 -52.72 -18.84 8.69
N GLN I 32 -51.50 -19.31 8.57
CA GLN I 32 -50.55 -19.21 9.66
C GLN I 32 -50.13 -17.78 10.03
N PHE I 33 -50.06 -16.73 8.97
CA PHE I 33 -49.25 -15.64 9.50
C PHE I 33 -50.06 -14.37 9.79
N PRO I 34 -49.64 -13.57 10.79
CA PRO I 34 -50.26 -12.25 11.04
C PRO I 34 -49.67 -11.13 10.18
N VAL I 35 -50.15 -9.90 10.41
CA VAL I 35 -50.20 -8.93 9.31
C VAL I 35 -49.44 -7.63 9.62
N GLY I 36 -49.92 -6.85 10.59
CA GLY I 36 -49.77 -5.40 10.52
C GLY I 36 -48.38 -4.91 10.87
N ARG I 37 -47.57 -5.77 11.49
CA ARG I 37 -46.20 -5.37 11.77
C ARG I 37 -45.39 -5.26 10.51
N ILE I 38 -45.61 -6.19 9.59
CA ILE I 38 -44.98 -6.08 8.28
C ILE I 38 -45.59 -4.92 7.51
N LYS I 39 -46.85 -4.63 7.79
CA LYS I 39 -47.39 -3.38 7.32
C LYS I 39 -46.67 -2.19 7.93
N ARG I 40 -46.29 -2.27 9.19
CA ARG I 40 -45.51 -1.19 9.77
C ARG I 40 -44.12 -1.14 9.15
N TYR I 41 -43.58 -2.30 8.77
CA TYR I 41 -42.34 -2.27 8.03
C TYR I 41 -42.55 -1.65 6.68
N LEU I 42 -43.70 -1.89 6.07
CA LEU I 42 -43.97 -1.11 4.89
C LEU I 42 -44.56 0.25 5.24
N LYS I 43 -44.89 0.51 6.51
CA LYS I 43 -45.03 1.90 6.89
C LYS I 43 -43.65 2.53 6.98
N ARG I 44 -42.69 1.82 7.54
CA ARG I 44 -41.39 2.47 7.59
C ARG I 44 -40.64 2.36 6.27
N HIS I 45 -41.29 1.83 5.25
CA HIS I 45 -40.79 1.83 3.90
C HIS I 45 -41.42 2.91 3.04
N ALA I 46 -42.35 3.68 3.60
CA ALA I 46 -43.40 4.28 2.78
C ALA I 46 -43.11 5.75 2.44
N THR I 47 -43.68 6.16 1.32
CA THR I 47 -43.73 7.54 0.87
C THR I 47 -45.09 7.95 0.33
N GLY I 48 -45.94 7.02 -0.07
CA GLY I 48 -47.34 7.32 -0.30
C GLY I 48 -48.11 7.54 0.97
N ARG I 49 -47.54 7.09 2.09
CA ARG I 49 -47.80 7.45 3.48
C ARG I 49 -49.07 6.83 4.05
N THR I 50 -49.93 6.22 3.25
CA THR I 50 -51.01 5.40 3.76
C THR I 50 -51.42 4.40 2.71
N ARG I 51 -51.99 3.28 3.17
CA ARG I 51 -52.50 2.29 2.24
C ARG I 51 -53.46 1.34 2.93
N VAL I 52 -54.15 0.60 2.08
CA VAL I 52 -55.32 -0.19 2.43
C VAL I 52 -54.93 -1.34 3.34
N GLY I 53 -55.78 -1.62 4.33
CA GLY I 53 -55.54 -2.77 5.16
C GLY I 53 -55.77 -4.09 4.47
N SER I 54 -56.57 -4.12 3.42
CA SER I 54 -56.96 -5.41 2.89
C SER I 54 -55.96 -5.96 1.89
N LYS I 55 -55.04 -5.12 1.41
CA LYS I 55 -54.01 -5.64 0.52
C LYS I 55 -52.97 -6.43 1.28
N ALA I 56 -52.89 -6.24 2.59
CA ALA I 56 -51.65 -6.54 3.27
C ALA I 56 -51.49 -8.02 3.50
N ALA I 57 -52.60 -8.73 3.60
CA ALA I 57 -52.50 -10.15 3.91
C ALA I 57 -51.91 -10.91 2.73
N ILE I 58 -52.28 -10.52 1.52
CA ILE I 58 -51.61 -11.15 0.39
C ILE I 58 -50.22 -10.57 0.22
N TYR I 59 -50.03 -9.32 0.66
CA TYR I 59 -48.64 -8.89 0.81
C TYR I 59 -47.97 -9.68 1.91
N LEU I 60 -48.71 -10.03 2.94
CA LEU I 60 -48.11 -10.88 3.94
C LEU I 60 -47.86 -12.28 3.42
N THR I 61 -48.58 -12.70 2.36
CA THR I 61 -48.40 -14.06 1.86
C THR I 61 -47.01 -14.31 1.29
N ALA I 62 -46.32 -13.25 0.86
CA ALA I 62 -45.16 -13.41 0.00
C ALA I 62 -44.04 -14.17 0.68
N VAL I 63 -43.93 -14.04 2.00
CA VAL I 63 -42.95 -14.85 2.72
C VAL I 63 -43.41 -16.30 2.78
N LEU I 64 -44.72 -16.52 3.04
CA LEU I 64 -45.27 -17.85 3.21
C LEU I 64 -45.05 -18.65 1.97
N GLU I 65 -45.66 -18.20 0.89
CA GLU I 65 -45.51 -18.83 -0.39
C GLU I 65 -44.11 -18.66 -0.93
N TYR I 66 -43.27 -17.86 -0.28
CA TYR I 66 -41.89 -18.22 -0.46
C TYR I 66 -41.51 -19.37 0.47
N LEU I 67 -41.62 -19.17 1.79
CA LEU I 67 -40.80 -19.93 2.75
C LEU I 67 -41.05 -21.43 2.73
N THR I 68 -42.05 -21.86 2.00
CA THR I 68 -42.12 -23.26 1.64
C THR I 68 -41.08 -23.65 0.63
N ALA I 69 -40.61 -22.74 -0.23
CA ALA I 69 -40.10 -23.18 -1.53
C ALA I 69 -38.70 -23.78 -1.45
N GLU I 70 -38.23 -24.11 -0.25
CA GLU I 70 -36.85 -24.47 -0.02
C GLU I 70 -36.68 -25.48 1.08
N VAL I 71 -37.71 -25.66 1.91
CA VAL I 71 -37.40 -26.18 3.22
C VAL I 71 -37.40 -27.71 3.24
N LEU I 72 -38.55 -28.34 3.08
CA LEU I 72 -38.64 -29.79 3.19
C LEU I 72 -38.19 -30.49 1.94
N GLU I 73 -37.90 -29.70 0.92
CA GLU I 73 -37.22 -30.13 -0.28
C GLU I 73 -35.89 -30.78 0.03
N LEU I 74 -35.27 -30.40 1.14
CA LEU I 74 -34.27 -31.23 1.78
C LEU I 74 -34.75 -32.65 2.03
N ALA I 75 -35.92 -32.83 2.63
CA ALA I 75 -36.24 -34.04 3.38
C ALA I 75 -36.47 -35.27 2.52
N GLY I 76 -36.40 -35.16 1.19
CA GLY I 76 -36.27 -36.35 0.38
C GLY I 76 -34.97 -37.07 0.64
N ASN I 77 -33.93 -36.33 1.01
CA ASN I 77 -32.68 -36.93 1.45
C ASN I 77 -32.76 -37.40 2.90
N ALA I 78 -33.83 -37.06 3.62
CA ALA I 78 -33.96 -37.55 4.99
C ALA I 78 -34.43 -38.99 5.09
N ALA I 79 -34.73 -39.64 3.95
CA ALA I 79 -35.30 -40.97 3.99
C ALA I 79 -34.28 -42.01 4.39
N LYS I 80 -32.99 -41.76 4.13
CA LYS I 80 -31.97 -42.79 4.23
C LYS I 80 -30.76 -42.38 5.08
N ASP I 81 -30.81 -41.24 5.77
CA ASP I 81 -29.61 -40.78 6.47
C ASP I 81 -29.82 -40.46 7.94
N LEU I 82 -31.02 -40.05 8.36
CA LEU I 82 -31.38 -39.71 9.75
C LEU I 82 -30.46 -38.66 10.38
N LYS I 83 -30.42 -37.51 9.75
CA LYS I 83 -29.87 -36.31 10.35
C LYS I 83 -31.09 -35.49 10.76
N VAL I 84 -31.70 -35.85 11.89
CA VAL I 84 -33.10 -35.47 12.10
C VAL I 84 -33.18 -34.07 12.69
N LYS I 85 -32.09 -33.55 13.20
CA LYS I 85 -31.99 -32.11 13.32
C LYS I 85 -31.49 -31.49 12.01
N ARG I 86 -32.08 -30.36 11.64
CA ARG I 86 -31.63 -29.63 10.48
C ARG I 86 -30.39 -28.88 10.93
N ILE I 87 -29.28 -29.11 10.22
CA ILE I 87 -28.15 -28.21 10.33
C ILE I 87 -27.97 -27.44 9.03
N THR I 88 -27.25 -26.32 9.14
CA THR I 88 -27.03 -25.45 7.99
C THR I 88 -26.41 -26.13 6.79
N PRO I 89 -25.31 -26.89 6.87
CA PRO I 89 -24.79 -27.44 5.63
C PRO I 89 -25.58 -28.64 5.18
N ARG I 90 -26.41 -29.16 6.05
CA ARG I 90 -27.45 -30.06 5.56
C ARG I 90 -28.53 -29.28 4.82
N HIS I 91 -28.86 -28.07 5.27
CA HIS I 91 -29.97 -27.34 4.68
C HIS I 91 -29.70 -26.99 3.22
N LEU I 92 -28.49 -26.59 2.90
CA LEU I 92 -28.14 -26.19 1.56
C LEU I 92 -27.79 -27.35 0.64
N GLN I 93 -28.36 -28.54 0.85
CA GLN I 93 -27.87 -29.66 0.03
C GLN I 93 -28.58 -29.78 -1.31
N LEU I 94 -29.92 -29.72 -1.37
CA LEU I 94 -30.60 -29.90 -2.64
C LEU I 94 -31.72 -28.90 -2.91
N ALA I 95 -31.94 -27.92 -2.04
CA ALA I 95 -32.63 -26.72 -2.50
C ALA I 95 -31.71 -25.94 -3.43
N ILE I 96 -30.41 -26.02 -3.16
CA ILE I 96 -29.38 -25.68 -4.13
C ILE I 96 -29.59 -26.42 -5.45
N ARG I 97 -30.12 -27.64 -5.42
CA ARG I 97 -30.52 -28.30 -6.65
C ARG I 97 -31.95 -27.94 -7.09
N GLY I 98 -32.70 -27.20 -6.27
CA GLY I 98 -34.02 -26.75 -6.69
C GLY I 98 -33.94 -25.48 -7.53
N ASP I 99 -33.47 -25.64 -8.76
CA ASP I 99 -32.62 -24.64 -9.41
C ASP I 99 -33.34 -23.37 -9.86
N ASP I 100 -34.67 -23.29 -9.80
CA ASP I 100 -35.37 -22.23 -10.52
C ASP I 100 -35.21 -20.85 -9.85
N GLU I 101 -34.89 -20.79 -8.55
CA GLU I 101 -34.62 -19.50 -7.94
C GLU I 101 -33.15 -19.21 -7.81
N LEU I 102 -32.32 -20.18 -8.17
CA LEU I 102 -30.98 -20.34 -7.60
C LEU I 102 -30.02 -19.23 -7.98
N ASP I 103 -30.30 -18.53 -9.07
CA ASP I 103 -29.52 -17.34 -9.40
C ASP I 103 -29.62 -16.33 -8.27
N SER I 104 -30.80 -16.22 -7.67
CA SER I 104 -31.05 -15.13 -6.73
C SER I 104 -30.34 -15.38 -5.43
N LEU I 105 -29.82 -16.57 -5.25
CA LEU I 105 -29.12 -16.89 -4.05
C LEU I 105 -27.64 -17.15 -4.26
N ILE I 106 -27.11 -16.82 -5.44
CA ILE I 106 -25.68 -16.57 -5.47
C ILE I 106 -25.38 -15.31 -4.65
N ARG I 107 -26.36 -14.41 -4.57
CA ARG I 107 -26.36 -13.28 -3.66
C ARG I 107 -26.53 -13.72 -2.22
N ALA I 108 -27.02 -14.94 -1.98
CA ALA I 108 -27.12 -15.40 -0.62
C ALA I 108 -25.74 -15.79 -0.15
N THR I 109 -25.26 -15.11 0.87
CA THR I 109 -24.08 -15.54 1.58
C THR I 109 -24.49 -15.86 2.98
N ILE I 110 -23.60 -16.52 3.70
CA ILE I 110 -23.97 -17.55 4.65
C ILE I 110 -22.75 -17.90 5.50
N ALA I 111 -22.97 -18.24 6.76
CA ALA I 111 -21.89 -18.65 7.64
C ALA I 111 -21.41 -20.06 7.30
N SER I 112 -20.35 -20.13 6.48
CA SER I 112 -19.73 -21.38 6.01
C SER I 112 -20.73 -22.31 5.31
N GLY I 113 -21.25 -21.85 4.17
CA GLY I 113 -22.23 -22.63 3.44
C GLY I 113 -21.73 -23.92 2.81
N GLY I 114 -20.89 -23.82 1.77
CA GLY I 114 -20.30 -25.00 1.14
C GLY I 114 -20.65 -25.15 -0.34
N VAL I 115 -19.75 -25.85 -1.05
CA VAL I 115 -19.88 -26.06 -2.50
C VAL I 115 -19.66 -27.53 -2.86
N LEU I 116 -20.00 -27.85 -4.10
CA LEU I 116 -20.20 -29.22 -4.50
C LEU I 116 -19.56 -29.45 -5.86
N PRO I 117 -19.33 -30.72 -6.25
CA PRO I 117 -18.68 -30.97 -7.52
C PRO I 117 -19.56 -30.76 -8.74
N HIS I 118 -18.87 -30.36 -9.81
CA HIS I 118 -19.28 -30.60 -11.18
C HIS I 118 -17.99 -30.73 -11.99
N ILE I 119 -17.57 -31.96 -12.23
CA ILE I 119 -16.22 -32.27 -12.68
C ILE I 119 -16.27 -32.66 -14.15
N ASN I 120 -15.25 -32.24 -14.91
CA ASN I 120 -15.10 -32.63 -16.31
C ASN I 120 -13.77 -33.32 -16.57
N ARG J 37 -35.01 -9.05 23.90
CA ARG J 37 -35.59 -7.78 23.48
C ARG J 37 -35.70 -7.69 21.96
N LYS J 38 -36.51 -8.58 21.38
CA LYS J 38 -36.65 -8.67 19.93
C LYS J 38 -37.92 -9.47 19.70
N GLU J 39 -38.37 -9.58 18.45
CA GLU J 39 -39.44 -10.49 18.06
C GLU J 39 -38.80 -11.76 17.52
N THR J 40 -39.58 -12.82 17.33
CA THR J 40 -39.10 -13.93 16.51
C THR J 40 -40.09 -14.22 15.42
N TYR J 41 -39.60 -14.88 14.39
CA TYR J 41 -40.39 -15.31 13.26
C TYR J 41 -40.34 -16.80 13.11
N SER J 42 -39.29 -17.43 13.64
CA SER J 42 -39.08 -18.85 13.40
C SER J 42 -40.08 -19.70 14.14
N SER J 43 -40.74 -19.13 15.12
CA SER J 43 -41.83 -19.83 15.79
C SER J 43 -42.98 -20.01 14.83
N TYR J 44 -43.25 -18.98 14.03
CA TYR J 44 -44.22 -19.15 12.96
C TYR J 44 -43.73 -20.16 11.97
N ILE J 45 -42.42 -20.23 11.80
CA ILE J 45 -41.84 -21.22 10.90
C ILE J 45 -41.91 -22.59 11.53
N TYR J 46 -41.92 -22.66 12.85
CA TYR J 46 -42.09 -23.97 13.50
C TYR J 46 -43.51 -24.49 13.34
N LYS J 47 -44.50 -23.61 13.50
CA LYS J 47 -45.86 -24.08 13.34
C LYS J 47 -46.18 -24.35 11.88
N VAL J 48 -45.55 -23.62 10.97
CA VAL J 48 -45.56 -24.06 9.59
C VAL J 48 -44.84 -25.39 9.45
N LEU J 49 -43.80 -25.60 10.22
CA LEU J 49 -43.07 -26.86 10.12
C LEU J 49 -43.88 -28.01 10.65
N LYS J 50 -44.74 -27.76 11.62
CA LYS J 50 -45.60 -28.85 12.03
C LYS J 50 -46.80 -28.97 11.11
N GLN J 51 -47.11 -27.92 10.34
CA GLN J 51 -48.06 -28.06 9.25
C GLN J 51 -47.45 -28.87 8.11
N THR J 52 -46.14 -28.80 7.94
CA THR J 52 -45.38 -29.75 7.16
C THR J 52 -45.04 -30.88 8.10
N HIS J 53 -44.03 -31.64 7.76
CA HIS J 53 -43.51 -32.63 8.69
C HIS J 53 -43.04 -32.03 10.03
N PRO J 54 -43.77 -32.31 11.12
CA PRO J 54 -43.36 -31.81 12.43
C PRO J 54 -42.16 -32.52 13.02
N ASP J 55 -41.56 -33.44 12.27
CA ASP J 55 -40.67 -34.45 12.77
C ASP J 55 -39.27 -33.93 13.07
N THR J 56 -38.78 -33.00 12.26
CA THR J 56 -37.37 -32.70 12.24
C THR J 56 -36.98 -31.84 13.44
N GLY J 57 -35.67 -31.68 13.62
CA GLY J 57 -35.13 -30.93 14.72
C GLY J 57 -34.26 -29.77 14.24
N ILE J 58 -33.62 -29.13 15.20
CA ILE J 58 -33.14 -27.78 15.03
C ILE J 58 -31.68 -27.71 15.45
N SER J 59 -30.81 -27.40 14.50
CA SER J 59 -29.57 -26.80 14.96
C SER J 59 -29.69 -25.30 14.83
N GLN J 60 -28.74 -24.60 15.42
CA GLN J 60 -28.93 -23.23 15.82
C GLN J 60 -27.94 -22.33 15.17
N LYS J 61 -26.96 -22.92 14.50
CA LYS J 61 -26.59 -22.39 13.22
C LYS J 61 -27.73 -22.50 12.22
N SER J 62 -28.49 -23.60 12.20
CA SER J 62 -29.56 -23.64 11.22
C SER J 62 -30.76 -22.83 11.66
N MET J 63 -31.00 -22.67 12.97
CA MET J 63 -32.15 -21.84 13.34
C MET J 63 -31.83 -20.36 13.18
N SER J 64 -30.60 -19.95 13.53
CA SER J 64 -30.20 -18.59 13.29
C SER J 64 -30.03 -18.32 11.80
N ILE J 65 -29.73 -19.35 11.02
CA ILE J 65 -29.42 -19.10 9.62
C ILE J 65 -30.68 -19.15 8.80
N LEU J 66 -31.68 -19.91 9.23
CA LEU J 66 -32.97 -19.76 8.62
C LEU J 66 -33.59 -18.45 9.06
N ASN J 67 -33.23 -17.97 10.24
CA ASN J 67 -33.73 -16.69 10.70
C ASN J 67 -33.16 -15.57 9.83
N SER J 68 -31.90 -15.69 9.44
CA SER J 68 -31.29 -14.68 8.57
C SER J 68 -31.75 -14.82 7.13
N PHE J 69 -31.93 -16.06 6.67
CA PHE J 69 -32.54 -16.31 5.37
C PHE J 69 -33.91 -15.69 5.26
N VAL J 70 -34.73 -15.86 6.28
CA VAL J 70 -36.06 -15.34 6.12
C VAL J 70 -36.03 -13.84 6.28
N ASN J 71 -35.04 -13.33 7.01
CA ASN J 71 -34.99 -11.89 7.20
C ASN J 71 -34.56 -11.19 5.94
N ASP J 72 -33.65 -11.80 5.19
CA ASP J 72 -33.26 -11.06 4.03
C ASP J 72 -34.13 -11.39 2.84
N ILE J 73 -34.86 -12.50 2.84
CA ILE J 73 -35.88 -12.57 1.82
C ILE J 73 -37.04 -11.64 2.17
N PHE J 74 -37.22 -11.35 3.45
CA PHE J 74 -38.16 -10.32 3.83
C PHE J 74 -37.74 -8.95 3.32
N GLU J 75 -36.50 -8.59 3.51
CA GLU J 75 -36.11 -7.31 2.95
C GLU J 75 -36.08 -7.38 1.43
N ARG J 76 -35.95 -8.56 0.85
CA ARG J 76 -35.96 -8.68 -0.61
C ARG J 76 -37.31 -8.34 -1.18
N ILE J 77 -38.36 -8.82 -0.54
CA ILE J 77 -39.67 -8.42 -1.01
C ILE J 77 -39.92 -6.96 -0.67
N ALA J 78 -39.25 -6.44 0.37
CA ALA J 78 -39.34 -5.02 0.64
C ALA J 78 -38.69 -4.22 -0.48
N THR J 79 -37.63 -4.75 -1.06
CA THR J 79 -36.91 -4.01 -2.09
C THR J 79 -37.69 -3.95 -3.37
N GLU J 80 -38.26 -5.08 -3.77
CA GLU J 80 -39.02 -4.98 -5.01
C GLU J 80 -40.33 -4.27 -4.78
N ALA J 81 -40.77 -4.19 -3.54
CA ALA J 81 -41.84 -3.25 -3.24
C ALA J 81 -41.39 -1.81 -3.43
N SER J 82 -40.12 -1.52 -3.13
CA SER J 82 -39.65 -0.15 -3.28
C SER J 82 -39.66 0.26 -4.72
N LYS J 83 -39.29 -0.66 -5.59
CA LYS J 83 -39.24 -0.26 -6.98
C LYS J 83 -40.63 -0.10 -7.57
N LEU J 84 -41.59 -0.93 -7.14
CA LEU J 84 -42.95 -0.68 -7.63
C LEU J 84 -43.51 0.58 -7.01
N ALA J 85 -43.13 0.84 -5.76
CA ALA J 85 -43.53 2.01 -5.01
C ALA J 85 -43.06 3.27 -5.69
N ALA J 86 -41.91 3.21 -6.32
CA ALA J 86 -41.56 4.27 -7.22
C ALA J 86 -42.52 4.31 -8.40
N TYR J 87 -42.42 3.34 -9.30
CA TYR J 87 -42.98 3.66 -10.62
C TYR J 87 -44.37 3.10 -10.83
N ASN J 88 -45.18 3.08 -9.79
CA ASN J 88 -46.62 2.95 -9.95
C ASN J 88 -47.25 4.15 -10.64
N LYS J 89 -46.57 5.31 -10.60
CA LYS J 89 -47.12 6.63 -10.92
C LYS J 89 -48.35 6.96 -10.08
N LYS J 90 -48.41 6.40 -8.88
CA LYS J 90 -49.56 6.57 -8.01
C LYS J 90 -49.14 7.28 -6.73
N SER J 91 -50.12 7.68 -5.93
CA SER J 91 -49.89 8.37 -4.67
C SER J 91 -50.59 7.71 -3.50
N THR J 92 -51.68 7.00 -3.74
CA THR J 92 -52.23 6.09 -2.76
C THR J 92 -52.42 4.74 -3.43
N ILE J 93 -52.02 3.69 -2.73
CA ILE J 93 -51.52 2.48 -3.38
C ILE J 93 -52.64 1.46 -3.47
N SER J 94 -52.62 0.63 -4.51
CA SER J 94 -53.68 -0.33 -4.77
C SER J 94 -53.36 -1.68 -4.12
N ALA J 95 -54.14 -2.70 -4.45
CA ALA J 95 -53.86 -4.08 -4.07
C ALA J 95 -53.44 -4.92 -5.26
N ARG J 96 -53.78 -4.45 -6.45
CA ARG J 96 -53.33 -5.13 -7.65
C ARG J 96 -51.84 -4.93 -7.83
N GLU J 97 -51.28 -3.89 -7.21
CA GLU J 97 -49.83 -3.84 -7.10
C GLU J 97 -49.29 -4.98 -6.26
N ILE J 98 -50.02 -5.40 -5.22
CA ILE J 98 -49.58 -6.55 -4.45
C ILE J 98 -49.63 -7.82 -5.28
N GLN J 99 -50.79 -8.06 -5.93
CA GLN J 99 -50.91 -9.25 -6.76
C GLN J 99 -49.93 -9.23 -7.91
N THR J 100 -49.73 -8.09 -8.54
CA THR J 100 -48.83 -8.06 -9.67
C THR J 100 -47.40 -8.17 -9.23
N ALA J 101 -47.06 -7.67 -8.04
CA ALA J 101 -45.69 -7.77 -7.56
C ALA J 101 -45.31 -9.22 -7.33
N VAL J 102 -46.19 -9.94 -6.63
CA VAL J 102 -45.92 -11.35 -6.37
C VAL J 102 -46.09 -12.15 -7.67
N ARG J 103 -46.73 -11.57 -8.69
CA ARG J 103 -46.61 -12.15 -10.02
C ARG J 103 -45.26 -11.82 -10.66
N LEU J 104 -44.74 -10.62 -10.46
CA LEU J 104 -43.75 -10.13 -11.39
C LEU J 104 -42.34 -10.46 -10.95
N ILE J 105 -42.13 -10.83 -9.69
CA ILE J 105 -40.73 -10.91 -9.29
C ILE J 105 -40.14 -12.30 -9.54
N LEU J 106 -40.97 -13.27 -9.77
CA LEU J 106 -40.57 -14.59 -9.29
C LEU J 106 -40.73 -15.61 -10.43
N PRO J 107 -40.27 -16.87 -10.37
CA PRO J 107 -40.33 -17.74 -11.56
C PRO J 107 -41.73 -18.20 -11.90
N GLY J 108 -41.81 -19.18 -12.78
CA GLY J 108 -43.11 -19.60 -13.25
C GLY J 108 -44.03 -20.28 -12.24
N GLU J 109 -43.76 -21.54 -11.91
CA GLU J 109 -44.83 -22.37 -11.34
C GLU J 109 -45.02 -22.11 -9.85
N LEU J 110 -43.92 -21.87 -9.13
CA LEU J 110 -44.07 -21.57 -7.72
C LEU J 110 -44.75 -20.23 -7.52
N ALA J 111 -44.45 -19.25 -8.36
CA ALA J 111 -45.10 -17.96 -8.18
C ALA J 111 -46.53 -17.99 -8.66
N LYS J 112 -46.83 -18.80 -9.66
CA LYS J 112 -48.21 -18.90 -10.08
C LYS J 112 -49.06 -19.50 -8.98
N HIS J 113 -48.58 -20.59 -8.40
CA HIS J 113 -49.45 -21.20 -7.41
C HIS J 113 -49.44 -20.38 -6.14
N ALA J 114 -48.38 -19.61 -5.96
CA ALA J 114 -48.32 -18.63 -4.89
C ALA J 114 -49.45 -17.63 -5.01
N VAL J 115 -49.61 -17.03 -6.19
CA VAL J 115 -50.59 -15.95 -6.26
C VAL J 115 -51.99 -16.52 -6.23
N SER J 116 -52.14 -17.77 -6.64
CA SER J 116 -53.43 -18.44 -6.50
C SER J 116 -53.78 -18.62 -5.03
N GLU J 117 -52.81 -19.10 -4.25
CA GLU J 117 -53.05 -19.31 -2.84
C GLU J 117 -53.28 -18.01 -2.11
N GLY J 118 -52.56 -16.96 -2.50
CA GLY J 118 -52.66 -15.69 -1.78
C GLY J 118 -54.01 -15.04 -1.98
N THR J 119 -54.50 -15.03 -3.23
CA THR J 119 -55.85 -14.59 -3.48
C THR J 119 -56.84 -15.47 -2.76
N ARG J 120 -56.56 -16.77 -2.71
CA ARG J 120 -57.48 -17.70 -2.06
C ARG J 120 -57.59 -17.42 -0.58
N ALA J 121 -56.46 -17.12 0.06
CA ALA J 121 -56.45 -16.89 1.50
C ALA J 121 -57.03 -15.54 1.85
N VAL J 122 -56.82 -14.54 0.99
CA VAL J 122 -57.38 -13.26 1.37
C VAL J 122 -58.84 -13.22 1.01
N THR J 123 -59.26 -13.97 0.02
CA THR J 123 -60.67 -14.05 -0.26
C THR J 123 -61.41 -14.86 0.80
N LYS J 124 -60.73 -15.83 1.42
CA LYS J 124 -61.39 -16.53 2.53
C LYS J 124 -61.26 -15.75 3.84
N TYR J 125 -60.26 -14.89 3.96
CA TYR J 125 -60.33 -13.83 4.95
C TYR J 125 -61.56 -12.97 4.74
N SER J 126 -61.85 -12.63 3.48
CA SER J 126 -62.99 -11.78 3.17
C SER J 126 -64.30 -12.51 3.40
N SER J 127 -64.31 -13.83 3.19
CA SER J 127 -65.51 -14.60 3.52
C SER J 127 -65.66 -14.73 5.03
N SER J 128 -64.54 -14.65 5.75
CA SER J 128 -64.58 -14.61 7.22
C SER J 128 -64.96 -13.18 7.60
N THR J 129 -66.27 -12.91 7.57
CA THR J 129 -66.79 -11.57 7.82
C THR J 129 -66.97 -11.30 9.31
N PRO K 39 9.48 -46.14 0.97
CA PRO K 39 8.12 -46.21 1.52
C PRO K 39 7.07 -46.23 0.42
N HIS K 40 5.84 -46.61 0.78
CA HIS K 40 4.74 -46.63 -0.18
C HIS K 40 4.25 -45.21 -0.42
N ARG K 41 4.01 -44.86 -1.67
CA ARG K 41 3.67 -43.50 -2.05
C ARG K 41 2.51 -43.51 -3.03
N TYR K 42 1.55 -42.61 -2.83
CA TYR K 42 0.35 -42.59 -3.64
C TYR K 42 0.58 -41.80 -4.94
N LYS K 43 -0.31 -42.06 -5.91
CA LYS K 43 -0.14 -41.54 -7.25
C LYS K 43 -0.45 -40.05 -7.27
N PRO K 44 0.27 -39.26 -8.07
CA PRO K 44 -0.13 -37.86 -8.24
C PRO K 44 -1.46 -37.68 -8.94
N GLY K 45 -2.46 -37.27 -8.17
CA GLY K 45 -3.74 -36.89 -8.73
C GLY K 45 -4.92 -37.66 -8.18
N THR K 46 -4.82 -38.96 -8.06
CA THR K 46 -5.97 -39.68 -7.53
C THR K 46 -6.01 -39.58 -6.00
N VAL K 47 -4.85 -39.43 -5.37
CA VAL K 47 -4.88 -39.08 -3.95
C VAL K 47 -5.12 -37.58 -3.81
N ALA K 48 -4.77 -36.81 -4.85
CA ALA K 48 -5.33 -35.47 -4.93
C ALA K 48 -6.83 -35.55 -5.16
N LEU K 49 -7.32 -36.62 -5.78
CA LEU K 49 -8.77 -36.76 -5.93
C LEU K 49 -9.43 -37.06 -4.57
N ARG K 50 -8.79 -37.85 -3.72
CA ARG K 50 -9.40 -38.04 -2.41
C ARG K 50 -9.24 -36.80 -1.55
N GLU K 51 -8.22 -35.98 -1.80
CA GLU K 51 -8.12 -34.76 -1.01
C GLU K 51 -9.07 -33.68 -1.53
N ILE K 52 -9.34 -33.67 -2.83
CA ILE K 52 -10.52 -33.01 -3.39
C ILE K 52 -11.75 -33.42 -2.62
N ARG K 53 -11.94 -34.73 -2.44
CA ARG K 53 -13.10 -35.23 -1.70
C ARG K 53 -13.00 -34.93 -0.21
N ARG K 54 -11.77 -34.72 0.28
CA ARG K 54 -11.59 -34.46 1.70
C ARG K 54 -11.99 -33.03 2.04
N PHE K 55 -11.58 -32.08 1.22
CA PHE K 55 -11.95 -30.72 1.54
C PHE K 55 -13.31 -30.33 0.94
N GLN K 56 -13.78 -31.03 -0.09
CA GLN K 56 -15.21 -31.04 -0.38
C GLN K 56 -15.98 -31.60 0.80
N LYS K 57 -15.42 -32.62 1.45
CA LYS K 57 -16.02 -33.15 2.65
C LYS K 57 -15.87 -32.15 3.78
N SER K 58 -14.88 -31.27 3.68
CA SER K 58 -14.86 -30.13 4.57
C SER K 58 -15.81 -29.05 4.09
N THR K 59 -16.16 -28.17 5.04
CA THR K 59 -16.82 -26.91 4.79
C THR K 59 -16.23 -25.89 5.77
N GLU K 60 -15.30 -26.32 6.61
CA GLU K 60 -15.10 -25.67 7.89
C GLU K 60 -14.21 -24.44 7.77
N LEU K 61 -13.80 -23.94 8.93
CA LEU K 61 -13.12 -22.66 9.07
C LEU K 61 -11.75 -22.72 8.42
N LEU K 62 -11.42 -21.64 7.72
CA LEU K 62 -10.18 -21.63 6.95
C LEU K 62 -9.03 -21.07 7.76
N ILE K 63 -9.07 -19.83 8.03
CA ILE K 63 -7.83 -19.12 8.30
C ILE K 63 -7.70 -19.09 9.80
N ARG K 64 -6.52 -18.72 10.28
CA ARG K 64 -6.45 -18.31 11.65
C ARG K 64 -7.00 -16.90 11.80
N LYS K 65 -7.17 -16.54 13.05
CA LYS K 65 -7.56 -15.22 13.46
C LYS K 65 -6.52 -14.19 13.06
N LEU K 66 -5.30 -14.43 13.50
CA LEU K 66 -4.44 -13.32 13.91
C LEU K 66 -3.82 -12.53 12.76
N PRO K 67 -3.13 -13.12 11.78
CA PRO K 67 -2.44 -12.26 10.81
C PRO K 67 -3.44 -11.55 9.93
N PHE K 68 -4.58 -12.18 9.64
CA PHE K 68 -5.64 -11.49 8.95
C PHE K 68 -6.12 -10.28 9.69
N GLN K 69 -6.49 -10.45 10.96
CA GLN K 69 -7.12 -9.34 11.65
C GLN K 69 -6.17 -8.19 11.78
N ARG K 70 -4.88 -8.49 11.99
CA ARG K 70 -3.97 -7.37 12.17
C ARG K 70 -3.64 -6.71 10.84
N LEU K 71 -3.58 -7.47 9.74
CA LEU K 71 -3.27 -6.86 8.45
C LEU K 71 -4.40 -5.94 8.00
N VAL K 72 -5.65 -6.37 8.15
CA VAL K 72 -6.73 -5.46 7.83
C VAL K 72 -6.78 -4.32 8.86
N ARG K 73 -6.41 -4.60 10.11
CA ARG K 73 -6.42 -3.58 11.16
C ARG K 73 -5.40 -2.49 10.88
N GLU K 74 -4.27 -2.85 10.31
CA GLU K 74 -3.27 -1.82 10.08
C GLU K 74 -3.51 -1.11 8.77
N ILE K 75 -4.15 -1.77 7.80
CA ILE K 75 -4.50 -0.98 6.63
C ILE K 75 -5.77 -0.18 6.84
N ALA K 76 -6.41 -0.30 8.01
CA ALA K 76 -7.40 0.69 8.46
C ALA K 76 -6.81 1.73 9.42
N GLN K 77 -5.80 1.32 10.19
CA GLN K 77 -5.10 2.16 11.17
C GLN K 77 -4.55 3.43 10.54
N ASP K 78 -4.17 3.35 9.28
CA ASP K 78 -3.58 4.48 8.60
C ASP K 78 -4.62 5.56 8.33
N PHE K 79 -5.73 5.20 7.70
CA PHE K 79 -6.57 6.28 7.20
C PHE K 79 -7.60 6.69 8.24
N LYS K 80 -7.53 6.04 9.41
CA LYS K 80 -7.88 6.62 10.70
C LYS K 80 -7.20 5.79 11.76
N THR K 81 -6.54 6.48 12.72
CA THR K 81 -5.95 5.84 13.87
C THR K 81 -6.98 5.01 14.63
N ASP K 82 -6.45 4.09 15.44
CA ASP K 82 -6.94 2.71 15.57
C ASP K 82 -8.45 2.57 15.61
N LEU K 83 -8.98 1.98 14.56
CA LEU K 83 -10.40 1.69 14.45
C LEU K 83 -10.65 0.30 15.00
N ARG K 84 -11.59 0.22 15.93
CA ARG K 84 -11.90 -1.04 16.58
C ARG K 84 -12.66 -1.94 15.63
N PHE K 85 -12.48 -3.23 15.79
CA PHE K 85 -13.31 -4.21 15.13
C PHE K 85 -14.00 -4.98 16.24
N GLN K 86 -15.29 -5.20 16.11
CA GLN K 86 -15.89 -6.18 17.00
C GLN K 86 -15.22 -7.53 16.77
N SER K 87 -14.76 -8.16 17.87
CA SER K 87 -14.14 -9.47 17.75
C SER K 87 -15.17 -10.50 17.30
N SER K 88 -16.43 -10.31 17.71
CA SER K 88 -17.52 -10.95 17.01
C SER K 88 -17.55 -10.60 15.53
N ALA K 89 -17.45 -9.31 15.18
CA ALA K 89 -17.40 -8.97 13.76
C ALA K 89 -16.07 -9.34 13.16
N ILE K 90 -15.07 -9.60 13.97
CA ILE K 90 -13.93 -10.33 13.43
C ILE K 90 -14.36 -11.74 13.09
N GLY K 91 -15.34 -12.29 13.82
CA GLY K 91 -15.97 -13.51 13.37
C GLY K 91 -16.66 -13.30 12.03
N ALA K 92 -17.30 -12.15 11.89
CA ALA K 92 -17.94 -11.81 10.63
C ALA K 92 -16.90 -11.52 9.55
N LEU K 93 -15.75 -11.03 9.96
CA LEU K 93 -14.72 -10.77 8.99
C LEU K 93 -14.05 -12.05 8.56
N GLN K 94 -13.94 -13.01 9.46
CA GLN K 94 -13.31 -14.28 9.09
C GLN K 94 -14.24 -15.04 8.16
N GLU K 95 -15.54 -14.94 8.39
CA GLU K 95 -16.40 -15.55 7.42
C GLU K 95 -16.54 -14.66 6.21
N SER K 96 -16.22 -13.39 6.35
CA SER K 96 -16.23 -12.53 5.19
C SER K 96 -15.08 -12.89 4.26
N VAL K 97 -13.93 -13.13 4.84
CA VAL K 97 -12.82 -13.46 3.98
C VAL K 97 -12.93 -14.88 3.53
N GLU K 98 -13.69 -15.69 4.25
CA GLU K 98 -14.18 -16.92 3.66
C GLU K 98 -15.02 -16.64 2.42
N ALA K 99 -15.83 -15.60 2.47
CA ALA K 99 -16.70 -15.35 1.33
C ALA K 99 -15.91 -14.91 0.13
N TYR K 100 -14.88 -14.10 0.35
CA TYR K 100 -14.10 -13.67 -0.81
C TYR K 100 -13.26 -14.81 -1.34
N LEU K 101 -12.80 -15.68 -0.45
CA LEU K 101 -12.01 -16.74 -0.99
C LEU K 101 -12.88 -17.71 -1.74
N VAL K 102 -14.12 -17.93 -1.29
CA VAL K 102 -14.92 -18.89 -2.02
C VAL K 102 -15.38 -18.28 -3.32
N SER K 103 -15.51 -16.95 -3.34
CA SER K 103 -15.89 -16.28 -4.56
C SER K 103 -14.81 -16.44 -5.62
N LEU K 104 -13.60 -16.03 -5.26
CA LEU K 104 -12.57 -16.06 -6.26
C LEU K 104 -12.16 -17.48 -6.57
N PHE K 105 -12.28 -18.41 -5.66
CA PHE K 105 -11.74 -19.70 -6.01
C PHE K 105 -12.76 -20.56 -6.71
N GLU K 106 -14.05 -20.27 -6.54
CA GLU K 106 -15.00 -20.99 -7.37
C GLU K 106 -14.85 -20.53 -8.81
N ASP K 107 -14.62 -19.24 -9.02
CA ASP K 107 -14.57 -18.95 -10.44
C ASP K 107 -13.17 -19.16 -10.99
N THR K 108 -12.15 -19.32 -10.14
CA THR K 108 -10.88 -19.72 -10.73
C THR K 108 -10.86 -21.19 -11.08
N ASN K 109 -11.55 -22.01 -10.29
CA ASN K 109 -11.89 -23.35 -10.73
C ASN K 109 -12.51 -23.32 -12.11
N LEU K 110 -13.50 -22.46 -12.30
CA LEU K 110 -14.23 -22.58 -13.54
C LEU K 110 -13.43 -22.01 -14.71
N ALA K 111 -12.52 -21.08 -14.42
CA ALA K 111 -11.67 -20.56 -15.49
C ALA K 111 -10.66 -21.59 -15.90
N ALA K 112 -10.12 -22.33 -14.93
CA ALA K 112 -9.18 -23.37 -15.26
C ALA K 112 -9.82 -24.44 -16.11
N ILE K 113 -11.07 -24.79 -15.82
CA ILE K 113 -11.68 -25.83 -16.65
C ILE K 113 -12.13 -25.26 -17.97
N HIS K 114 -12.19 -23.94 -18.09
CA HIS K 114 -12.30 -23.41 -19.44
C HIS K 114 -11.03 -23.67 -20.23
N ALA K 115 -9.88 -23.33 -19.68
CA ALA K 115 -8.74 -23.05 -20.53
C ALA K 115 -8.05 -24.25 -21.10
N LYS K 116 -8.60 -25.45 -20.89
CA LYS K 116 -7.93 -26.72 -21.15
C LYS K 116 -6.62 -26.81 -20.43
N ARG K 117 -6.55 -26.29 -19.23
CA ARG K 117 -5.26 -26.24 -18.54
C ARG K 117 -5.39 -26.75 -17.12
N VAL K 118 -4.33 -27.43 -16.66
CA VAL K 118 -4.35 -28.03 -15.33
C VAL K 118 -4.13 -27.00 -14.25
N THR K 119 -3.39 -25.93 -14.53
CA THR K 119 -3.12 -24.89 -13.55
C THR K 119 -3.88 -23.61 -13.90
N ILE K 120 -3.86 -22.66 -12.96
CA ILE K 120 -4.48 -21.35 -13.12
C ILE K 120 -3.36 -20.31 -13.17
N GLN K 121 -3.71 -19.13 -13.71
CA GLN K 121 -2.72 -18.05 -13.83
C GLN K 121 -3.41 -16.70 -13.94
N LYS K 122 -2.65 -15.73 -14.40
CA LYS K 122 -3.00 -14.32 -14.31
C LYS K 122 -4.21 -13.98 -15.16
N LYS K 123 -4.10 -14.16 -16.47
CA LYS K 123 -5.12 -13.64 -17.36
C LYS K 123 -6.40 -14.44 -17.29
N ASP K 124 -6.35 -15.62 -16.69
CA ASP K 124 -7.53 -16.17 -16.06
C ASP K 124 -8.20 -15.14 -15.16
N ILE K 125 -7.45 -14.61 -14.19
CA ILE K 125 -8.15 -13.80 -13.21
C ILE K 125 -8.42 -12.42 -13.77
N LYS K 126 -7.64 -12.00 -14.75
CA LYS K 126 -7.93 -10.72 -15.39
C LYS K 126 -9.26 -10.79 -16.13
N LEU K 127 -9.43 -11.82 -16.94
CA LEU K 127 -10.66 -12.03 -17.68
C LEU K 127 -11.82 -12.16 -16.73
N ALA K 128 -11.59 -12.82 -15.61
CA ALA K 128 -12.67 -13.00 -14.63
C ALA K 128 -13.03 -11.69 -13.95
N ARG K 129 -12.06 -10.81 -13.78
CA ARG K 129 -12.33 -9.61 -13.00
C ARG K 129 -13.06 -8.59 -13.85
N ARG K 130 -12.60 -8.41 -15.08
CA ARG K 130 -13.32 -7.51 -15.95
C ARG K 130 -14.58 -8.16 -16.46
N LEU K 131 -14.59 -9.49 -16.54
CA LEU K 131 -15.81 -10.26 -16.59
C LEU K 131 -16.69 -10.00 -15.38
N ARG K 132 -16.07 -9.71 -14.25
CA ARG K 132 -16.75 -9.63 -12.97
C ARG K 132 -17.08 -8.19 -12.60
N GLY K 133 -16.43 -7.22 -13.24
CA GLY K 133 -16.73 -5.83 -12.94
C GLY K 133 -16.19 -5.36 -11.60
N GLU K 134 -14.87 -5.18 -11.53
CA GLU K 134 -14.19 -4.79 -10.29
C GLU K 134 -14.66 -3.45 -9.73
N ARG K 135 -15.12 -2.52 -10.58
CA ARG K 135 -15.43 -1.19 -10.11
C ARG K 135 -16.84 -0.77 -10.54
N LEU L 23 1.14 -0.36 17.24
CA LEU L 23 1.53 0.61 16.21
C LEU L 23 2.54 -0.04 15.30
N ARG L 24 2.32 -1.33 15.03
CA ARG L 24 3.23 -2.09 14.17
C ARG L 24 2.98 -1.70 12.72
N ASP L 25 3.69 -0.65 12.30
CA ASP L 25 3.61 -0.16 10.92
C ASP L 25 4.55 -0.98 10.05
N ASN L 26 4.19 -2.26 9.89
CA ASN L 26 4.94 -3.21 9.09
C ASN L 26 3.95 -4.08 8.34
N ILE L 27 4.38 -4.61 7.20
CA ILE L 27 3.53 -5.40 6.32
C ILE L 27 3.86 -6.87 6.53
N GLN L 28 2.85 -7.70 6.59
CA GLN L 28 3.03 -9.14 6.64
C GLN L 28 2.15 -9.78 5.59
N GLY L 29 1.71 -8.95 4.64
CA GLY L 29 0.62 -9.28 3.75
C GLY L 29 0.91 -10.36 2.75
N ILE L 30 2.17 -10.72 2.56
CA ILE L 30 2.41 -11.85 1.70
C ILE L 30 2.15 -13.02 2.62
N THR L 31 0.89 -13.44 2.72
CA THR L 31 0.61 -14.36 3.79
C THR L 31 0.75 -15.81 3.38
N LYS L 32 -0.10 -16.32 2.50
CA LYS L 32 -0.11 -17.78 2.54
C LYS L 32 -0.50 -18.50 1.26
N PRO L 33 0.29 -19.46 0.82
CA PRO L 33 -0.24 -20.50 -0.08
C PRO L 33 -1.12 -21.49 0.68
N ALA L 34 -2.30 -20.98 1.02
CA ALA L 34 -3.49 -21.70 1.49
C ALA L 34 -4.26 -22.33 0.34
N ILE L 35 -3.77 -22.11 -0.87
CA ILE L 35 -4.29 -22.56 -2.15
C ILE L 35 -4.60 -24.03 -2.13
N ARG L 36 -3.78 -24.80 -1.44
CA ARG L 36 -3.78 -26.25 -1.29
C ARG L 36 -5.09 -26.81 -0.81
N ARG L 37 -5.97 -25.96 -0.30
CA ARG L 37 -7.38 -26.31 -0.15
C ARG L 37 -8.31 -25.17 -0.50
N LEU L 38 -7.79 -24.00 -0.84
CA LEU L 38 -8.59 -23.02 -1.58
C LEU L 38 -9.08 -23.58 -2.91
N ALA L 39 -8.31 -24.48 -3.50
CA ALA L 39 -8.69 -25.08 -4.76
C ALA L 39 -9.05 -26.55 -4.62
N ARG L 40 -9.15 -27.05 -3.39
CA ARG L 40 -9.77 -28.36 -3.18
C ARG L 40 -11.16 -28.23 -2.60
N ARG L 41 -11.51 -27.04 -2.09
CA ARG L 41 -12.91 -26.68 -1.92
C ARG L 41 -13.65 -26.76 -3.26
N GLY L 42 -13.05 -26.22 -4.32
CA GLY L 42 -13.49 -26.49 -5.68
C GLY L 42 -12.89 -27.77 -6.23
N GLY L 43 -13.32 -28.13 -7.43
CA GLY L 43 -12.86 -29.35 -8.06
C GLY L 43 -11.78 -29.16 -9.11
N VAL L 44 -10.82 -28.28 -8.83
CA VAL L 44 -9.73 -27.94 -9.74
C VAL L 44 -8.42 -28.50 -9.21
N LYS L 45 -7.56 -28.96 -10.13
CA LYS L 45 -6.27 -29.59 -9.87
C LYS L 45 -5.15 -28.58 -9.59
N ARG L 46 -3.89 -29.04 -9.73
CA ARG L 46 -2.68 -28.34 -9.27
C ARG L 46 -2.58 -26.92 -9.80
N ILE L 47 -1.78 -26.10 -9.13
CA ILE L 47 -1.82 -24.66 -9.32
C ILE L 47 -0.43 -24.09 -9.60
N SER L 48 0.49 -24.17 -8.63
CA SER L 48 1.84 -23.61 -8.58
C SER L 48 1.88 -22.08 -8.56
N GLY L 49 0.75 -21.40 -8.74
CA GLY L 49 0.51 -20.09 -8.22
C GLY L 49 1.40 -18.98 -8.73
N LEU L 50 1.94 -18.28 -7.74
CA LEU L 50 2.55 -16.95 -7.70
C LEU L 50 1.51 -15.85 -7.85
N ILE L 51 0.25 -16.19 -8.14
CA ILE L 51 -0.85 -15.22 -8.17
C ILE L 51 -1.28 -14.85 -6.76
N TYR L 52 -0.60 -15.43 -5.76
CA TYR L 52 -0.81 -15.22 -4.34
C TYR L 52 -0.85 -13.74 -4.00
N GLU L 53 0.19 -13.02 -4.41
CA GLU L 53 0.33 -11.60 -4.08
C GLU L 53 -0.84 -10.76 -4.56
N GLU L 54 -1.30 -11.01 -5.78
CA GLU L 54 -2.37 -10.16 -6.26
C GLU L 54 -3.75 -10.68 -5.85
N VAL L 55 -3.88 -11.97 -5.51
CA VAL L 55 -5.18 -12.35 -5.00
C VAL L 55 -5.34 -11.85 -3.58
N ARG L 56 -4.25 -11.83 -2.81
CA ARG L 56 -4.17 -11.08 -1.56
C ARG L 56 -4.58 -9.63 -1.78
N ALA L 57 -3.99 -8.99 -2.79
CA ALA L 57 -4.26 -7.60 -3.03
C ALA L 57 -5.71 -7.38 -3.45
N VAL L 58 -6.30 -8.34 -4.16
CA VAL L 58 -7.62 -8.06 -4.70
C VAL L 58 -8.67 -8.33 -3.66
N LEU L 59 -8.41 -9.31 -2.80
CA LEU L 59 -9.16 -9.48 -1.58
C LEU L 59 -9.09 -8.22 -0.75
N LYS L 60 -7.89 -7.70 -0.54
CA LYS L 60 -7.72 -6.62 0.41
C LYS L 60 -8.30 -5.34 -0.12
N SER L 61 -8.20 -5.13 -1.44
CA SER L 61 -8.66 -3.90 -2.05
C SER L 61 -10.17 -3.86 -2.10
N PHE L 62 -10.79 -4.99 -2.48
CA PHE L 62 -12.23 -5.08 -2.41
C PHE L 62 -12.72 -4.90 -0.99
N LEU L 63 -12.02 -5.48 -0.03
CA LEU L 63 -12.55 -5.39 1.31
C LEU L 63 -12.25 -4.07 1.92
N GLU L 64 -11.17 -3.40 1.54
CA GLU L 64 -10.95 -2.07 2.09
C GLU L 64 -11.95 -1.09 1.50
N SER L 65 -12.33 -1.32 0.25
CA SER L 65 -13.41 -0.54 -0.35
C SER L 65 -14.73 -0.82 0.33
N VAL L 66 -14.91 -2.00 0.87
CA VAL L 66 -16.17 -2.20 1.57
C VAL L 66 -16.03 -1.87 3.07
N ILE L 67 -14.80 -1.76 3.58
CA ILE L 67 -14.77 -1.46 5.00
C ILE L 67 -14.62 0.02 5.23
N ARG L 68 -14.14 0.78 4.26
CA ARG L 68 -14.33 2.21 4.38
C ARG L 68 -15.81 2.57 4.34
N ASP L 69 -16.60 1.77 3.59
CA ASP L 69 -18.05 1.81 3.67
C ASP L 69 -18.53 1.54 5.08
N SER L 70 -18.06 0.45 5.67
CA SER L 70 -18.54 0.10 7.00
C SER L 70 -18.11 1.13 8.06
N VAL L 71 -16.92 1.70 7.93
CA VAL L 71 -16.52 2.65 8.93
C VAL L 71 -17.22 3.97 8.72
N THR L 72 -17.57 4.29 7.48
CA THR L 72 -18.34 5.51 7.28
C THR L 72 -19.74 5.35 7.83
N TYR L 73 -20.30 4.15 7.70
CA TYR L 73 -21.55 3.83 8.40
C TYR L 73 -21.40 3.98 9.90
N THR L 74 -20.28 3.49 10.44
CA THR L 74 -20.18 3.37 11.87
C THR L 74 -19.90 4.73 12.50
N GLU L 75 -19.31 5.63 11.70
CA GLU L 75 -19.07 6.99 12.14
C GLU L 75 -20.25 7.87 11.82
N HIS L 76 -21.13 7.44 10.91
CA HIS L 76 -22.44 8.03 10.93
C HIS L 76 -23.12 7.70 12.22
N ALA L 77 -23.03 6.46 12.63
CA ALA L 77 -23.48 6.11 13.96
C ALA L 77 -22.50 6.59 15.02
N LYS L 78 -21.37 7.17 14.61
CA LYS L 78 -20.35 7.74 15.45
C LYS L 78 -19.78 6.68 16.36
N ARG L 79 -19.68 5.47 15.83
CA ARG L 79 -19.19 4.35 16.60
C ARG L 79 -17.68 4.29 16.52
N LYS L 80 -17.07 3.58 17.46
CA LYS L 80 -15.65 3.26 17.39
C LYS L 80 -15.40 2.08 16.47
N THR L 81 -16.20 1.04 16.58
CA THR L 81 -16.06 -0.15 15.76
C THR L 81 -17.13 -0.25 14.71
N VAL L 82 -16.89 -1.14 13.76
CA VAL L 82 -17.92 -1.64 12.87
C VAL L 82 -18.43 -2.94 13.47
N THR L 83 -19.68 -3.25 13.19
CA THR L 83 -20.27 -4.43 13.78
C THR L 83 -20.39 -5.53 12.76
N SER L 84 -20.76 -6.70 13.28
CA SER L 84 -21.30 -7.75 12.43
C SER L 84 -22.50 -7.24 11.67
N LEU L 85 -23.36 -6.46 12.33
CA LEU L 85 -24.48 -5.86 11.64
C LEU L 85 -23.99 -4.87 10.61
N ASP L 86 -22.93 -4.13 10.96
CA ASP L 86 -22.46 -3.12 10.04
C ASP L 86 -21.82 -3.76 8.82
N VAL L 87 -21.13 -4.88 9.03
CA VAL L 87 -20.57 -5.51 7.86
C VAL L 87 -21.67 -6.22 7.09
N VAL L 88 -22.80 -6.52 7.74
CA VAL L 88 -23.97 -6.98 6.98
C VAL L 88 -24.48 -5.87 6.10
N TYR L 89 -24.41 -4.63 6.60
CA TYR L 89 -24.81 -3.50 5.76
C TYR L 89 -23.83 -3.34 4.60
N ALA L 90 -22.57 -3.63 4.87
CA ALA L 90 -21.55 -3.64 3.84
C ALA L 90 -21.84 -4.70 2.78
N LEU L 91 -22.27 -5.88 3.22
CA LEU L 91 -22.32 -6.99 2.28
C LEU L 91 -23.60 -6.97 1.46
N LYS L 92 -24.68 -6.50 2.05
CA LYS L 92 -25.84 -6.24 1.23
C LYS L 92 -25.58 -5.10 0.24
N ARG L 93 -24.72 -4.14 0.59
CA ARG L 93 -24.67 -2.97 -0.26
C ARG L 93 -23.63 -3.10 -1.35
N GLN L 94 -22.61 -3.90 -1.15
CA GLN L 94 -21.97 -4.37 -2.35
C GLN L 94 -22.82 -5.39 -3.04
N GLY L 95 -23.71 -6.05 -2.32
CA GLY L 95 -24.69 -6.79 -3.06
C GLY L 95 -24.54 -8.29 -3.04
N ARG L 96 -24.09 -8.87 -1.94
CA ARG L 96 -24.40 -10.28 -1.72
C ARG L 96 -24.85 -10.45 -0.27
N THR L 97 -26.09 -10.92 -0.13
CA THR L 97 -26.83 -10.87 1.12
C THR L 97 -26.36 -11.95 2.07
N LEU L 98 -26.23 -11.60 3.35
CA LEU L 98 -25.50 -12.43 4.30
C LEU L 98 -26.42 -13.12 5.29
N TYR L 99 -26.25 -14.43 5.42
CA TYR L 99 -26.99 -15.23 6.38
C TYR L 99 -26.18 -15.34 7.66
N GLY L 100 -26.78 -16.00 8.66
CA GLY L 100 -26.18 -16.25 9.96
C GLY L 100 -26.21 -15.11 10.94
N PHE L 101 -26.19 -13.87 10.45
CA PHE L 101 -25.89 -12.72 11.29
C PHE L 101 -27.02 -11.72 11.27
N GLY L 102 -28.26 -12.18 11.09
CA GLY L 102 -29.38 -11.29 10.94
C GLY L 102 -29.45 -10.65 9.56
N LEU M 20 -26.42 42.03 -3.26
CA LEU M 20 -26.77 43.34 -3.78
C LEU M 20 -28.18 43.74 -3.37
N ARG M 21 -29.05 42.74 -3.21
CA ARG M 21 -30.45 42.96 -2.89
C ARG M 21 -30.80 42.31 -1.56
N SER M 22 -31.88 42.79 -0.96
CA SER M 22 -32.43 42.17 0.24
C SER M 22 -33.33 40.99 -0.08
N GLN M 23 -33.87 40.93 -1.30
CA GLN M 23 -34.69 39.81 -1.75
C GLN M 23 -33.80 38.79 -2.42
N SER M 24 -33.61 37.64 -1.76
CA SER M 24 -32.75 36.60 -2.27
C SER M 24 -33.61 35.49 -2.83
N SER M 25 -33.13 34.91 -3.92
CA SER M 25 -33.76 33.74 -4.52
C SER M 25 -33.07 32.48 -4.03
N SER M 26 -32.76 32.48 -2.72
CA SER M 26 -31.57 31.82 -2.17
C SER M 26 -30.34 32.23 -2.96
N ALA M 27 -30.19 33.53 -3.12
CA ALA M 27 -29.08 34.22 -3.76
C ALA M 27 -27.79 34.10 -2.98
N ARG M 28 -28.04 33.75 -1.73
CA ARG M 28 -27.15 33.16 -0.73
C ARG M 28 -26.20 32.08 -1.29
N ALA M 29 -26.57 31.33 -2.33
CA ALA M 29 -25.69 30.33 -2.92
C ALA M 29 -25.04 30.73 -4.23
N GLY M 30 -25.38 31.90 -4.77
CA GLY M 30 -24.98 32.22 -6.13
C GLY M 30 -25.64 31.23 -7.06
N LEU M 31 -26.86 30.87 -6.74
CA LEU M 31 -27.33 29.52 -6.88
C LEU M 31 -27.52 29.19 -8.34
N GLN M 32 -27.52 27.91 -8.65
CA GLN M 32 -27.59 27.49 -10.04
C GLN M 32 -28.66 26.44 -10.32
N PHE M 33 -29.34 25.93 -9.31
CA PHE M 33 -30.22 24.80 -9.52
C PHE M 33 -31.57 25.04 -8.86
N PRO M 34 -32.66 24.50 -9.41
CA PRO M 34 -33.98 24.74 -8.82
C PRO M 34 -34.13 24.07 -7.47
N VAL M 35 -34.78 24.78 -6.56
CA VAL M 35 -34.63 24.44 -5.15
C VAL M 35 -35.90 23.79 -4.61
N GLY M 36 -37.04 24.41 -4.83
CA GLY M 36 -38.27 23.82 -4.38
C GLY M 36 -38.54 22.52 -5.09
N ARG M 37 -38.04 22.39 -6.32
CA ARG M 37 -38.14 21.13 -7.05
C ARG M 37 -37.38 20.02 -6.35
N ILE M 38 -36.19 20.32 -5.80
CA ILE M 38 -35.51 19.27 -5.07
C ILE M 38 -36.18 19.08 -3.73
N LYS M 39 -36.91 20.09 -3.24
CA LYS M 39 -37.59 19.86 -1.98
C LYS M 39 -38.81 18.96 -2.15
N ARG M 40 -39.55 19.07 -3.25
CA ARG M 40 -40.64 18.12 -3.39
C ARG M 40 -40.20 16.83 -4.09
N TYR M 41 -39.02 16.82 -4.70
CA TYR M 41 -38.30 15.57 -4.87
C TYR M 41 -38.14 14.88 -3.54
N LEU M 42 -37.58 15.61 -2.57
CA LEU M 42 -37.42 15.13 -1.20
C LEU M 42 -38.74 14.76 -0.57
N LYS M 43 -39.83 15.38 -1.01
CA LYS M 43 -41.16 14.97 -0.58
C LYS M 43 -41.72 13.80 -1.39
N ARG M 44 -41.14 13.43 -2.53
CA ARG M 44 -41.78 12.38 -3.30
C ARG M 44 -41.01 11.08 -3.30
N HIS M 45 -39.83 11.02 -2.72
CA HIS M 45 -39.29 9.72 -2.39
C HIS M 45 -39.27 9.44 -0.89
N ALA M 46 -38.97 10.46 -0.07
CA ALA M 46 -39.48 10.68 1.29
C ALA M 46 -39.74 9.45 2.15
N THR M 47 -38.79 8.52 2.16
CA THR M 47 -38.94 7.31 2.97
C THR M 47 -38.95 7.66 4.45
N GLY M 48 -37.96 8.42 4.90
CA GLY M 48 -38.03 9.02 6.22
C GLY M 48 -38.94 10.23 6.20
N ARG M 49 -39.12 10.86 7.35
CA ARG M 49 -40.01 12.01 7.44
C ARG M 49 -39.28 13.33 7.50
N THR M 50 -37.96 13.33 7.71
CA THR M 50 -37.22 14.56 7.99
C THR M 50 -35.82 14.48 7.36
N ARG M 51 -35.44 15.54 6.66
CA ARG M 51 -34.08 15.75 6.17
C ARG M 51 -33.72 17.19 6.52
N VAL M 52 -32.69 17.37 7.35
CA VAL M 52 -32.42 18.66 8.01
C VAL M 52 -32.21 19.82 7.03
N GLY M 53 -33.01 20.86 7.19
CA GLY M 53 -33.34 21.76 6.11
C GLY M 53 -32.25 22.71 5.69
N SER M 54 -31.48 23.21 6.64
CA SER M 54 -30.35 24.02 6.23
C SER M 54 -29.27 23.15 5.58
N LYS M 55 -29.21 21.87 5.97
CA LYS M 55 -28.37 20.88 5.33
C LYS M 55 -29.09 20.16 4.19
N ALA M 56 -30.37 20.47 3.95
CA ALA M 56 -31.03 20.11 2.71
C ALA M 56 -30.73 21.11 1.61
N ALA M 57 -29.97 22.14 1.90
CA ALA M 57 -29.43 22.98 0.87
C ALA M 57 -28.09 22.46 0.37
N ILE M 58 -27.61 21.32 0.87
CA ILE M 58 -26.37 20.80 0.31
C ILE M 58 -26.58 20.14 -1.05
N TYR M 59 -27.81 19.98 -1.51
CA TYR M 59 -28.01 19.14 -2.67
C TYR M 59 -27.66 19.87 -3.94
N LEU M 60 -27.34 21.15 -3.83
CA LEU M 60 -26.63 21.84 -4.91
C LEU M 60 -25.27 21.19 -5.16
N THR M 61 -24.59 20.72 -4.11
CA THR M 61 -23.39 19.96 -4.43
C THR M 61 -23.74 18.58 -4.91
N ALA M 62 -24.96 18.12 -4.70
CA ALA M 62 -25.32 16.80 -5.16
C ALA M 62 -25.41 16.76 -6.67
N VAL M 63 -25.65 17.90 -7.30
CA VAL M 63 -25.85 17.80 -8.73
C VAL M 63 -24.57 18.07 -9.50
N LEU M 64 -23.73 18.96 -9.00
CA LEU M 64 -22.91 19.81 -9.85
C LEU M 64 -21.95 19.05 -10.76
N GLU M 65 -21.43 17.94 -10.30
CA GLU M 65 -19.99 17.86 -10.39
C GLU M 65 -19.51 17.24 -11.70
N TYR M 66 -19.78 15.97 -11.90
CA TYR M 66 -19.13 15.25 -12.98
C TYR M 66 -19.70 15.66 -14.32
N LEU M 67 -20.93 16.11 -14.30
CA LEU M 67 -21.50 16.76 -15.45
C LEU M 67 -20.74 18.03 -15.77
N THR M 68 -20.38 18.78 -14.75
CA THR M 68 -19.50 19.89 -15.02
C THR M 68 -18.07 19.44 -15.25
N ALA M 69 -17.75 18.20 -14.93
CA ALA M 69 -16.42 17.72 -15.29
C ALA M 69 -16.39 17.25 -16.74
N GLU M 70 -17.48 16.70 -17.24
CA GLU M 70 -17.39 16.24 -18.59
C GLU M 70 -17.43 17.37 -19.58
N VAL M 71 -18.07 18.48 -19.22
CA VAL M 71 -18.12 19.60 -20.15
C VAL M 71 -16.73 20.21 -20.34
N LEU M 72 -15.89 20.17 -19.30
CA LEU M 72 -14.50 20.52 -19.51
C LEU M 72 -13.73 19.36 -20.11
N GLU M 73 -14.21 18.14 -19.91
CA GLU M 73 -13.58 17.00 -20.54
C GLU M 73 -13.84 17.00 -22.04
N LEU M 74 -15.00 17.47 -22.45
CA LEU M 74 -15.36 17.25 -23.84
C LEU M 74 -14.96 18.40 -24.72
N ALA M 75 -13.94 19.17 -24.35
CA ALA M 75 -13.61 20.33 -25.14
C ALA M 75 -12.89 19.97 -26.42
N GLY M 76 -11.72 19.36 -26.30
CA GLY M 76 -10.74 19.37 -27.37
C GLY M 76 -11.14 18.68 -28.66
N ASN M 77 -11.81 17.54 -28.54
CA ASN M 77 -12.24 16.80 -29.71
C ASN M 77 -13.25 17.57 -30.54
N ALA M 78 -14.08 18.37 -29.88
CA ALA M 78 -15.13 19.09 -30.59
C ALA M 78 -14.55 20.17 -31.48
N ALA M 79 -13.53 20.84 -31.01
CA ALA M 79 -12.82 21.69 -31.95
C ALA M 79 -11.90 20.88 -32.83
N LYS M 80 -11.43 19.72 -32.35
CA LYS M 80 -10.60 18.88 -33.19
C LYS M 80 -11.38 18.39 -34.37
N ASP M 81 -12.65 18.05 -34.16
CA ASP M 81 -13.41 17.74 -35.36
C ASP M 81 -14.15 18.98 -35.86
N LEU M 82 -13.73 20.17 -35.42
CA LEU M 82 -14.13 21.47 -35.98
C LEU M 82 -15.63 21.71 -35.86
N LYS M 83 -16.10 21.75 -34.63
CA LYS M 83 -17.51 21.71 -34.32
C LYS M 83 -17.75 22.55 -33.08
N VAL M 84 -18.52 23.63 -33.23
CA VAL M 84 -18.54 24.63 -32.16
C VAL M 84 -19.60 24.32 -31.11
N LYS M 85 -20.59 23.48 -31.46
CA LYS M 85 -21.57 23.01 -30.49
C LYS M 85 -21.35 21.52 -30.22
N ARG M 86 -22.27 20.92 -29.48
CA ARG M 86 -22.04 19.61 -28.90
C ARG M 86 -22.90 18.54 -29.55
N ILE M 87 -22.29 17.39 -29.80
CA ILE M 87 -22.94 16.15 -30.20
C ILE M 87 -22.54 15.05 -29.21
N THR M 88 -23.44 14.09 -29.00
CA THR M 88 -23.33 13.15 -27.90
C THR M 88 -22.20 12.11 -27.98
N PRO M 89 -21.76 11.59 -29.15
CA PRO M 89 -21.37 10.18 -29.15
C PRO M 89 -19.96 9.87 -28.66
N ARG M 90 -19.21 10.87 -28.25
CA ARG M 90 -17.84 10.65 -27.82
C ARG M 90 -17.69 10.51 -26.32
N HIS M 91 -18.69 10.02 -25.62
CA HIS M 91 -18.76 10.39 -24.22
C HIS M 91 -18.63 9.18 -23.30
N LEU M 92 -19.37 8.10 -23.54
CA LEU M 92 -19.10 6.94 -22.67
C LEU M 92 -17.78 6.29 -23.04
N GLN M 93 -17.29 6.54 -24.26
CA GLN M 93 -15.92 6.21 -24.62
C GLN M 93 -14.96 6.79 -23.61
N LEU M 94 -15.03 8.09 -23.40
CA LEU M 94 -14.12 8.66 -22.41
C LEU M 94 -14.58 8.41 -21.00
N ALA M 95 -15.79 7.90 -20.79
CA ALA M 95 -16.22 7.71 -19.42
C ALA M 95 -15.51 6.55 -18.78
N ILE M 96 -15.57 5.39 -19.44
CA ILE M 96 -14.76 4.25 -19.03
C ILE M 96 -13.27 4.49 -19.30
N ARG M 97 -12.92 5.50 -20.10
CA ARG M 97 -11.56 5.98 -20.15
C ARG M 97 -11.27 7.00 -19.05
N GLY M 98 -12.30 7.68 -18.54
CA GLY M 98 -12.10 8.58 -17.43
C GLY M 98 -11.99 7.81 -16.15
N ASP M 99 -10.80 7.85 -15.54
CA ASP M 99 -10.52 6.96 -14.42
C ASP M 99 -11.20 7.41 -13.15
N ASP M 100 -11.71 8.64 -13.12
CA ASP M 100 -12.46 9.11 -11.97
C ASP M 100 -13.78 8.36 -11.86
N GLU M 101 -14.61 8.48 -12.88
CA GLU M 101 -16.02 8.14 -12.83
C GLU M 101 -16.31 6.71 -13.24
N LEU M 102 -15.31 5.97 -13.72
CA LEU M 102 -15.57 4.71 -14.43
C LEU M 102 -16.10 3.62 -13.51
N ASP M 103 -15.88 3.79 -12.21
CA ASP M 103 -16.40 2.84 -11.23
C ASP M 103 -17.92 2.85 -11.18
N SER M 104 -18.53 4.04 -11.14
CA SER M 104 -19.97 4.09 -11.28
C SER M 104 -20.39 4.05 -12.74
N LEU M 105 -19.51 4.42 -13.65
CA LEU M 105 -19.87 4.44 -15.05
C LEU M 105 -19.90 3.03 -15.63
N ILE M 106 -20.78 2.19 -15.09
CA ILE M 106 -21.12 0.95 -15.76
C ILE M 106 -22.56 1.00 -16.21
N ARG M 107 -23.43 1.59 -15.41
CA ARG M 107 -24.84 1.54 -15.74
C ARG M 107 -25.25 2.61 -16.74
N ALA M 108 -24.35 3.48 -17.16
CA ALA M 108 -24.72 4.40 -18.21
C ALA M 108 -24.60 3.73 -19.56
N THR M 109 -25.74 3.51 -20.22
CA THR M 109 -25.75 3.11 -21.62
C THR M 109 -26.66 4.07 -22.36
N ILE M 110 -26.26 4.45 -23.56
CA ILE M 110 -26.74 5.64 -24.22
C ILE M 110 -27.46 5.19 -25.48
N ALA M 111 -28.41 6.00 -25.95
CA ALA M 111 -28.90 5.82 -27.31
C ALA M 111 -27.81 6.26 -28.30
N SER M 112 -27.07 5.26 -28.80
CA SER M 112 -26.01 5.43 -29.79
C SER M 112 -24.90 6.39 -29.34
N GLY M 113 -24.53 6.31 -28.05
CA GLY M 113 -23.49 7.15 -27.50
C GLY M 113 -22.17 6.42 -27.45
N GLY M 114 -22.22 5.11 -27.65
CA GLY M 114 -21.06 4.32 -28.06
C GLY M 114 -20.52 3.29 -27.07
N VAL M 115 -19.24 2.97 -27.25
CA VAL M 115 -18.45 2.08 -26.39
C VAL M 115 -17.08 2.72 -26.19
N LEU M 116 -16.20 2.00 -25.53
CA LEU M 116 -14.80 2.19 -25.82
C LEU M 116 -14.40 1.26 -26.95
N PRO M 117 -14.09 1.78 -28.10
CA PRO M 117 -13.60 0.91 -29.15
C PRO M 117 -12.11 0.69 -28.92
N HIS M 118 -11.67 -0.55 -29.12
CA HIS M 118 -10.25 -0.83 -29.01
C HIS M 118 -9.91 -2.03 -29.85
N ILE M 119 -8.77 -1.95 -30.53
CA ILE M 119 -8.26 -3.00 -31.38
C ILE M 119 -7.17 -3.72 -30.61
N ASN M 120 -7.17 -5.04 -30.69
CA ASN M 120 -6.04 -5.79 -30.16
C ASN M 120 -4.81 -5.48 -30.99
N LYS M 121 -3.70 -5.21 -30.32
CA LYS M 121 -2.42 -5.15 -31.00
C LYS M 121 -2.03 -6.53 -31.49
N ALA M 122 -2.46 -7.56 -30.77
CA ALA M 122 -2.24 -8.92 -31.22
C ALA M 122 -3.12 -9.28 -32.39
N LEU M 123 -4.15 -8.49 -32.68
CA LEU M 123 -4.91 -8.72 -33.90
C LEU M 123 -4.07 -8.41 -35.12
N LEU M 124 -3.27 -7.36 -35.05
CA LEU M 124 -2.36 -7.00 -36.13
C LEU M 124 -1.15 -7.92 -36.06
N LEU M 125 -1.04 -8.83 -37.03
CA LEU M 125 0.11 -9.70 -37.14
C LEU M 125 1.23 -9.07 -37.96
N LYS M 126 1.00 -7.86 -38.49
CA LYS M 126 1.95 -7.07 -39.28
C LYS M 126 2.42 -7.87 -40.51
N VAL M 127 1.46 -8.22 -41.35
CA VAL M 127 1.71 -9.05 -42.52
C VAL M 127 0.91 -8.55 -43.72
N ALA N 36 -45.80 16.94 -22.73
CA ALA N 36 -46.37 18.27 -22.67
C ALA N 36 -46.50 18.73 -21.22
N ARG N 37 -45.88 18.00 -20.31
CA ARG N 37 -45.86 18.38 -18.90
C ARG N 37 -44.53 17.88 -18.36
N LYS N 38 -43.52 18.73 -18.41
CA LYS N 38 -42.16 18.31 -18.13
C LYS N 38 -41.37 19.43 -17.47
N GLU N 39 -40.05 19.26 -17.48
CA GLU N 39 -39.11 20.25 -17.01
C GLU N 39 -37.87 20.17 -17.88
N THR N 40 -37.17 21.29 -18.04
CA THR N 40 -36.08 21.35 -19.00
C THR N 40 -34.76 21.58 -18.29
N TYR N 41 -33.88 20.62 -18.43
CA TYR N 41 -32.70 20.62 -17.60
C TYR N 41 -31.39 20.94 -18.30
N SER N 42 -31.39 21.20 -19.60
CA SER N 42 -30.13 21.38 -20.31
C SER N 42 -29.63 22.80 -20.17
N SER N 43 -30.45 23.66 -19.64
CA SER N 43 -30.13 25.06 -19.66
C SER N 43 -29.08 25.41 -18.62
N TYR N 44 -29.10 24.74 -17.49
CA TYR N 44 -28.22 25.14 -16.40
C TYR N 44 -26.82 24.70 -16.75
N ILE N 45 -26.73 23.49 -17.27
CA ILE N 45 -25.46 23.02 -17.80
C ILE N 45 -25.12 23.76 -19.07
N TYR N 46 -26.12 24.30 -19.76
CA TYR N 46 -25.84 25.06 -20.96
C TYR N 46 -25.18 26.39 -20.65
N LYS N 47 -25.77 27.14 -19.73
CA LYS N 47 -25.17 28.35 -19.20
C LYS N 47 -23.80 28.07 -18.59
N VAL N 48 -23.66 26.99 -17.83
CA VAL N 48 -22.37 26.80 -17.18
C VAL N 48 -21.35 26.23 -18.17
N LEU N 49 -21.82 25.64 -19.26
CA LEU N 49 -20.93 25.14 -20.31
C LEU N 49 -20.36 26.28 -21.12
N LYS N 50 -21.19 27.26 -21.42
CA LYS N 50 -20.62 28.42 -22.05
C LYS N 50 -19.75 29.19 -21.06
N GLN N 51 -20.03 29.16 -19.76
CA GLN N 51 -19.12 29.92 -18.91
C GLN N 51 -17.85 29.16 -18.66
N THR N 52 -17.87 27.85 -18.88
CA THR N 52 -16.61 27.13 -18.94
C THR N 52 -15.97 27.30 -20.30
N HIS N 53 -16.69 26.91 -21.35
CA HIS N 53 -16.13 26.97 -22.69
C HIS N 53 -16.95 27.93 -23.51
N PRO N 54 -16.34 29.02 -23.99
CA PRO N 54 -17.05 30.31 -24.14
C PRO N 54 -18.28 30.30 -25.03
N ASP N 55 -18.22 29.70 -26.21
CA ASP N 55 -19.40 29.62 -27.06
C ASP N 55 -19.66 28.15 -27.35
N THR N 56 -20.41 27.48 -26.48
CA THR N 56 -20.50 26.04 -26.64
C THR N 56 -21.95 25.59 -26.53
N GLY N 57 -22.46 24.87 -27.57
CA GLY N 57 -23.83 24.39 -27.60
C GLY N 57 -24.00 23.00 -27.00
N ILE N 58 -25.10 22.32 -27.38
CA ILE N 58 -25.49 21.08 -26.70
C ILE N 58 -26.01 20.06 -27.70
N SER N 59 -25.98 18.78 -27.30
CA SER N 59 -26.87 17.74 -27.79
C SER N 59 -27.74 17.26 -26.65
N GLN N 60 -28.97 16.88 -26.99
CA GLN N 60 -30.09 16.88 -26.06
C GLN N 60 -30.32 15.51 -25.44
N LYS N 61 -29.83 14.50 -26.13
CA LYS N 61 -30.06 13.14 -25.68
C LYS N 61 -29.31 12.91 -24.39
N SER N 62 -28.09 13.43 -24.32
CA SER N 62 -27.26 13.24 -23.14
C SER N 62 -27.79 14.02 -21.97
N MET N 63 -28.48 15.10 -22.26
CA MET N 63 -29.22 15.80 -21.23
C MET N 63 -30.17 14.88 -20.54
N SER N 64 -30.97 14.17 -21.31
CA SER N 64 -31.90 13.29 -20.61
C SER N 64 -31.20 12.07 -20.01
N ILE N 65 -30.13 11.60 -20.65
CA ILE N 65 -29.25 10.56 -20.11
C ILE N 65 -28.79 10.92 -18.71
N LEU N 66 -28.25 12.10 -18.57
CA LEU N 66 -27.58 12.31 -17.33
C LEU N 66 -28.53 12.85 -16.30
N ASN N 67 -29.68 13.39 -16.69
CA ASN N 67 -30.64 13.80 -15.68
C ASN N 67 -31.23 12.58 -15.00
N SER N 68 -31.59 11.59 -15.80
CA SER N 68 -31.94 10.29 -15.28
C SER N 68 -30.78 9.68 -14.52
N PHE N 69 -29.56 9.86 -15.00
CA PHE N 69 -28.43 9.26 -14.31
C PHE N 69 -28.23 9.85 -12.93
N VAL N 70 -28.30 11.16 -12.83
CA VAL N 70 -28.02 11.79 -11.56
C VAL N 70 -29.16 11.56 -10.59
N ASN N 71 -30.42 11.56 -11.05
CA ASN N 71 -31.45 11.35 -10.04
C ASN N 71 -31.61 9.88 -9.69
N ASP N 72 -31.16 8.98 -10.56
CA ASP N 72 -31.15 7.58 -10.19
C ASP N 72 -30.10 7.31 -9.12
N ILE N 73 -28.86 7.78 -9.31
CA ILE N 73 -27.83 7.51 -8.30
C ILE N 73 -28.11 8.32 -7.05
N PHE N 74 -28.80 9.43 -7.20
CA PHE N 74 -29.21 10.19 -6.05
C PHE N 74 -30.29 9.50 -5.26
N GLU N 75 -31.29 8.94 -5.93
CA GLU N 75 -32.36 8.27 -5.19
C GLU N 75 -31.89 6.95 -4.62
N ARG N 76 -30.89 6.33 -5.24
CA ARG N 76 -30.42 5.09 -4.64
C ARG N 76 -29.56 5.39 -3.43
N ILE N 77 -28.79 6.49 -3.45
CA ILE N 77 -28.07 6.77 -2.22
C ILE N 77 -29.00 7.38 -1.22
N ALA N 78 -30.14 7.89 -1.67
CA ALA N 78 -31.16 8.35 -0.74
C ALA N 78 -31.82 7.18 -0.04
N THR N 79 -32.19 6.15 -0.76
CA THR N 79 -32.78 4.97 -0.13
C THR N 79 -31.79 4.30 0.81
N GLU N 80 -30.51 4.27 0.41
CA GLU N 80 -29.50 3.76 1.31
C GLU N 80 -29.36 4.64 2.54
N ALA N 81 -29.42 5.95 2.35
CA ALA N 81 -29.19 6.84 3.45
C ALA N 81 -30.35 6.81 4.41
N SER N 82 -31.54 6.63 3.88
CA SER N 82 -32.72 6.53 4.72
C SER N 82 -32.72 5.22 5.48
N LYS N 83 -32.22 4.16 4.88
CA LYS N 83 -32.22 2.92 5.62
C LYS N 83 -31.15 2.96 6.69
N LEU N 84 -30.02 3.58 6.40
CA LEU N 84 -29.00 3.84 7.40
C LEU N 84 -29.54 4.75 8.49
N ALA N 85 -30.44 5.67 8.12
CA ALA N 85 -31.13 6.48 9.11
C ALA N 85 -32.30 5.73 9.71
N ALA N 86 -32.57 4.52 9.25
CA ALA N 86 -33.50 3.70 9.98
C ALA N 86 -32.76 2.84 10.98
N TYR N 87 -31.76 2.13 10.52
CA TYR N 87 -31.00 1.28 11.42
C TYR N 87 -29.90 2.01 12.15
N ASN N 88 -29.93 3.33 12.17
CA ASN N 88 -29.26 4.00 13.26
C ASN N 88 -30.18 4.20 14.44
N LYS N 89 -31.45 3.88 14.24
CA LYS N 89 -32.61 4.29 15.05
C LYS N 89 -32.52 5.75 15.52
N LYS N 90 -32.29 6.65 14.56
CA LYS N 90 -32.52 8.05 14.80
C LYS N 90 -33.03 8.68 13.51
N SER N 91 -34.00 9.58 13.64
CA SER N 91 -35.00 9.89 12.61
C SER N 91 -34.83 11.26 11.94
N THR N 92 -33.62 11.64 11.56
CA THR N 92 -33.43 12.73 10.59
C THR N 92 -32.21 12.43 9.73
N ILE N 93 -32.40 12.45 8.42
CA ILE N 93 -31.32 12.25 7.44
C ILE N 93 -30.48 13.52 7.35
N SER N 94 -29.16 13.36 7.38
CA SER N 94 -28.25 14.48 7.43
C SER N 94 -27.55 14.69 6.11
N ALA N 95 -26.82 15.79 6.08
CA ALA N 95 -25.85 16.03 5.04
C ALA N 95 -24.65 15.15 5.18
N ARG N 96 -24.29 14.82 6.42
CA ARG N 96 -22.97 14.24 6.69
C ARG N 96 -22.89 12.76 6.34
N GLU N 97 -23.95 12.00 6.55
CA GLU N 97 -23.85 10.58 6.23
C GLU N 97 -23.98 10.35 4.73
N ILE N 98 -24.86 11.09 4.07
CA ILE N 98 -24.92 10.96 2.64
C ILE N 98 -23.69 11.59 2.03
N GLN N 99 -23.07 12.51 2.77
CA GLN N 99 -21.83 13.08 2.32
C GLN N 99 -20.72 12.04 2.40
N THR N 100 -20.78 11.16 3.40
CA THR N 100 -19.84 10.06 3.43
C THR N 100 -20.16 9.07 2.33
N ALA N 101 -21.41 9.00 1.92
CA ALA N 101 -21.76 8.13 0.81
C ALA N 101 -21.16 8.67 -0.48
N VAL N 102 -21.25 9.98 -0.67
CA VAL N 102 -20.60 10.59 -1.83
C VAL N 102 -19.13 10.92 -1.54
N ARG N 103 -18.60 10.46 -0.42
CA ARG N 103 -17.15 10.25 -0.30
C ARG N 103 -16.79 8.83 -0.68
N LEU N 104 -17.70 7.89 -0.41
CA LEU N 104 -17.40 6.48 -0.59
C LEU N 104 -17.59 6.04 -2.02
N ILE N 105 -18.83 6.05 -2.49
CA ILE N 105 -19.06 5.53 -3.82
C ILE N 105 -18.91 6.62 -4.83
N LEU N 106 -18.96 7.86 -4.38
CA LEU N 106 -18.46 8.79 -5.33
C LEU N 106 -16.94 8.73 -5.25
N PRO N 107 -16.25 8.93 -6.37
CA PRO N 107 -14.79 8.75 -6.37
C PRO N 107 -14.02 9.92 -5.78
N GLY N 108 -12.84 9.59 -5.24
CA GLY N 108 -12.29 10.29 -4.09
C GLY N 108 -11.84 11.71 -4.37
N GLU N 109 -11.32 11.94 -5.57
CA GLU N 109 -10.99 13.31 -5.94
C GLU N 109 -12.24 14.14 -6.09
N LEU N 110 -13.22 13.70 -6.89
CA LEU N 110 -14.39 14.53 -6.96
C LEU N 110 -15.28 14.35 -5.75
N ALA N 111 -15.05 13.32 -4.94
CA ALA N 111 -15.65 13.28 -3.62
C ALA N 111 -15.14 14.41 -2.73
N LYS N 112 -13.83 14.64 -2.78
CA LYS N 112 -13.25 15.74 -2.04
C LYS N 112 -13.81 17.04 -2.57
N HIS N 113 -13.99 17.10 -3.88
CA HIS N 113 -14.58 18.26 -4.51
C HIS N 113 -16.01 18.45 -4.04
N ALA N 114 -16.70 17.33 -3.78
CA ALA N 114 -18.10 17.42 -3.35
C ALA N 114 -18.21 17.98 -1.96
N VAL N 115 -17.40 17.46 -1.05
CA VAL N 115 -17.36 17.98 0.31
C VAL N 115 -17.02 19.46 0.29
N SER N 116 -16.04 19.81 -0.54
CA SER N 116 -15.55 21.17 -0.62
C SER N 116 -16.61 22.12 -1.12
N GLU N 117 -17.23 21.79 -2.23
CA GLU N 117 -18.19 22.71 -2.82
C GLU N 117 -19.46 22.77 -2.00
N GLY N 118 -19.83 21.66 -1.35
CA GLY N 118 -20.93 21.72 -0.39
C GLY N 118 -20.60 22.59 0.79
N THR N 119 -19.35 22.54 1.27
CA THR N 119 -18.97 23.33 2.43
C THR N 119 -18.85 24.80 2.07
N ARG N 120 -18.42 25.11 0.85
CA ARG N 120 -18.35 26.51 0.48
C ARG N 120 -19.74 27.06 0.18
N ALA N 121 -20.62 26.19 -0.31
CA ALA N 121 -22.03 26.53 -0.38
C ALA N 121 -22.57 26.84 1.00
N VAL N 122 -22.25 26.01 1.99
CA VAL N 122 -22.87 26.25 3.28
C VAL N 122 -22.19 27.37 4.02
N THR N 123 -20.91 27.59 3.76
CA THR N 123 -20.27 28.70 4.43
C THR N 123 -20.67 30.01 3.77
N LYS N 124 -21.30 29.95 2.61
CA LYS N 124 -22.10 31.10 2.29
C LYS N 124 -23.58 30.87 2.53
N TYR N 125 -23.97 29.71 3.07
CA TYR N 125 -25.35 29.56 3.49
C TYR N 125 -25.54 30.00 4.94
N SER N 126 -24.75 30.98 5.39
CA SER N 126 -24.92 31.52 6.74
C SER N 126 -25.49 32.93 6.76
N SER N 127 -25.72 33.53 5.59
CA SER N 127 -26.06 34.95 5.53
C SER N 127 -27.56 35.15 5.71
N SER N 128 -27.99 35.04 6.96
CA SER N 128 -29.18 35.75 7.39
C SER N 128 -28.76 37.05 8.08
N THR N 129 -27.88 37.80 7.42
CA THR N 129 -27.21 38.97 7.95
C THR N 129 -27.02 40.04 6.89
N GLN N 130 -26.39 41.14 7.28
CA GLN N 130 -26.30 42.29 6.38
C GLN N 130 -25.19 42.12 5.35
N ALA N 131 -23.97 41.88 5.81
CA ALA N 131 -22.85 41.72 4.89
C ALA N 131 -22.91 40.35 4.24
#